data_4L9U
# 
_entry.id   4L9U 
# 
_audit_conform.dict_name       mmcif_pdbx.dic 
_audit_conform.dict_version    5.387 
_audit_conform.dict_location   http://mmcif.pdb.org/dictionaries/ascii/mmcif_pdbx.dic 
# 
loop_
_database_2.database_id 
_database_2.database_code 
_database_2.pdbx_database_accession 
_database_2.pdbx_DOI 
PDB   4L9U         pdb_00004l9u 10.2210/pdb4l9u/pdb 
RCSB  RCSB080362   ?            ?                   
WWPDB D_1000080362 ?            ?                   
# 
loop_
_pdbx_audit_revision_history.ordinal 
_pdbx_audit_revision_history.data_content_type 
_pdbx_audit_revision_history.major_revision 
_pdbx_audit_revision_history.minor_revision 
_pdbx_audit_revision_history.revision_date 
1 'Structure model' 1 0 2013-08-21 
2 'Structure model' 1 1 2024-02-28 
# 
_pdbx_audit_revision_details.ordinal             1 
_pdbx_audit_revision_details.revision_ordinal    1 
_pdbx_audit_revision_details.data_content_type   'Structure model' 
_pdbx_audit_revision_details.provider            repository 
_pdbx_audit_revision_details.type                'Initial release' 
_pdbx_audit_revision_details.description         ? 
_pdbx_audit_revision_details.details             ? 
# 
loop_
_pdbx_audit_revision_group.ordinal 
_pdbx_audit_revision_group.revision_ordinal 
_pdbx_audit_revision_group.data_content_type 
_pdbx_audit_revision_group.group 
1 2 'Structure model' 'Data collection'      
2 2 'Structure model' 'Database references'  
3 2 'Structure model' 'Derived calculations' 
# 
loop_
_pdbx_audit_revision_category.ordinal 
_pdbx_audit_revision_category.revision_ordinal 
_pdbx_audit_revision_category.data_content_type 
_pdbx_audit_revision_category.category 
1 2 'Structure model' chem_comp_atom     
2 2 'Structure model' chem_comp_bond     
3 2 'Structure model' database_2         
4 2 'Structure model' struct_ref_seq_dif 
5 2 'Structure model' struct_site        
# 
loop_
_pdbx_audit_revision_item.ordinal 
_pdbx_audit_revision_item.revision_ordinal 
_pdbx_audit_revision_item.data_content_type 
_pdbx_audit_revision_item.item 
1 2 'Structure model' '_database_2.pdbx_DOI'                
2 2 'Structure model' '_database_2.pdbx_database_accession' 
3 2 'Structure model' '_struct_ref_seq_dif.details'         
4 2 'Structure model' '_struct_site.pdbx_auth_asym_id'      
5 2 'Structure model' '_struct_site.pdbx_auth_comp_id'      
6 2 'Structure model' '_struct_site.pdbx_auth_seq_id'       
# 
_pdbx_database_status.status_code                     REL 
_pdbx_database_status.entry_id                        4L9U 
_pdbx_database_status.recvd_initial_deposition_date   2013-06-18 
_pdbx_database_status.deposit_site                    RCSB 
_pdbx_database_status.process_site                    RCSB 
_pdbx_database_status.status_code_sf                  REL 
_pdbx_database_status.status_code_mr                  ? 
_pdbx_database_status.SG_entry                        ? 
_pdbx_database_status.status_code_cs                  ? 
_pdbx_database_status.methods_development_category    ? 
_pdbx_database_status.pdb_format_compatible           Y 
_pdbx_database_status.status_code_nmr_data            ? 
# 
_pdbx_database_related.db_name        PDB 
_pdbx_database_related.db_id          4L9M 
_pdbx_database_related.details        . 
_pdbx_database_related.content_type   unspecified 
# 
loop_
_audit_author.name 
_audit_author.pdbx_ordinal 
'Iwig, J.S.'    1  
'Vercoulen, Y.' 2  
'Das, R.'       3  
'Barros, T.'    4  
'Limnander, A.' 5  
'Che, Y.'       6  
'Pelton, J.G.'  7  
'Wemmer, D.E.'  8  
'Roose, J.P.'   9  
'Kuriyan, J.'   10 
# 
_citation.id                        primary 
_citation.title                     'Structural analysis of autoinhibition in the Ras-specific exchange factor RasGRP1.' 
_citation.journal_abbrev            Elife 
_citation.journal_volume            2 
_citation.page_first                e00813 
_citation.page_last                 e00813 
_citation.year                      2013 
_citation.journal_id_ASTM           ? 
_citation.country                   US 
_citation.journal_id_ISSN           2050-084X 
_citation.journal_id_CSD            ? 
_citation.book_publisher            ? 
_citation.pdbx_database_id_PubMed   23908768 
_citation.pdbx_database_id_DOI      10.7554/eLife.00813 
# 
loop_
_citation_author.citation_id 
_citation_author.name 
_citation_author.ordinal 
_citation_author.identifier_ORCID 
primary 'Iwig, J.S.'    1  ? 
primary 'Vercoulen, Y.' 2  ? 
primary 'Das, R.'       3  ? 
primary 'Barros, T.'    4  ? 
primary 'Limnander, A.' 5  ? 
primary 'Che, Y.'       6  ? 
primary 'Pelton, J.G.'  7  ? 
primary 'Wemmer, D.E.'  8  ? 
primary 'Roose, J.P.'   9  ? 
primary 'Kuriyan, J.'   10 ? 
# 
loop_
_entity.id 
_entity.type 
_entity.src_method 
_entity.pdbx_description 
_entity.formula_weight 
_entity.pdbx_number_of_molecules 
_entity.pdbx_ec 
_entity.pdbx_mutation 
_entity.pdbx_fragment 
_entity.details 
1 polymer     man 'RAS guanyl-releasing protein 1' 6629.548 2  ? ? 'UNP Residues 739-793' ? 
2 non-polymer syn GLYCEROL                         92.094   3  ? ? ?                      ? 
3 non-polymer syn 'SULFATE ION'                    96.063   1  ? ? ?                      ? 
4 water       nat water                            18.015   74 ? ? ?                      ? 
# 
_entity_name_com.entity_id   1 
_entity_name_com.name        
'Calcium and DAG-regulated guanine nucleotide exchange factor II, CalDAG-GEFII, Ras guanyl-releasing protein' 
# 
_entity_poly.entity_id                      1 
_entity_poly.type                           'polypeptide(L)' 
_entity_poly.nstd_linkage                   no 
_entity_poly.nstd_monomer                   no 
_entity_poly.pdbx_seq_one_letter_code       SELRHLRLPTYQELEQEINTLKADNDALKIQLKYAQKKIESLQLEKSNHVLAQMEQ 
_entity_poly.pdbx_seq_one_letter_code_can   SELRHLRLPTYQELEQEINTLKADNDALKIQLKYAQKKIESLQLEKSNHVLAQMEQ 
_entity_poly.pdbx_strand_id                 A,B 
_entity_poly.pdbx_target_identifier         ? 
# 
loop_
_pdbx_entity_nonpoly.entity_id 
_pdbx_entity_nonpoly.name 
_pdbx_entity_nonpoly.comp_id 
2 GLYCEROL      GOL 
3 'SULFATE ION' SO4 
4 water         HOH 
# 
loop_
_entity_poly_seq.entity_id 
_entity_poly_seq.num 
_entity_poly_seq.mon_id 
_entity_poly_seq.hetero 
1 1  SER n 
1 2  GLU n 
1 3  LEU n 
1 4  ARG n 
1 5  HIS n 
1 6  LEU n 
1 7  ARG n 
1 8  LEU n 
1 9  PRO n 
1 10 THR n 
1 11 TYR n 
1 12 GLN n 
1 13 GLU n 
1 14 LEU n 
1 15 GLU n 
1 16 GLN n 
1 17 GLU n 
1 18 ILE n 
1 19 ASN n 
1 20 THR n 
1 21 LEU n 
1 22 LYS n 
1 23 ALA n 
1 24 ASP n 
1 25 ASN n 
1 26 ASP n 
1 27 ALA n 
1 28 LEU n 
1 29 LYS n 
1 30 ILE n 
1 31 GLN n 
1 32 LEU n 
1 33 LYS n 
1 34 TYR n 
1 35 ALA n 
1 36 GLN n 
1 37 LYS n 
1 38 LYS n 
1 39 ILE n 
1 40 GLU n 
1 41 SER n 
1 42 LEU n 
1 43 GLN n 
1 44 LEU n 
1 45 GLU n 
1 46 LYS n 
1 47 SER n 
1 48 ASN n 
1 49 HIS n 
1 50 VAL n 
1 51 LEU n 
1 52 ALA n 
1 53 GLN n 
1 54 MET n 
1 55 GLU n 
1 56 GLN n 
# 
_entity_src_gen.entity_id                          1 
_entity_src_gen.pdbx_src_id                        1 
_entity_src_gen.pdbx_alt_source_flag               sample 
_entity_src_gen.pdbx_seq_type                      ? 
_entity_src_gen.pdbx_beg_seq_num                   ? 
_entity_src_gen.pdbx_end_seq_num                   ? 
_entity_src_gen.gene_src_common_name               human 
_entity_src_gen.gene_src_genus                     ? 
_entity_src_gen.pdbx_gene_src_gene                 'RASGRP1, RASGRP' 
_entity_src_gen.gene_src_species                   ? 
_entity_src_gen.gene_src_strain                    ? 
_entity_src_gen.gene_src_tissue                    ? 
_entity_src_gen.gene_src_tissue_fraction           ? 
_entity_src_gen.gene_src_details                   ? 
_entity_src_gen.pdbx_gene_src_fragment             ? 
_entity_src_gen.pdbx_gene_src_scientific_name      'Homo sapiens' 
_entity_src_gen.pdbx_gene_src_ncbi_taxonomy_id     9606 
_entity_src_gen.pdbx_gene_src_variant              ? 
_entity_src_gen.pdbx_gene_src_cell_line            ? 
_entity_src_gen.pdbx_gene_src_atcc                 ? 
_entity_src_gen.pdbx_gene_src_organ                ? 
_entity_src_gen.pdbx_gene_src_organelle            ? 
_entity_src_gen.pdbx_gene_src_cell                 ? 
_entity_src_gen.pdbx_gene_src_cellular_location    ? 
_entity_src_gen.host_org_common_name               ? 
_entity_src_gen.pdbx_host_org_scientific_name      'Escherichia coli' 
_entity_src_gen.pdbx_host_org_ncbi_taxonomy_id     562 
_entity_src_gen.host_org_genus                     ? 
_entity_src_gen.pdbx_host_org_gene                 ? 
_entity_src_gen.pdbx_host_org_organ                ? 
_entity_src_gen.host_org_species                   ? 
_entity_src_gen.pdbx_host_org_tissue               ? 
_entity_src_gen.pdbx_host_org_tissue_fraction      ? 
_entity_src_gen.pdbx_host_org_strain               ? 
_entity_src_gen.pdbx_host_org_variant              ? 
_entity_src_gen.pdbx_host_org_cell_line            ? 
_entity_src_gen.pdbx_host_org_atcc                 ? 
_entity_src_gen.pdbx_host_org_culture_collection   ? 
_entity_src_gen.pdbx_host_org_cell                 ? 
_entity_src_gen.pdbx_host_org_organelle            ? 
_entity_src_gen.pdbx_host_org_cellular_location    ? 
_entity_src_gen.pdbx_host_org_vector_type          ? 
_entity_src_gen.pdbx_host_org_vector               ? 
_entity_src_gen.host_org_details                   ? 
_entity_src_gen.expression_system_id               ? 
_entity_src_gen.plasmid_name                       ? 
_entity_src_gen.plasmid_details                    ? 
_entity_src_gen.pdbx_description                   ? 
# 
loop_
_chem_comp.id 
_chem_comp.type 
_chem_comp.mon_nstd_flag 
_chem_comp.name 
_chem_comp.pdbx_synonyms 
_chem_comp.formula 
_chem_comp.formula_weight 
ALA 'L-peptide linking' y ALANINE         ?                               'C3 H7 N O2'     89.093  
ARG 'L-peptide linking' y ARGININE        ?                               'C6 H15 N4 O2 1' 175.209 
ASN 'L-peptide linking' y ASPARAGINE      ?                               'C4 H8 N2 O3'    132.118 
ASP 'L-peptide linking' y 'ASPARTIC ACID' ?                               'C4 H7 N O4'     133.103 
GLN 'L-peptide linking' y GLUTAMINE       ?                               'C5 H10 N2 O3'   146.144 
GLU 'L-peptide linking' y 'GLUTAMIC ACID' ?                               'C5 H9 N O4'     147.129 
GOL non-polymer         . GLYCEROL        'GLYCERIN; PROPANE-1,2,3-TRIOL' 'C3 H8 O3'       92.094  
HIS 'L-peptide linking' y HISTIDINE       ?                               'C6 H10 N3 O2 1' 156.162 
HOH non-polymer         . WATER           ?                               'H2 O'           18.015  
ILE 'L-peptide linking' y ISOLEUCINE      ?                               'C6 H13 N O2'    131.173 
LEU 'L-peptide linking' y LEUCINE         ?                               'C6 H13 N O2'    131.173 
LYS 'L-peptide linking' y LYSINE          ?                               'C6 H15 N2 O2 1' 147.195 
MET 'L-peptide linking' y METHIONINE      ?                               'C5 H11 N O2 S'  149.211 
PRO 'L-peptide linking' y PROLINE         ?                               'C5 H9 N O2'     115.130 
SER 'L-peptide linking' y SERINE          ?                               'C3 H7 N O3'     105.093 
SO4 non-polymer         . 'SULFATE ION'   ?                               'O4 S -2'        96.063  
THR 'L-peptide linking' y THREONINE       ?                               'C4 H9 N O3'     119.119 
TYR 'L-peptide linking' y TYROSINE        ?                               'C9 H11 N O3'    181.189 
VAL 'L-peptide linking' y VALINE          ?                               'C5 H11 N O2'    117.146 
# 
loop_
_pdbx_poly_seq_scheme.asym_id 
_pdbx_poly_seq_scheme.entity_id 
_pdbx_poly_seq_scheme.seq_id 
_pdbx_poly_seq_scheme.mon_id 
_pdbx_poly_seq_scheme.ndb_seq_num 
_pdbx_poly_seq_scheme.pdb_seq_num 
_pdbx_poly_seq_scheme.auth_seq_num 
_pdbx_poly_seq_scheme.pdb_mon_id 
_pdbx_poly_seq_scheme.auth_mon_id 
_pdbx_poly_seq_scheme.pdb_strand_id 
_pdbx_poly_seq_scheme.pdb_ins_code 
_pdbx_poly_seq_scheme.hetero 
A 1 1  SER 1  738 ?   ?   ?   A . n 
A 1 2  GLU 2  739 ?   ?   ?   A . n 
A 1 3  LEU 3  740 ?   ?   ?   A . n 
A 1 4  ARG 4  741 ?   ?   ?   A . n 
A 1 5  HIS 5  742 ?   ?   ?   A . n 
A 1 6  LEU 6  743 ?   ?   ?   A . n 
A 1 7  ARG 7  744 ?   ?   ?   A . n 
A 1 8  LEU 8  745 745 LEU LEU A . n 
A 1 9  PRO 9  746 746 PRO PRO A . n 
A 1 10 THR 10 747 747 THR THR A . n 
A 1 11 TYR 11 748 748 TYR TYR A . n 
A 1 12 GLN 12 749 749 GLN GLN A . n 
A 1 13 GLU 13 750 750 GLU GLU A . n 
A 1 14 LEU 14 751 751 LEU LEU A . n 
A 1 15 GLU 15 752 752 GLU GLU A . n 
A 1 16 GLN 16 753 753 GLN GLN A . n 
A 1 17 GLU 17 754 754 GLU GLU A . n 
A 1 18 ILE 18 755 755 ILE ILE A . n 
A 1 19 ASN 19 756 756 ASN ASN A . n 
A 1 20 THR 20 757 757 THR THR A . n 
A 1 21 LEU 21 758 758 LEU LEU A . n 
A 1 22 LYS 22 759 759 LYS LYS A . n 
A 1 23 ALA 23 760 760 ALA ALA A . n 
A 1 24 ASP 24 761 761 ASP ASP A . n 
A 1 25 ASN 25 762 762 ASN ASN A . n 
A 1 26 ASP 26 763 763 ASP ASP A . n 
A 1 27 ALA 27 764 764 ALA ALA A . n 
A 1 28 LEU 28 765 765 LEU LEU A . n 
A 1 29 LYS 29 766 766 LYS LYS A . n 
A 1 30 ILE 30 767 767 ILE ILE A . n 
A 1 31 GLN 31 768 768 GLN GLN A . n 
A 1 32 LEU 32 769 769 LEU LEU A . n 
A 1 33 LYS 33 770 770 LYS LYS A . n 
A 1 34 TYR 34 771 771 TYR TYR A . n 
A 1 35 ALA 35 772 772 ALA ALA A . n 
A 1 36 GLN 36 773 773 GLN GLN A . n 
A 1 37 LYS 37 774 774 LYS LYS A . n 
A 1 38 LYS 38 775 775 LYS LYS A . n 
A 1 39 ILE 39 776 776 ILE ILE A . n 
A 1 40 GLU 40 777 777 GLU GLU A . n 
A 1 41 SER 41 778 778 SER SER A . n 
A 1 42 LEU 42 779 779 LEU LEU A . n 
A 1 43 GLN 43 780 780 GLN GLN A . n 
A 1 44 LEU 44 781 781 LEU LEU A . n 
A 1 45 GLU 45 782 782 GLU GLU A . n 
A 1 46 LYS 46 783 783 LYS LYS A . n 
A 1 47 SER 47 784 784 SER SER A . n 
A 1 48 ASN 48 785 785 ASN ASN A . n 
A 1 49 HIS 49 786 786 HIS HIS A . n 
A 1 50 VAL 50 787 787 VAL VAL A . n 
A 1 51 LEU 51 788 788 LEU LEU A . n 
A 1 52 ALA 52 789 789 ALA ALA A . n 
A 1 53 GLN 53 790 790 GLN GLN A . n 
A 1 54 MET 54 791 791 MET MET A . n 
A 1 55 GLU 55 792 792 GLU GLU A . n 
A 1 56 GLN 56 793 793 GLN GLN A . n 
B 1 1  SER 1  738 ?   ?   ?   B . n 
B 1 2  GLU 2  739 ?   ?   ?   B . n 
B 1 3  LEU 3  740 ?   ?   ?   B . n 
B 1 4  ARG 4  741 ?   ?   ?   B . n 
B 1 5  HIS 5  742 ?   ?   ?   B . n 
B 1 6  LEU 6  743 ?   ?   ?   B . n 
B 1 7  ARG 7  744 ?   ?   ?   B . n 
B 1 8  LEU 8  745 745 LEU LEU B . n 
B 1 9  PRO 9  746 746 PRO PRO B . n 
B 1 10 THR 10 747 747 THR THR B . n 
B 1 11 TYR 11 748 748 TYR TYR B . n 
B 1 12 GLN 12 749 749 GLN GLN B . n 
B 1 13 GLU 13 750 750 GLU GLU B . n 
B 1 14 LEU 14 751 751 LEU LEU B . n 
B 1 15 GLU 15 752 752 GLU GLU B . n 
B 1 16 GLN 16 753 753 GLN GLN B . n 
B 1 17 GLU 17 754 754 GLU GLU B . n 
B 1 18 ILE 18 755 755 ILE ILE B . n 
B 1 19 ASN 19 756 756 ASN ASN B . n 
B 1 20 THR 20 757 757 THR THR B . n 
B 1 21 LEU 21 758 758 LEU LEU B . n 
B 1 22 LYS 22 759 759 LYS LYS B . n 
B 1 23 ALA 23 760 760 ALA ALA B . n 
B 1 24 ASP 24 761 761 ASP ASP B . n 
B 1 25 ASN 25 762 762 ASN ASN B . n 
B 1 26 ASP 26 763 763 ASP ASP B . n 
B 1 27 ALA 27 764 764 ALA ALA B . n 
B 1 28 LEU 28 765 765 LEU LEU B . n 
B 1 29 LYS 29 766 766 LYS LYS B . n 
B 1 30 ILE 30 767 767 ILE ILE B . n 
B 1 31 GLN 31 768 768 GLN GLN B . n 
B 1 32 LEU 32 769 769 LEU LEU B . n 
B 1 33 LYS 33 770 770 LYS LYS B . n 
B 1 34 TYR 34 771 771 TYR TYR B . n 
B 1 35 ALA 35 772 772 ALA ALA B . n 
B 1 36 GLN 36 773 773 GLN GLN B . n 
B 1 37 LYS 37 774 774 LYS LYS B . n 
B 1 38 LYS 38 775 775 LYS LYS B . n 
B 1 39 ILE 39 776 776 ILE ILE B . n 
B 1 40 GLU 40 777 777 GLU GLU B . n 
B 1 41 SER 41 778 778 SER SER B . n 
B 1 42 LEU 42 779 779 LEU LEU B . n 
B 1 43 GLN 43 780 780 GLN GLN B . n 
B 1 44 LEU 44 781 781 LEU LEU B . n 
B 1 45 GLU 45 782 782 GLU GLU B . n 
B 1 46 LYS 46 783 783 LYS LYS B . n 
B 1 47 SER 47 784 784 SER SER B . n 
B 1 48 ASN 48 785 785 ASN ASN B . n 
B 1 49 HIS 49 786 786 HIS HIS B . n 
B 1 50 VAL 50 787 ?   ?   ?   B . n 
B 1 51 LEU 51 788 ?   ?   ?   B . n 
B 1 52 ALA 52 789 ?   ?   ?   B . n 
B 1 53 GLN 53 790 ?   ?   ?   B . n 
B 1 54 MET 54 791 ?   ?   ?   B . n 
B 1 55 GLU 55 792 ?   ?   ?   B . n 
B 1 56 GLN 56 793 ?   ?   ?   B . n 
# 
loop_
_pdbx_nonpoly_scheme.asym_id 
_pdbx_nonpoly_scheme.entity_id 
_pdbx_nonpoly_scheme.mon_id 
_pdbx_nonpoly_scheme.ndb_seq_num 
_pdbx_nonpoly_scheme.pdb_seq_num 
_pdbx_nonpoly_scheme.auth_seq_num 
_pdbx_nonpoly_scheme.pdb_mon_id 
_pdbx_nonpoly_scheme.auth_mon_id 
_pdbx_nonpoly_scheme.pdb_strand_id 
_pdbx_nonpoly_scheme.pdb_ins_code 
C 2 GOL 1  801 123 GOL GOL A . 
D 3 SO4 1  801 115 SO4 SO4 B . 
E 2 GOL 1  802 121 GOL GOL B . 
F 2 GOL 1  803 122 GOL GOL B . 
G 4 HOH 1  901 5   HOH HOH A . 
G 4 HOH 2  902 6   HOH HOH A . 
G 4 HOH 3  903 7   HOH HOH A . 
G 4 HOH 4  904 8   HOH HOH A . 
G 4 HOH 5  905 13  HOH HOH A . 
G 4 HOH 6  906 14  HOH HOH A . 
G 4 HOH 7  907 15  HOH HOH A . 
G 4 HOH 8  908 17  HOH HOH A . 
G 4 HOH 9  909 18  HOH HOH A . 
G 4 HOH 10 910 19  HOH HOH A . 
G 4 HOH 11 911 20  HOH HOH A . 
G 4 HOH 12 912 26  HOH HOH A . 
G 4 HOH 13 913 27  HOH HOH A . 
G 4 HOH 14 914 28  HOH HOH A . 
G 4 HOH 15 915 31  HOH HOH A . 
G 4 HOH 16 916 34  HOH HOH A . 
G 4 HOH 17 917 35  HOH HOH A . 
G 4 HOH 18 918 36  HOH HOH A . 
G 4 HOH 19 919 40  HOH HOH A . 
G 4 HOH 20 920 41  HOH HOH A . 
G 4 HOH 21 921 42  HOH HOH A . 
G 4 HOH 22 922 45  HOH HOH A . 
G 4 HOH 23 923 46  HOH HOH A . 
G 4 HOH 24 924 48  HOH HOH A . 
G 4 HOH 25 925 51  HOH HOH A . 
G 4 HOH 26 926 55  HOH HOH A . 
G 4 HOH 27 927 56  HOH HOH A . 
G 4 HOH 28 928 60  HOH HOH A . 
G 4 HOH 29 929 61  HOH HOH A . 
G 4 HOH 30 930 62  HOH HOH A . 
G 4 HOH 31 931 63  HOH HOH A . 
G 4 HOH 32 932 65  HOH HOH A . 
G 4 HOH 33 933 66  HOH HOH A . 
G 4 HOH 34 934 67  HOH HOH A . 
G 4 HOH 35 935 68  HOH HOH A . 
G 4 HOH 36 936 69  HOH HOH A . 
G 4 HOH 37 937 70  HOH HOH A . 
G 4 HOH 38 938 77  HOH HOH A . 
G 4 HOH 39 939 79  HOH HOH A . 
G 4 HOH 40 940 80  HOH HOH A . 
G 4 HOH 41 941 81  HOH HOH A . 
G 4 HOH 42 942 84  HOH HOH A . 
G 4 HOH 43 943 91  HOH HOH A . 
G 4 HOH 44 944 92  HOH HOH A . 
G 4 HOH 45 945 93  HOH HOH A . 
G 4 HOH 46 946 96  HOH HOH A . 
G 4 HOH 47 947 97  HOH HOH A . 
G 4 HOH 48 948 98  HOH HOH A . 
G 4 HOH 49 949 99  HOH HOH A . 
G 4 HOH 50 950 100 HOH HOH A . 
G 4 HOH 51 951 101 HOH HOH A . 
G 4 HOH 52 952 102 HOH HOH A . 
G 4 HOH 53 953 109 HOH HOH A . 
G 4 HOH 54 954 111 HOH HOH A . 
H 4 HOH 1  901 1   HOH HOH B . 
H 4 HOH 2  902 11  HOH HOH B . 
H 4 HOH 3  903 16  HOH HOH B . 
H 4 HOH 4  904 23  HOH HOH B . 
H 4 HOH 5  905 24  HOH HOH B . 
H 4 HOH 6  906 25  HOH HOH B . 
H 4 HOH 7  907 32  HOH HOH B . 
H 4 HOH 8  908 33  HOH HOH B . 
H 4 HOH 9  909 53  HOH HOH B . 
H 4 HOH 10 910 58  HOH HOH B . 
H 4 HOH 11 911 72  HOH HOH B . 
H 4 HOH 12 912 73  HOH HOH B . 
H 4 HOH 13 913 75  HOH HOH B . 
H 4 HOH 14 914 85  HOH HOH B . 
H 4 HOH 15 915 90  HOH HOH B . 
H 4 HOH 16 916 104 HOH HOH B . 
H 4 HOH 17 917 106 HOH HOH B . 
H 4 HOH 18 918 108 HOH HOH B . 
H 4 HOH 19 919 112 HOH HOH B . 
H 4 HOH 20 920 113 HOH HOH B . 
# 
loop_
_software.name 
_software.classification 
_software.version 
_software.citation_id 
_software.pdbx_ordinal 
ADSC   'data collection' Quantum                       ? 1 
PHASER phasing           .                             ? 2 
PHENIX refinement        '(phenix.refine: 1.8.1_1168)' ? 3 
XDS    'data reduction'  .                             ? 4 
SCALA  'data scaling'    .                             ? 5 
# 
_cell.entry_id           4L9U 
_cell.length_a           24.878 
_cell.length_b           165.047 
_cell.length_c           28.319 
_cell.angle_alpha        90.00 
_cell.angle_beta         90.00 
_cell.angle_gamma        90.00 
_cell.Z_PDB              8 
_cell.pdbx_unique_axis   ? 
_cell.length_a_esd       ? 
_cell.length_b_esd       ? 
_cell.length_c_esd       ? 
_cell.angle_alpha_esd    ? 
_cell.angle_beta_esd     ? 
_cell.angle_gamma_esd    ? 
# 
_symmetry.entry_id                         4L9U 
_symmetry.space_group_name_H-M             'P 21 21 2' 
_symmetry.pdbx_full_space_group_name_H-M   ? 
_symmetry.cell_setting                     ? 
_symmetry.Int_Tables_number                18 
_symmetry.space_group_name_Hall            ? 
# 
_exptl.entry_id          4L9U 
_exptl.method            'X-RAY DIFFRACTION' 
_exptl.crystals_number   1 
# 
_exptl_crystal.id                    1 
_exptl_crystal.density_meas          ? 
_exptl_crystal.density_Matthews      2.19 
_exptl_crystal.density_percent_sol   43.90 
_exptl_crystal.description           ? 
_exptl_crystal.F_000                 ? 
_exptl_crystal.preparation           ? 
# 
_exptl_crystal_grow.crystal_id      1 
_exptl_crystal_grow.method          'VAPOR DIFFUSION, SITTING DROP' 
_exptl_crystal_grow.temp            296 
_exptl_crystal_grow.temp_details    ? 
_exptl_crystal_grow.pH              3.6 
_exptl_crystal_grow.pdbx_pH_range   ? 
_exptl_crystal_grow.pdbx_details    
'20 mM sodium acetate, 22% PEG 3350, 100 mM lithium sulfate, 0.4% formamide, pH 3.6, VAPOR DIFFUSION, SITTING DROP, temperature 296K' 
# 
_diffrn.id                     1 
_diffrn.ambient_temp           100 
_diffrn.ambient_temp_details   ? 
_diffrn.crystal_id             1 
# 
_diffrn_detector.diffrn_id              1 
_diffrn_detector.detector               CCD 
_diffrn_detector.type                   'ADSC QUANTUM 315r' 
_diffrn_detector.pdbx_collection_date   2011-05-27 
_diffrn_detector.details                ? 
# 
_diffrn_radiation.diffrn_id                        1 
_diffrn_radiation.wavelength_id                    1 
_diffrn_radiation.pdbx_monochromatic_or_laue_m_l   M 
_diffrn_radiation.monochromator                    'Double crystal, Si(111)' 
_diffrn_radiation.pdbx_diffrn_protocol             'SINGLE WAVELENGTH' 
_diffrn_radiation.pdbx_scattering_type             x-ray 
# 
_diffrn_radiation_wavelength.id           1 
_diffrn_radiation_wavelength.wavelength   1.0000 
_diffrn_radiation_wavelength.wt           1.0 
# 
_diffrn_source.diffrn_id                   1 
_diffrn_source.source                      SYNCHROTRON 
_diffrn_source.type                        'ALS BEAMLINE 8.2.2' 
_diffrn_source.pdbx_synchrotron_site       ALS 
_diffrn_source.pdbx_synchrotron_beamline   8.2.2 
_diffrn_source.pdbx_wavelength             ? 
_diffrn_source.pdbx_wavelength_list        1.0000 
# 
_reflns.pdbx_diffrn_id               1 
_reflns.pdbx_ordinal                 1 
_reflns.entry_id                     4L9U 
_reflns.observed_criterion_sigma_I   -3 
_reflns.observed_criterion_sigma_F   -3 
_reflns.d_resolution_low             27.911 
_reflns.d_resolution_high            1.60 
_reflns.number_obs                   16098 
_reflns.number_all                   16277 
_reflns.percent_possible_obs         98.9 
_reflns.pdbx_Rmerge_I_obs            ? 
_reflns.pdbx_Rsym_value              ? 
_reflns.pdbx_netI_over_sigmaI        ? 
_reflns.B_iso_Wilson_estimate        ? 
_reflns.pdbx_redundancy              ? 
_reflns.R_free_details               ? 
_reflns.limit_h_max                  ? 
_reflns.limit_h_min                  ? 
_reflns.limit_k_max                  ? 
_reflns.limit_k_min                  ? 
_reflns.limit_l_max                  ? 
_reflns.limit_l_min                  ? 
_reflns.observed_criterion_F_max     ? 
_reflns.observed_criterion_F_min     ? 
_reflns.pdbx_chi_squared             ? 
_reflns.pdbx_scaling_rejects         ? 
# 
loop_
_reflns_shell.pdbx_diffrn_id 
_reflns_shell.pdbx_ordinal 
_reflns_shell.d_res_high 
_reflns_shell.d_res_low 
_reflns_shell.percent_possible_all 
_reflns_shell.Rmerge_I_obs 
_reflns_shell.pdbx_Rsym_value 
_reflns_shell.meanI_over_sigI_obs 
_reflns_shell.pdbx_redundancy 
_reflns_shell.percent_possible_obs 
_reflns_shell.number_unique_all 
_reflns_shell.number_measured_all 
_reflns_shell.number_measured_obs 
_reflns_shell.number_unique_obs 
_reflns_shell.pdbx_chi_squared 
1 1 1.60 1.63  97.4 ? ? ? ? ? ? ? ? ? ? 
1 2 8.47 27.91 89.7 ? ? ? ? ? ? ? ? ? ? 
# 
_refine.pdbx_refine_id                           'X-RAY DIFFRACTION' 
_refine.entry_id                                 4L9U 
_refine.pdbx_diffrn_id                           1 
_refine.pdbx_TLS_residual_ADP_flag               ? 
_refine.ls_number_reflns_obs                     27209 
_refine.ls_number_reflns_all                     16277 
_refine.pdbx_ls_sigma_I                          ? 
_refine.pdbx_ls_sigma_F                          0.83 
_refine.pdbx_data_cutoff_high_absF               ? 
_refine.pdbx_data_cutoff_low_absF                ? 
_refine.pdbx_data_cutoff_high_rms_absF           ? 
_refine.ls_d_res_low                             27.911 
_refine.ls_d_res_high                            1.6014 
_refine.ls_percent_reflns_obs                    91.60 
_refine.ls_R_factor_obs                          0.2024 
_refine.ls_R_factor_all                          ? 
_refine.ls_R_factor_R_work                       0.2007 
_refine.ls_R_factor_R_free                       0.2351 
_refine.ls_R_factor_R_free_error                 ? 
_refine.ls_R_factor_R_free_error_details         ? 
_refine.ls_percent_reflns_R_free                 4.97 
_refine.ls_number_reflns_R_free                  1352 
_refine.ls_number_parameters                     ? 
_refine.ls_number_restraints                     ? 
_refine.occupancy_min                            ? 
_refine.occupancy_max                            ? 
_refine.correlation_coeff_Fo_to_Fc               ? 
_refine.correlation_coeff_Fo_to_Fc_free          ? 
_refine.B_iso_mean                               ? 
_refine.aniso_B[1][1]                            ? 
_refine.aniso_B[2][2]                            ? 
_refine.aniso_B[3][3]                            ? 
_refine.aniso_B[1][2]                            ? 
_refine.aniso_B[1][3]                            ? 
_refine.aniso_B[2][3]                            ? 
_refine.solvent_model_details                    'FLAT BULK SOLVENT MODEL' 
_refine.solvent_model_param_ksol                 ? 
_refine.solvent_model_param_bsol                 ? 
_refine.pdbx_solvent_vdw_probe_radii             0.90 
_refine.pdbx_solvent_ion_probe_radii             ? 
_refine.pdbx_solvent_shrinkage_radii             0.60 
_refine.pdbx_ls_cross_valid_method               ? 
_refine.details                                  ? 
_refine.pdbx_starting_model                      ? 
_refine.pdbx_method_to_determine_struct          'MOLECULAR REPLACEMENT' 
_refine.pdbx_isotropic_thermal_model             ? 
_refine.pdbx_stereochemistry_target_values       ML 
_refine.pdbx_stereochem_target_val_spec_case     ? 
_refine.pdbx_R_Free_selection_details            ? 
_refine.pdbx_overall_ESU_R                       ? 
_refine.pdbx_overall_ESU_R_Free                  ? 
_refine.overall_SU_ML                            0.20 
_refine.pdbx_overall_phase_error                 22.10 
_refine.overall_SU_B                             ? 
_refine.overall_SU_R_Cruickshank_DPI             ? 
_refine.pdbx_overall_SU_R_free_Cruickshank_DPI   ? 
_refine.pdbx_overall_SU_R_Blow_DPI               ? 
_refine.pdbx_overall_SU_R_free_Blow_DPI          ? 
_refine.ls_redundancy_reflns_obs                 ? 
_refine.B_iso_min                                ? 
_refine.B_iso_max                                ? 
_refine.overall_SU_R_free                        ? 
_refine.ls_wR_factor_R_free                      ? 
_refine.ls_wR_factor_R_work                      ? 
_refine.overall_FOM_free_R_set                   ? 
_refine.overall_FOM_work_R_set                   ? 
# 
_refine_hist.pdbx_refine_id                   'X-RAY DIFFRACTION' 
_refine_hist.cycle_id                         LAST 
_refine_hist.pdbx_number_atoms_protein        748 
_refine_hist.pdbx_number_atoms_nucleic_acid   0 
_refine_hist.pdbx_number_atoms_ligand         23 
_refine_hist.number_atoms_solvent             74 
_refine_hist.number_atoms_total               845 
_refine_hist.d_res_high                       1.6014 
_refine_hist.d_res_low                        27.911 
# 
loop_
_refine_ls_restr.type 
_refine_ls_restr.dev_ideal 
_refine_ls_restr.dev_ideal_target 
_refine_ls_restr.weight 
_refine_ls_restr.number 
_refine_ls_restr.pdbx_refine_id 
_refine_ls_restr.pdbx_restraint_function 
f_bond_d           0.010  ? ? 819  'X-RAY DIFFRACTION' ? 
f_angle_d          1.146  ? ? 1109 'X-RAY DIFFRACTION' ? 
f_dihedral_angle_d 15.116 ? ? 341  'X-RAY DIFFRACTION' ? 
f_chiral_restr     0.067  ? ? 127  'X-RAY DIFFRACTION' ? 
f_plane_restr      0.004  ? ? 142  'X-RAY DIFFRACTION' ? 
# 
loop_
_refine_ls_shell.pdbx_refine_id 
_refine_ls_shell.pdbx_total_number_of_bins_used 
_refine_ls_shell.d_res_high 
_refine_ls_shell.d_res_low 
_refine_ls_shell.number_reflns_R_work 
_refine_ls_shell.R_factor_R_work 
_refine_ls_shell.percent_reflns_obs 
_refine_ls_shell.R_factor_R_free 
_refine_ls_shell.R_factor_R_free_error 
_refine_ls_shell.percent_reflns_R_free 
_refine_ls_shell.number_reflns_R_free 
_refine_ls_shell.number_reflns_all 
_refine_ls_shell.R_factor_all 
_refine_ls_shell.redundancy_reflns_obs 
_refine_ls_shell.number_reflns_obs 
'X-RAY DIFFRACTION' . 1.6014 1.6586  2558 0.2941 89.00 0.2945 . . 145 . . . . 
'X-RAY DIFFRACTION' . 1.6586 1.7250  2528 0.2858 91.00 0.3319 . . 159 . . . . 
'X-RAY DIFFRACTION' . 1.7250 1.8035  2529 0.2782 90.00 0.3462 . . 150 . . . . 
'X-RAY DIFFRACTION' . 1.8035 1.8986  2595 0.2474 91.00 0.3200 . . 127 . . . . 
'X-RAY DIFFRACTION' . 1.8986 2.0175  2556 0.2042 91.00 0.2502 . . 103 . . . . 
'X-RAY DIFFRACTION' . 2.0175 2.1732  2543 0.1835 90.00 0.2098 . . 127 . . . . 
'X-RAY DIFFRACTION' . 2.1732 2.3918  2627 0.1772 93.00 0.2189 . . 127 . . . . 
'X-RAY DIFFRACTION' . 2.3918 2.7376  2631 0.1720 94.00 0.2170 . . 158 . . . . 
'X-RAY DIFFRACTION' . 2.7376 3.4481  2633 0.1839 94.00 0.2058 . . 147 . . . . 
'X-RAY DIFFRACTION' . 3.4481 27.9156 2657 0.1989 93.00 0.2210 . . 109 . . . . 
# 
_struct.entry_id                  4L9U 
_struct.title                     'Structure of C-terminal coiled coil of RasGRP1' 
_struct.pdbx_model_details        ? 
_struct.pdbx_CASP_flag            ? 
_struct.pdbx_model_type_details   ? 
# 
_struct_keywords.entry_id        4L9U 
_struct_keywords.pdbx_keywords   'SIGNALING PROTEIN' 
_struct_keywords.text            'Signaling Protein' 
# 
loop_
_struct_asym.id 
_struct_asym.pdbx_blank_PDB_chainid_flag 
_struct_asym.pdbx_modified 
_struct_asym.entity_id 
_struct_asym.details 
A N N 1 ? 
B N N 1 ? 
C N N 2 ? 
D N N 3 ? 
E N N 2 ? 
F N N 2 ? 
G N N 4 ? 
H N N 4 ? 
# 
_struct_ref.id                         1 
_struct_ref.db_name                    UNP 
_struct_ref.db_code                    GRP1_HUMAN 
_struct_ref.pdbx_db_accession          O95267 
_struct_ref.entity_id                  1 
_struct_ref.pdbx_seq_one_letter_code   ELRHLRLPTYQELEQEINTLKADNDALKIQLKYAQKKIESLQLEKSNHVLAQMEQ 
_struct_ref.pdbx_align_begin           739 
_struct_ref.pdbx_db_isoform            ? 
# 
loop_
_struct_ref_seq.align_id 
_struct_ref_seq.ref_id 
_struct_ref_seq.pdbx_PDB_id_code 
_struct_ref_seq.pdbx_strand_id 
_struct_ref_seq.seq_align_beg 
_struct_ref_seq.pdbx_seq_align_beg_ins_code 
_struct_ref_seq.seq_align_end 
_struct_ref_seq.pdbx_seq_align_end_ins_code 
_struct_ref_seq.pdbx_db_accession 
_struct_ref_seq.db_align_beg 
_struct_ref_seq.pdbx_db_align_beg_ins_code 
_struct_ref_seq.db_align_end 
_struct_ref_seq.pdbx_db_align_end_ins_code 
_struct_ref_seq.pdbx_auth_seq_align_beg 
_struct_ref_seq.pdbx_auth_seq_align_end 
1 1 4L9U A 2 ? 56 ? O95267 739 ? 793 ? 739 793 
2 1 4L9U B 2 ? 56 ? O95267 739 ? 793 ? 739 793 
# 
loop_
_struct_ref_seq_dif.align_id 
_struct_ref_seq_dif.pdbx_pdb_id_code 
_struct_ref_seq_dif.mon_id 
_struct_ref_seq_dif.pdbx_pdb_strand_id 
_struct_ref_seq_dif.seq_num 
_struct_ref_seq_dif.pdbx_pdb_ins_code 
_struct_ref_seq_dif.pdbx_seq_db_name 
_struct_ref_seq_dif.pdbx_seq_db_accession_code 
_struct_ref_seq_dif.db_mon_id 
_struct_ref_seq_dif.pdbx_seq_db_seq_num 
_struct_ref_seq_dif.details 
_struct_ref_seq_dif.pdbx_auth_seq_num 
_struct_ref_seq_dif.pdbx_ordinal 
1 4L9U SER A 1 ? UNP O95267 ? ? 'expression tag' 738 1 
2 4L9U SER B 1 ? UNP O95267 ? ? 'expression tag' 738 2 
# 
_pdbx_struct_assembly.id                   1 
_pdbx_struct_assembly.details              author_and_software_defined_assembly 
_pdbx_struct_assembly.method_details       PISA 
_pdbx_struct_assembly.oligomeric_details   dimeric 
_pdbx_struct_assembly.oligomeric_count     2 
# 
loop_
_pdbx_struct_assembly_prop.biol_id 
_pdbx_struct_assembly_prop.type 
_pdbx_struct_assembly_prop.value 
_pdbx_struct_assembly_prop.details 
1 'ABSA (A^2)' 2840 ? 
1 MORE         -33  ? 
1 'SSA (A^2)'  7290 ? 
# 
_pdbx_struct_assembly_gen.assembly_id       1 
_pdbx_struct_assembly_gen.oper_expression   1 
_pdbx_struct_assembly_gen.asym_id_list      A,B,C,D,E,F,G,H 
# 
_pdbx_struct_oper_list.id                   1 
_pdbx_struct_oper_list.type                 'identity operation' 
_pdbx_struct_oper_list.name                 1_555 
_pdbx_struct_oper_list.symmetry_operation   x,y,z 
_pdbx_struct_oper_list.matrix[1][1]         1.0000000000 
_pdbx_struct_oper_list.matrix[1][2]         0.0000000000 
_pdbx_struct_oper_list.matrix[1][3]         0.0000000000 
_pdbx_struct_oper_list.vector[1]            0.0000000000 
_pdbx_struct_oper_list.matrix[2][1]         0.0000000000 
_pdbx_struct_oper_list.matrix[2][2]         1.0000000000 
_pdbx_struct_oper_list.matrix[2][3]         0.0000000000 
_pdbx_struct_oper_list.vector[2]            0.0000000000 
_pdbx_struct_oper_list.matrix[3][1]         0.0000000000 
_pdbx_struct_oper_list.matrix[3][2]         0.0000000000 
_pdbx_struct_oper_list.matrix[3][3]         1.0000000000 
_pdbx_struct_oper_list.vector[3]            0.0000000000 
# 
_struct_biol.id        1 
_struct_biol.details   ? 
# 
loop_
_struct_conf.conf_type_id 
_struct_conf.id 
_struct_conf.pdbx_PDB_helix_id 
_struct_conf.beg_label_comp_id 
_struct_conf.beg_label_asym_id 
_struct_conf.beg_label_seq_id 
_struct_conf.pdbx_beg_PDB_ins_code 
_struct_conf.end_label_comp_id 
_struct_conf.end_label_asym_id 
_struct_conf.end_label_seq_id 
_struct_conf.pdbx_end_PDB_ins_code 
_struct_conf.beg_auth_comp_id 
_struct_conf.beg_auth_asym_id 
_struct_conf.beg_auth_seq_id 
_struct_conf.end_auth_comp_id 
_struct_conf.end_auth_asym_id 
_struct_conf.end_auth_seq_id 
_struct_conf.pdbx_PDB_helix_class 
_struct_conf.details 
_struct_conf.pdbx_PDB_helix_length 
HELX_P HELX_P1 1 THR A 10 ? LYS A 46 ? THR A 747 LYS A 783 1 ? 37 
HELX_P HELX_P2 2 VAL A 50 ? GLU A 55 ? VAL A 787 GLU A 792 5 ? 6  
HELX_P HELX_P3 3 THR B 10 ? HIS B 49 ? THR B 747 HIS B 786 1 ? 40 
# 
_struct_conf_type.id          HELX_P 
_struct_conf_type.criteria    ? 
_struct_conf_type.reference   ? 
# 
loop_
_struct_site.id 
_struct_site.pdbx_evidence_code 
_struct_site.pdbx_auth_asym_id 
_struct_site.pdbx_auth_comp_id 
_struct_site.pdbx_auth_seq_id 
_struct_site.pdbx_auth_ins_code 
_struct_site.pdbx_num_residues 
_struct_site.details 
AC1 Software A GOL 801 ? 4 'BINDING SITE FOR RESIDUE GOL A 801' 
AC2 Software B SO4 801 ? 5 'BINDING SITE FOR RESIDUE SO4 B 801' 
AC3 Software B GOL 802 ? 6 'BINDING SITE FOR RESIDUE GOL B 802' 
AC4 Software B GOL 803 ? 5 'BINDING SITE FOR RESIDUE GOL B 803' 
# 
loop_
_struct_site_gen.id 
_struct_site_gen.site_id 
_struct_site_gen.pdbx_num_res 
_struct_site_gen.label_comp_id 
_struct_site_gen.label_asym_id 
_struct_site_gen.label_seq_id 
_struct_site_gen.pdbx_auth_ins_code 
_struct_site_gen.auth_comp_id 
_struct_site_gen.auth_asym_id 
_struct_site_gen.auth_seq_id 
_struct_site_gen.label_atom_id 
_struct_site_gen.label_alt_id 
_struct_site_gen.symmetry 
_struct_site_gen.details 
1  AC1 4 THR A 10 ? THR A 747 . ? 1_555 ? 
2  AC1 4 TYR A 11 ? TYR A 748 . ? 1_555 ? 
3  AC1 4 THR B 10 ? THR B 747 . ? 2_455 ? 
4  AC1 4 TYR B 11 ? TYR B 748 . ? 2_455 ? 
5  AC2 5 LYS A 33 ? LYS A 770 . ? 4_454 ? 
6  AC2 5 LYS A 38 ? LYS A 775 . ? 1_555 ? 
7  AC2 5 GLN B 43 ? GLN B 780 . ? 1_555 ? 
8  AC2 5 LYS B 46 ? LYS B 783 . ? 1_555 ? 
9  AC2 5 HOH H .  ? HOH B 918 . ? 1_555 ? 
10 AC3 6 GLU A 55 ? GLU A 792 . ? 1_556 ? 
11 AC3 6 GLN A 56 ? GLN A 793 . ? 1_556 ? 
12 AC3 6 LYS B 38 ? LYS B 775 . ? 1_555 ? 
13 AC3 6 SER B 41 ? SER B 778 . ? 1_555 ? 
14 AC3 6 GLU B 45 ? GLU B 782 . ? 1_555 ? 
15 AC3 6 GOL F .  ? GOL B 803 . ? 1_555 ? 
16 AC4 5 GLN A 53 ? GLN A 790 . ? 1_556 ? 
17 AC4 5 HOH G .  ? HOH A 901 . ? 1_556 ? 
18 AC4 5 GLU B 45 ? GLU B 782 . ? 1_555 ? 
19 AC4 5 ASN B 48 ? ASN B 785 . ? 1_555 ? 
20 AC4 5 GOL E .  ? GOL B 802 . ? 1_555 ? 
# 
_pdbx_validate_symm_contact.id                1 
_pdbx_validate_symm_contact.PDB_model_num     1 
_pdbx_validate_symm_contact.auth_atom_id_1    OG1 
_pdbx_validate_symm_contact.auth_asym_id_1    B 
_pdbx_validate_symm_contact.auth_comp_id_1    THR 
_pdbx_validate_symm_contact.auth_seq_id_1     747 
_pdbx_validate_symm_contact.PDB_ins_code_1    ? 
_pdbx_validate_symm_contact.label_alt_id_1    ? 
_pdbx_validate_symm_contact.site_symmetry_1   1_555 
_pdbx_validate_symm_contact.auth_atom_id_2    O2 
_pdbx_validate_symm_contact.auth_asym_id_2    A 
_pdbx_validate_symm_contact.auth_comp_id_2    GOL 
_pdbx_validate_symm_contact.auth_seq_id_2     801 
_pdbx_validate_symm_contact.PDB_ins_code_2    ? 
_pdbx_validate_symm_contact.label_alt_id_2    ? 
_pdbx_validate_symm_contact.site_symmetry_2   2_455 
_pdbx_validate_symm_contact.dist              2.15 
# 
loop_
_pdbx_refine_tls.pdbx_refine_id 
_pdbx_refine_tls.id 
_pdbx_refine_tls.details 
_pdbx_refine_tls.method 
_pdbx_refine_tls.origin_x 
_pdbx_refine_tls.origin_y 
_pdbx_refine_tls.origin_z 
_pdbx_refine_tls.T[1][1] 
_pdbx_refine_tls.T[2][2] 
_pdbx_refine_tls.T[3][3] 
_pdbx_refine_tls.T[1][2] 
_pdbx_refine_tls.T[1][3] 
_pdbx_refine_tls.T[2][3] 
_pdbx_refine_tls.L[1][1] 
_pdbx_refine_tls.L[2][2] 
_pdbx_refine_tls.L[3][3] 
_pdbx_refine_tls.L[1][2] 
_pdbx_refine_tls.L[1][3] 
_pdbx_refine_tls.L[2][3] 
_pdbx_refine_tls.S[1][1] 
_pdbx_refine_tls.S[1][2] 
_pdbx_refine_tls.S[1][3] 
_pdbx_refine_tls.S[2][1] 
_pdbx_refine_tls.S[2][2] 
_pdbx_refine_tls.S[2][3] 
_pdbx_refine_tls.S[3][1] 
_pdbx_refine_tls.S[3][2] 
_pdbx_refine_tls.S[3][3] 
'X-RAY DIFFRACTION' 1 ? refined 2.5528  -1.3693 4.4778   0.1108 0.1575 0.1187 -0.0132 -0.0372 0.0172  3.8355 5.6758 2.4073 -0.1632 -0.2981 0.1470  0.0062  -0.0343 -0.3996 0.2683  0.1777 -0.6719 0.2760  0.1184  0.2442  
'X-RAY DIFFRACTION' 2 ? refined -2.9684 18.9283 -13.8431 0.3779 0.3024 0.1814 0.0202  -0.0270 0.0138  2.3802 1.6234 2.2577 -0.2381 -0.3001 1.7554  0.1310  0.1691  0.1540  -0.0384 0.0536 -0.0016 -0.1059 0.1488  0.0079  
'X-RAY DIFFRACTION' 3 ? refined -1.1662 -5.1701 -0.8137  0.1487 0.1681 0.1526 -0.0028 -0.0239 -0.0249 3.0714 7.7836 1.9322 -0.9397 0.1023  -1.2465 -0.0454 0.1252  -0.6487 -0.1746 0.2356 0.0993  0.3082  -0.0043 -0.0070 
# 
loop_
_pdbx_refine_tls_group.pdbx_refine_id 
_pdbx_refine_tls_group.id 
_pdbx_refine_tls_group.refine_tls_id 
_pdbx_refine_tls_group.beg_auth_asym_id 
_pdbx_refine_tls_group.beg_auth_seq_id 
_pdbx_refine_tls_group.beg_label_asym_id 
_pdbx_refine_tls_group.beg_label_seq_id 
_pdbx_refine_tls_group.end_auth_asym_id 
_pdbx_refine_tls_group.end_auth_seq_id 
_pdbx_refine_tls_group.end_label_asym_id 
_pdbx_refine_tls_group.end_label_seq_id 
_pdbx_refine_tls_group.selection 
_pdbx_refine_tls_group.selection_details 
'X-RAY DIFFRACTION' 1 1 ? ? ? ? ? ? ? ? ? 
;chain 'B'
;
'X-RAY DIFFRACTION' 2 2 ? ? ? ? ? ? ? ? ? 
;chain 'A' and ((resseq 784:793))
;
'X-RAY DIFFRACTION' 3 3 ? ? ? ? ? ? ? ? ? 
;chain 'A' and ((resseq 745:783))
;
# 
loop_
_pdbx_unobs_or_zero_occ_residues.id 
_pdbx_unobs_or_zero_occ_residues.PDB_model_num 
_pdbx_unobs_or_zero_occ_residues.polymer_flag 
_pdbx_unobs_or_zero_occ_residues.occupancy_flag 
_pdbx_unobs_or_zero_occ_residues.auth_asym_id 
_pdbx_unobs_or_zero_occ_residues.auth_comp_id 
_pdbx_unobs_or_zero_occ_residues.auth_seq_id 
_pdbx_unobs_or_zero_occ_residues.PDB_ins_code 
_pdbx_unobs_or_zero_occ_residues.label_asym_id 
_pdbx_unobs_or_zero_occ_residues.label_comp_id 
_pdbx_unobs_or_zero_occ_residues.label_seq_id 
1  1 Y 1 A SER 738 ? A SER 1  
2  1 Y 1 A GLU 739 ? A GLU 2  
3  1 Y 1 A LEU 740 ? A LEU 3  
4  1 Y 1 A ARG 741 ? A ARG 4  
5  1 Y 1 A HIS 742 ? A HIS 5  
6  1 Y 1 A LEU 743 ? A LEU 6  
7  1 Y 1 A ARG 744 ? A ARG 7  
8  1 Y 1 B SER 738 ? B SER 1  
9  1 Y 1 B GLU 739 ? B GLU 2  
10 1 Y 1 B LEU 740 ? B LEU 3  
11 1 Y 1 B ARG 741 ? B ARG 4  
12 1 Y 1 B HIS 742 ? B HIS 5  
13 1 Y 1 B LEU 743 ? B LEU 6  
14 1 Y 1 B ARG 744 ? B ARG 7  
15 1 Y 1 B VAL 787 ? B VAL 50 
16 1 Y 1 B LEU 788 ? B LEU 51 
17 1 Y 1 B ALA 789 ? B ALA 52 
18 1 Y 1 B GLN 790 ? B GLN 53 
19 1 Y 1 B MET 791 ? B MET 54 
20 1 Y 1 B GLU 792 ? B GLU 55 
21 1 Y 1 B GLN 793 ? B GLN 56 
# 
loop_
_chem_comp_atom.comp_id 
_chem_comp_atom.atom_id 
_chem_comp_atom.type_symbol 
_chem_comp_atom.pdbx_aromatic_flag 
_chem_comp_atom.pdbx_stereo_config 
_chem_comp_atom.pdbx_ordinal 
ALA N    N N N 1   
ALA CA   C N S 2   
ALA C    C N N 3   
ALA O    O N N 4   
ALA CB   C N N 5   
ALA OXT  O N N 6   
ALA H    H N N 7   
ALA H2   H N N 8   
ALA HA   H N N 9   
ALA HB1  H N N 10  
ALA HB2  H N N 11  
ALA HB3  H N N 12  
ALA HXT  H N N 13  
ARG N    N N N 14  
ARG CA   C N S 15  
ARG C    C N N 16  
ARG O    O N N 17  
ARG CB   C N N 18  
ARG CG   C N N 19  
ARG CD   C N N 20  
ARG NE   N N N 21  
ARG CZ   C N N 22  
ARG NH1  N N N 23  
ARG NH2  N N N 24  
ARG OXT  O N N 25  
ARG H    H N N 26  
ARG H2   H N N 27  
ARG HA   H N N 28  
ARG HB2  H N N 29  
ARG HB3  H N N 30  
ARG HG2  H N N 31  
ARG HG3  H N N 32  
ARG HD2  H N N 33  
ARG HD3  H N N 34  
ARG HE   H N N 35  
ARG HH11 H N N 36  
ARG HH12 H N N 37  
ARG HH21 H N N 38  
ARG HH22 H N N 39  
ARG HXT  H N N 40  
ASN N    N N N 41  
ASN CA   C N S 42  
ASN C    C N N 43  
ASN O    O N N 44  
ASN CB   C N N 45  
ASN CG   C N N 46  
ASN OD1  O N N 47  
ASN ND2  N N N 48  
ASN OXT  O N N 49  
ASN H    H N N 50  
ASN H2   H N N 51  
ASN HA   H N N 52  
ASN HB2  H N N 53  
ASN HB3  H N N 54  
ASN HD21 H N N 55  
ASN HD22 H N N 56  
ASN HXT  H N N 57  
ASP N    N N N 58  
ASP CA   C N S 59  
ASP C    C N N 60  
ASP O    O N N 61  
ASP CB   C N N 62  
ASP CG   C N N 63  
ASP OD1  O N N 64  
ASP OD2  O N N 65  
ASP OXT  O N N 66  
ASP H    H N N 67  
ASP H2   H N N 68  
ASP HA   H N N 69  
ASP HB2  H N N 70  
ASP HB3  H N N 71  
ASP HD2  H N N 72  
ASP HXT  H N N 73  
GLN N    N N N 74  
GLN CA   C N S 75  
GLN C    C N N 76  
GLN O    O N N 77  
GLN CB   C N N 78  
GLN CG   C N N 79  
GLN CD   C N N 80  
GLN OE1  O N N 81  
GLN NE2  N N N 82  
GLN OXT  O N N 83  
GLN H    H N N 84  
GLN H2   H N N 85  
GLN HA   H N N 86  
GLN HB2  H N N 87  
GLN HB3  H N N 88  
GLN HG2  H N N 89  
GLN HG3  H N N 90  
GLN HE21 H N N 91  
GLN HE22 H N N 92  
GLN HXT  H N N 93  
GLU N    N N N 94  
GLU CA   C N S 95  
GLU C    C N N 96  
GLU O    O N N 97  
GLU CB   C N N 98  
GLU CG   C N N 99  
GLU CD   C N N 100 
GLU OE1  O N N 101 
GLU OE2  O N N 102 
GLU OXT  O N N 103 
GLU H    H N N 104 
GLU H2   H N N 105 
GLU HA   H N N 106 
GLU HB2  H N N 107 
GLU HB3  H N N 108 
GLU HG2  H N N 109 
GLU HG3  H N N 110 
GLU HE2  H N N 111 
GLU HXT  H N N 112 
GOL C1   C N N 113 
GOL O1   O N N 114 
GOL C2   C N N 115 
GOL O2   O N N 116 
GOL C3   C N N 117 
GOL O3   O N N 118 
GOL H11  H N N 119 
GOL H12  H N N 120 
GOL HO1  H N N 121 
GOL H2   H N N 122 
GOL HO2  H N N 123 
GOL H31  H N N 124 
GOL H32  H N N 125 
GOL HO3  H N N 126 
HIS N    N N N 127 
HIS CA   C N S 128 
HIS C    C N N 129 
HIS O    O N N 130 
HIS CB   C N N 131 
HIS CG   C Y N 132 
HIS ND1  N Y N 133 
HIS CD2  C Y N 134 
HIS CE1  C Y N 135 
HIS NE2  N Y N 136 
HIS OXT  O N N 137 
HIS H    H N N 138 
HIS H2   H N N 139 
HIS HA   H N N 140 
HIS HB2  H N N 141 
HIS HB3  H N N 142 
HIS HD1  H N N 143 
HIS HD2  H N N 144 
HIS HE1  H N N 145 
HIS HE2  H N N 146 
HIS HXT  H N N 147 
HOH O    O N N 148 
HOH H1   H N N 149 
HOH H2   H N N 150 
ILE N    N N N 151 
ILE CA   C N S 152 
ILE C    C N N 153 
ILE O    O N N 154 
ILE CB   C N S 155 
ILE CG1  C N N 156 
ILE CG2  C N N 157 
ILE CD1  C N N 158 
ILE OXT  O N N 159 
ILE H    H N N 160 
ILE H2   H N N 161 
ILE HA   H N N 162 
ILE HB   H N N 163 
ILE HG12 H N N 164 
ILE HG13 H N N 165 
ILE HG21 H N N 166 
ILE HG22 H N N 167 
ILE HG23 H N N 168 
ILE HD11 H N N 169 
ILE HD12 H N N 170 
ILE HD13 H N N 171 
ILE HXT  H N N 172 
LEU N    N N N 173 
LEU CA   C N S 174 
LEU C    C N N 175 
LEU O    O N N 176 
LEU CB   C N N 177 
LEU CG   C N N 178 
LEU CD1  C N N 179 
LEU CD2  C N N 180 
LEU OXT  O N N 181 
LEU H    H N N 182 
LEU H2   H N N 183 
LEU HA   H N N 184 
LEU HB2  H N N 185 
LEU HB3  H N N 186 
LEU HG   H N N 187 
LEU HD11 H N N 188 
LEU HD12 H N N 189 
LEU HD13 H N N 190 
LEU HD21 H N N 191 
LEU HD22 H N N 192 
LEU HD23 H N N 193 
LEU HXT  H N N 194 
LYS N    N N N 195 
LYS CA   C N S 196 
LYS C    C N N 197 
LYS O    O N N 198 
LYS CB   C N N 199 
LYS CG   C N N 200 
LYS CD   C N N 201 
LYS CE   C N N 202 
LYS NZ   N N N 203 
LYS OXT  O N N 204 
LYS H    H N N 205 
LYS H2   H N N 206 
LYS HA   H N N 207 
LYS HB2  H N N 208 
LYS HB3  H N N 209 
LYS HG2  H N N 210 
LYS HG3  H N N 211 
LYS HD2  H N N 212 
LYS HD3  H N N 213 
LYS HE2  H N N 214 
LYS HE3  H N N 215 
LYS HZ1  H N N 216 
LYS HZ2  H N N 217 
LYS HZ3  H N N 218 
LYS HXT  H N N 219 
MET N    N N N 220 
MET CA   C N S 221 
MET C    C N N 222 
MET O    O N N 223 
MET CB   C N N 224 
MET CG   C N N 225 
MET SD   S N N 226 
MET CE   C N N 227 
MET OXT  O N N 228 
MET H    H N N 229 
MET H2   H N N 230 
MET HA   H N N 231 
MET HB2  H N N 232 
MET HB3  H N N 233 
MET HG2  H N N 234 
MET HG3  H N N 235 
MET HE1  H N N 236 
MET HE2  H N N 237 
MET HE3  H N N 238 
MET HXT  H N N 239 
PRO N    N N N 240 
PRO CA   C N S 241 
PRO C    C N N 242 
PRO O    O N N 243 
PRO CB   C N N 244 
PRO CG   C N N 245 
PRO CD   C N N 246 
PRO OXT  O N N 247 
PRO H    H N N 248 
PRO HA   H N N 249 
PRO HB2  H N N 250 
PRO HB3  H N N 251 
PRO HG2  H N N 252 
PRO HG3  H N N 253 
PRO HD2  H N N 254 
PRO HD3  H N N 255 
PRO HXT  H N N 256 
SER N    N N N 257 
SER CA   C N S 258 
SER C    C N N 259 
SER O    O N N 260 
SER CB   C N N 261 
SER OG   O N N 262 
SER OXT  O N N 263 
SER H    H N N 264 
SER H2   H N N 265 
SER HA   H N N 266 
SER HB2  H N N 267 
SER HB3  H N N 268 
SER HG   H N N 269 
SER HXT  H N N 270 
SO4 S    S N N 271 
SO4 O1   O N N 272 
SO4 O2   O N N 273 
SO4 O3   O N N 274 
SO4 O4   O N N 275 
THR N    N N N 276 
THR CA   C N S 277 
THR C    C N N 278 
THR O    O N N 279 
THR CB   C N R 280 
THR OG1  O N N 281 
THR CG2  C N N 282 
THR OXT  O N N 283 
THR H    H N N 284 
THR H2   H N N 285 
THR HA   H N N 286 
THR HB   H N N 287 
THR HG1  H N N 288 
THR HG21 H N N 289 
THR HG22 H N N 290 
THR HG23 H N N 291 
THR HXT  H N N 292 
TYR N    N N N 293 
TYR CA   C N S 294 
TYR C    C N N 295 
TYR O    O N N 296 
TYR CB   C N N 297 
TYR CG   C Y N 298 
TYR CD1  C Y N 299 
TYR CD2  C Y N 300 
TYR CE1  C Y N 301 
TYR CE2  C Y N 302 
TYR CZ   C Y N 303 
TYR OH   O N N 304 
TYR OXT  O N N 305 
TYR H    H N N 306 
TYR H2   H N N 307 
TYR HA   H N N 308 
TYR HB2  H N N 309 
TYR HB3  H N N 310 
TYR HD1  H N N 311 
TYR HD2  H N N 312 
TYR HE1  H N N 313 
TYR HE2  H N N 314 
TYR HH   H N N 315 
TYR HXT  H N N 316 
VAL N    N N N 317 
VAL CA   C N S 318 
VAL C    C N N 319 
VAL O    O N N 320 
VAL CB   C N N 321 
VAL CG1  C N N 322 
VAL CG2  C N N 323 
VAL OXT  O N N 324 
VAL H    H N N 325 
VAL H2   H N N 326 
VAL HA   H N N 327 
VAL HB   H N N 328 
VAL HG11 H N N 329 
VAL HG12 H N N 330 
VAL HG13 H N N 331 
VAL HG21 H N N 332 
VAL HG22 H N N 333 
VAL HG23 H N N 334 
VAL HXT  H N N 335 
# 
loop_
_chem_comp_bond.comp_id 
_chem_comp_bond.atom_id_1 
_chem_comp_bond.atom_id_2 
_chem_comp_bond.value_order 
_chem_comp_bond.pdbx_aromatic_flag 
_chem_comp_bond.pdbx_stereo_config 
_chem_comp_bond.pdbx_ordinal 
ALA N   CA   sing N N 1   
ALA N   H    sing N N 2   
ALA N   H2   sing N N 3   
ALA CA  C    sing N N 4   
ALA CA  CB   sing N N 5   
ALA CA  HA   sing N N 6   
ALA C   O    doub N N 7   
ALA C   OXT  sing N N 8   
ALA CB  HB1  sing N N 9   
ALA CB  HB2  sing N N 10  
ALA CB  HB3  sing N N 11  
ALA OXT HXT  sing N N 12  
ARG N   CA   sing N N 13  
ARG N   H    sing N N 14  
ARG N   H2   sing N N 15  
ARG CA  C    sing N N 16  
ARG CA  CB   sing N N 17  
ARG CA  HA   sing N N 18  
ARG C   O    doub N N 19  
ARG C   OXT  sing N N 20  
ARG CB  CG   sing N N 21  
ARG CB  HB2  sing N N 22  
ARG CB  HB3  sing N N 23  
ARG CG  CD   sing N N 24  
ARG CG  HG2  sing N N 25  
ARG CG  HG3  sing N N 26  
ARG CD  NE   sing N N 27  
ARG CD  HD2  sing N N 28  
ARG CD  HD3  sing N N 29  
ARG NE  CZ   sing N N 30  
ARG NE  HE   sing N N 31  
ARG CZ  NH1  sing N N 32  
ARG CZ  NH2  doub N N 33  
ARG NH1 HH11 sing N N 34  
ARG NH1 HH12 sing N N 35  
ARG NH2 HH21 sing N N 36  
ARG NH2 HH22 sing N N 37  
ARG OXT HXT  sing N N 38  
ASN N   CA   sing N N 39  
ASN N   H    sing N N 40  
ASN N   H2   sing N N 41  
ASN CA  C    sing N N 42  
ASN CA  CB   sing N N 43  
ASN CA  HA   sing N N 44  
ASN C   O    doub N N 45  
ASN C   OXT  sing N N 46  
ASN CB  CG   sing N N 47  
ASN CB  HB2  sing N N 48  
ASN CB  HB3  sing N N 49  
ASN CG  OD1  doub N N 50  
ASN CG  ND2  sing N N 51  
ASN ND2 HD21 sing N N 52  
ASN ND2 HD22 sing N N 53  
ASN OXT HXT  sing N N 54  
ASP N   CA   sing N N 55  
ASP N   H    sing N N 56  
ASP N   H2   sing N N 57  
ASP CA  C    sing N N 58  
ASP CA  CB   sing N N 59  
ASP CA  HA   sing N N 60  
ASP C   O    doub N N 61  
ASP C   OXT  sing N N 62  
ASP CB  CG   sing N N 63  
ASP CB  HB2  sing N N 64  
ASP CB  HB3  sing N N 65  
ASP CG  OD1  doub N N 66  
ASP CG  OD2  sing N N 67  
ASP OD2 HD2  sing N N 68  
ASP OXT HXT  sing N N 69  
GLN N   CA   sing N N 70  
GLN N   H    sing N N 71  
GLN N   H2   sing N N 72  
GLN CA  C    sing N N 73  
GLN CA  CB   sing N N 74  
GLN CA  HA   sing N N 75  
GLN C   O    doub N N 76  
GLN C   OXT  sing N N 77  
GLN CB  CG   sing N N 78  
GLN CB  HB2  sing N N 79  
GLN CB  HB3  sing N N 80  
GLN CG  CD   sing N N 81  
GLN CG  HG2  sing N N 82  
GLN CG  HG3  sing N N 83  
GLN CD  OE1  doub N N 84  
GLN CD  NE2  sing N N 85  
GLN NE2 HE21 sing N N 86  
GLN NE2 HE22 sing N N 87  
GLN OXT HXT  sing N N 88  
GLU N   CA   sing N N 89  
GLU N   H    sing N N 90  
GLU N   H2   sing N N 91  
GLU CA  C    sing N N 92  
GLU CA  CB   sing N N 93  
GLU CA  HA   sing N N 94  
GLU C   O    doub N N 95  
GLU C   OXT  sing N N 96  
GLU CB  CG   sing N N 97  
GLU CB  HB2  sing N N 98  
GLU CB  HB3  sing N N 99  
GLU CG  CD   sing N N 100 
GLU CG  HG2  sing N N 101 
GLU CG  HG3  sing N N 102 
GLU CD  OE1  doub N N 103 
GLU CD  OE2  sing N N 104 
GLU OE2 HE2  sing N N 105 
GLU OXT HXT  sing N N 106 
GOL C1  O1   sing N N 107 
GOL C1  C2   sing N N 108 
GOL C1  H11  sing N N 109 
GOL C1  H12  sing N N 110 
GOL O1  HO1  sing N N 111 
GOL C2  O2   sing N N 112 
GOL C2  C3   sing N N 113 
GOL C2  H2   sing N N 114 
GOL O2  HO2  sing N N 115 
GOL C3  O3   sing N N 116 
GOL C3  H31  sing N N 117 
GOL C3  H32  sing N N 118 
GOL O3  HO3  sing N N 119 
HIS N   CA   sing N N 120 
HIS N   H    sing N N 121 
HIS N   H2   sing N N 122 
HIS CA  C    sing N N 123 
HIS CA  CB   sing N N 124 
HIS CA  HA   sing N N 125 
HIS C   O    doub N N 126 
HIS C   OXT  sing N N 127 
HIS CB  CG   sing N N 128 
HIS CB  HB2  sing N N 129 
HIS CB  HB3  sing N N 130 
HIS CG  ND1  sing Y N 131 
HIS CG  CD2  doub Y N 132 
HIS ND1 CE1  doub Y N 133 
HIS ND1 HD1  sing N N 134 
HIS CD2 NE2  sing Y N 135 
HIS CD2 HD2  sing N N 136 
HIS CE1 NE2  sing Y N 137 
HIS CE1 HE1  sing N N 138 
HIS NE2 HE2  sing N N 139 
HIS OXT HXT  sing N N 140 
HOH O   H1   sing N N 141 
HOH O   H2   sing N N 142 
ILE N   CA   sing N N 143 
ILE N   H    sing N N 144 
ILE N   H2   sing N N 145 
ILE CA  C    sing N N 146 
ILE CA  CB   sing N N 147 
ILE CA  HA   sing N N 148 
ILE C   O    doub N N 149 
ILE C   OXT  sing N N 150 
ILE CB  CG1  sing N N 151 
ILE CB  CG2  sing N N 152 
ILE CB  HB   sing N N 153 
ILE CG1 CD1  sing N N 154 
ILE CG1 HG12 sing N N 155 
ILE CG1 HG13 sing N N 156 
ILE CG2 HG21 sing N N 157 
ILE CG2 HG22 sing N N 158 
ILE CG2 HG23 sing N N 159 
ILE CD1 HD11 sing N N 160 
ILE CD1 HD12 sing N N 161 
ILE CD1 HD13 sing N N 162 
ILE OXT HXT  sing N N 163 
LEU N   CA   sing N N 164 
LEU N   H    sing N N 165 
LEU N   H2   sing N N 166 
LEU CA  C    sing N N 167 
LEU CA  CB   sing N N 168 
LEU CA  HA   sing N N 169 
LEU C   O    doub N N 170 
LEU C   OXT  sing N N 171 
LEU CB  CG   sing N N 172 
LEU CB  HB2  sing N N 173 
LEU CB  HB3  sing N N 174 
LEU CG  CD1  sing N N 175 
LEU CG  CD2  sing N N 176 
LEU CG  HG   sing N N 177 
LEU CD1 HD11 sing N N 178 
LEU CD1 HD12 sing N N 179 
LEU CD1 HD13 sing N N 180 
LEU CD2 HD21 sing N N 181 
LEU CD2 HD22 sing N N 182 
LEU CD2 HD23 sing N N 183 
LEU OXT HXT  sing N N 184 
LYS N   CA   sing N N 185 
LYS N   H    sing N N 186 
LYS N   H2   sing N N 187 
LYS CA  C    sing N N 188 
LYS CA  CB   sing N N 189 
LYS CA  HA   sing N N 190 
LYS C   O    doub N N 191 
LYS C   OXT  sing N N 192 
LYS CB  CG   sing N N 193 
LYS CB  HB2  sing N N 194 
LYS CB  HB3  sing N N 195 
LYS CG  CD   sing N N 196 
LYS CG  HG2  sing N N 197 
LYS CG  HG3  sing N N 198 
LYS CD  CE   sing N N 199 
LYS CD  HD2  sing N N 200 
LYS CD  HD3  sing N N 201 
LYS CE  NZ   sing N N 202 
LYS CE  HE2  sing N N 203 
LYS CE  HE3  sing N N 204 
LYS NZ  HZ1  sing N N 205 
LYS NZ  HZ2  sing N N 206 
LYS NZ  HZ3  sing N N 207 
LYS OXT HXT  sing N N 208 
MET N   CA   sing N N 209 
MET N   H    sing N N 210 
MET N   H2   sing N N 211 
MET CA  C    sing N N 212 
MET CA  CB   sing N N 213 
MET CA  HA   sing N N 214 
MET C   O    doub N N 215 
MET C   OXT  sing N N 216 
MET CB  CG   sing N N 217 
MET CB  HB2  sing N N 218 
MET CB  HB3  sing N N 219 
MET CG  SD   sing N N 220 
MET CG  HG2  sing N N 221 
MET CG  HG3  sing N N 222 
MET SD  CE   sing N N 223 
MET CE  HE1  sing N N 224 
MET CE  HE2  sing N N 225 
MET CE  HE3  sing N N 226 
MET OXT HXT  sing N N 227 
PRO N   CA   sing N N 228 
PRO N   CD   sing N N 229 
PRO N   H    sing N N 230 
PRO CA  C    sing N N 231 
PRO CA  CB   sing N N 232 
PRO CA  HA   sing N N 233 
PRO C   O    doub N N 234 
PRO C   OXT  sing N N 235 
PRO CB  CG   sing N N 236 
PRO CB  HB2  sing N N 237 
PRO CB  HB3  sing N N 238 
PRO CG  CD   sing N N 239 
PRO CG  HG2  sing N N 240 
PRO CG  HG3  sing N N 241 
PRO CD  HD2  sing N N 242 
PRO CD  HD3  sing N N 243 
PRO OXT HXT  sing N N 244 
SER N   CA   sing N N 245 
SER N   H    sing N N 246 
SER N   H2   sing N N 247 
SER CA  C    sing N N 248 
SER CA  CB   sing N N 249 
SER CA  HA   sing N N 250 
SER C   O    doub N N 251 
SER C   OXT  sing N N 252 
SER CB  OG   sing N N 253 
SER CB  HB2  sing N N 254 
SER CB  HB3  sing N N 255 
SER OG  HG   sing N N 256 
SER OXT HXT  sing N N 257 
SO4 S   O1   doub N N 258 
SO4 S   O2   doub N N 259 
SO4 S   O3   sing N N 260 
SO4 S   O4   sing N N 261 
THR N   CA   sing N N 262 
THR N   H    sing N N 263 
THR N   H2   sing N N 264 
THR CA  C    sing N N 265 
THR CA  CB   sing N N 266 
THR CA  HA   sing N N 267 
THR C   O    doub N N 268 
THR C   OXT  sing N N 269 
THR CB  OG1  sing N N 270 
THR CB  CG2  sing N N 271 
THR CB  HB   sing N N 272 
THR OG1 HG1  sing N N 273 
THR CG2 HG21 sing N N 274 
THR CG2 HG22 sing N N 275 
THR CG2 HG23 sing N N 276 
THR OXT HXT  sing N N 277 
TYR N   CA   sing N N 278 
TYR N   H    sing N N 279 
TYR N   H2   sing N N 280 
TYR CA  C    sing N N 281 
TYR CA  CB   sing N N 282 
TYR CA  HA   sing N N 283 
TYR C   O    doub N N 284 
TYR C   OXT  sing N N 285 
TYR CB  CG   sing N N 286 
TYR CB  HB2  sing N N 287 
TYR CB  HB3  sing N N 288 
TYR CG  CD1  doub Y N 289 
TYR CG  CD2  sing Y N 290 
TYR CD1 CE1  sing Y N 291 
TYR CD1 HD1  sing N N 292 
TYR CD2 CE2  doub Y N 293 
TYR CD2 HD2  sing N N 294 
TYR CE1 CZ   doub Y N 295 
TYR CE1 HE1  sing N N 296 
TYR CE2 CZ   sing Y N 297 
TYR CE2 HE2  sing N N 298 
TYR CZ  OH   sing N N 299 
TYR OH  HH   sing N N 300 
TYR OXT HXT  sing N N 301 
VAL N   CA   sing N N 302 
VAL N   H    sing N N 303 
VAL N   H2   sing N N 304 
VAL CA  C    sing N N 305 
VAL CA  CB   sing N N 306 
VAL CA  HA   sing N N 307 
VAL C   O    doub N N 308 
VAL C   OXT  sing N N 309 
VAL CB  CG1  sing N N 310 
VAL CB  CG2  sing N N 311 
VAL CB  HB   sing N N 312 
VAL CG1 HG11 sing N N 313 
VAL CG1 HG12 sing N N 314 
VAL CG1 HG13 sing N N 315 
VAL CG2 HG21 sing N N 316 
VAL CG2 HG22 sing N N 317 
VAL CG2 HG23 sing N N 318 
VAL OXT HXT  sing N N 319 
# 
_atom_sites.entry_id                    4L9U 
_atom_sites.fract_transf_matrix[1][1]   0.03887344 
_atom_sites.fract_transf_matrix[1][2]   0.00970878 
_atom_sites.fract_transf_matrix[1][3]   -0.00321150 
_atom_sites.fract_transf_matrix[2][1]   -0.00147666 
_atom_sites.fract_transf_matrix[2][2]   0.00587522 
_atom_sites.fract_transf_matrix[2][3]   -0.00011262 
_atom_sites.fract_transf_matrix[3][1]   0.00257719 
_atom_sites.fract_transf_matrix[3][2]   0.00132233 
_atom_sites.fract_transf_matrix[3][3]   0.03519299 
_atom_sites.fract_transf_vector[1]      -0.442840 
_atom_sites.fract_transf_vector[2]      0.197681 
_atom_sites.fract_transf_vector[3]      -0.295468 
# 
loop_
_atom_type.symbol 
C 
N 
O 
S 
# 
loop_
_atom_site.group_PDB 
_atom_site.id 
_atom_site.type_symbol 
_atom_site.label_atom_id 
_atom_site.label_alt_id 
_atom_site.label_comp_id 
_atom_site.label_asym_id 
_atom_site.label_entity_id 
_atom_site.label_seq_id 
_atom_site.pdbx_PDB_ins_code 
_atom_site.Cartn_x 
_atom_site.Cartn_y 
_atom_site.Cartn_z 
_atom_site.occupancy 
_atom_site.B_iso_or_equiv 
_atom_site.pdbx_formal_charge 
_atom_site.auth_seq_id 
_atom_site.auth_comp_id 
_atom_site.auth_asym_id 
_atom_site.auth_atom_id 
_atom_site.pdbx_PDB_model_num 
ATOM   1   N N   . LEU A 1 8  ? 3.386   -29.426 13.839  1.00 80.88 ? 745 LEU A N   1 
ATOM   2   C CA  . LEU A 1 8  ? 3.863   -28.519 12.800  1.00 77.89 ? 745 LEU A CA  1 
ATOM   3   C C   . LEU A 1 8  ? 2.806   -28.325 11.719  1.00 70.47 ? 745 LEU A C   1 
ATOM   4   O O   . LEU A 1 8  ? 2.020   -29.233 11.452  1.00 69.99 ? 745 LEU A O   1 
ATOM   5   C CB  . LEU A 1 8  ? 5.152   -29.059 12.168  1.00 81.23 ? 745 LEU A CB  1 
ATOM   6   C CG  . LEU A 1 8  ? 6.485   -28.790 12.876  1.00 82.85 ? 745 LEU A CG  1 
ATOM   7   C CD1 . LEU A 1 8  ? 6.634   -27.304 13.159  1.00 81.34 ? 745 LEU A CD1 1 
ATOM   8   C CD2 . LEU A 1 8  ? 6.641   -29.612 14.156  1.00 87.42 ? 745 LEU A CD2 1 
ATOM   9   N N   . PRO A 1 9  ? 2.773   -27.137 11.090  1.00 70.95 ? 746 PRO A N   1 
ATOM   10  C CA  . PRO A 1 9  ? 1.804   -27.023 9.994   1.00 63.67 ? 746 PRO A CA  1 
ATOM   11  C C   . PRO A 1 9  ? 2.181   -27.932 8.828   1.00 61.81 ? 746 PRO A C   1 
ATOM   12  O O   . PRO A 1 9  ? 3.353   -28.274 8.630   1.00 54.87 ? 746 PRO A O   1 
ATOM   13  C CB  . PRO A 1 9  ? 1.874   -25.545 9.594   1.00 62.63 ? 746 PRO A CB  1 
ATOM   14  C CG  . PRO A 1 9  ? 3.173   -25.053 10.122  1.00 64.19 ? 746 PRO A CG  1 
ATOM   15  C CD  . PRO A 1 9  ? 3.489   -25.874 11.343  1.00 66.40 ? 746 PRO A CD  1 
ATOM   16  N N   . THR A 1 10 ? 1.173   -28.350 8.078   1.00 53.96 ? 747 THR A N   1 
ATOM   17  C CA  . THR A 1 10 ? 1.394   -29.247 6.962   1.00 55.46 ? 747 THR A CA  1 
ATOM   18  C C   . THR A 1 10 ? 2.007   -28.429 5.833   1.00 52.76 ? 747 THR A C   1 
ATOM   19  O O   . THR A 1 10 ? 1.945   -27.192 5.852   1.00 49.66 ? 747 THR A O   1 
ATOM   20  C CB  . THR A 1 10 ? 0.066   -29.960 6.563   1.00 71.72 ? 747 THR A CB  1 
ATOM   21  O OG1 . THR A 1 10 ? 0.324   -31.271 6.060   1.00 82.94 ? 747 THR A OG1 1 
ATOM   22  C CG2 . THR A 1 10 ? -0.694  -29.184 5.543   1.00 57.28 ? 747 THR A CG2 1 
ATOM   23  N N   . TYR A 1 11 ? 2.635   -29.096 4.873   1.00 56.63 ? 748 TYR A N   1 
ATOM   24  C CA  . TYR A 1 11 ? 3.196   -28.405 3.712   1.00 60.88 ? 748 TYR A CA  1 
ATOM   25  C C   . TYR A 1 11 ? 2.077   -27.713 2.923   1.00 57.55 ? 748 TYR A C   1 
ATOM   26  O O   . TYR A 1 11 ? 2.240   -26.593 2.424   1.00 47.70 ? 748 TYR A O   1 
ATOM   27  C CB  . TYR A 1 11 ? 3.948   -29.419 2.856   1.00 55.30 ? 748 TYR A CB  1 
ATOM   28  C CG  . TYR A 1 11 ? 4.584   -28.919 1.574   1.00 54.51 ? 748 TYR A CG  1 
ATOM   29  C CD1 . TYR A 1 11 ? 3.823   -28.726 0.426   1.00 54.22 ? 748 TYR A CD1 1 
ATOM   30  C CD2 . TYR A 1 11 ? 5.958   -28.719 1.490   1.00 63.67 ? 748 TYR A CD2 1 
ATOM   31  C CE1 . TYR A 1 11 ? 4.401   -28.306 -0.749  1.00 54.07 ? 748 TYR A CE1 1 
ATOM   32  C CE2 . TYR A 1 11 ? 6.546   -28.296 0.313   1.00 54.62 ? 748 TYR A CE2 1 
ATOM   33  C CZ  . TYR A 1 11 ? 5.761   -28.101 -0.801  1.00 54.29 ? 748 TYR A CZ  1 
ATOM   34  O OH  . TYR A 1 11 ? 6.331   -27.687 -1.980  1.00 63.50 ? 748 TYR A OH  1 
ATOM   35  N N   . GLN A 1 12 ? 0.931   -28.380 2.832   1.00 58.89 ? 749 GLN A N   1 
ATOM   36  C CA  . GLN A 1 12 ? -0.248  -27.823 2.164   1.00 58.74 ? 749 GLN A CA  1 
ATOM   37  C C   . GLN A 1 12 ? -0.792  -26.557 2.849   1.00 52.01 ? 749 GLN A C   1 
ATOM   38  O O   . GLN A 1 12 ? -1.219  -25.608 2.172   1.00 46.99 ? 749 GLN A O   1 
ATOM   39  C CB  . GLN A 1 12 ? -1.339  -28.894 2.056   1.00 67.83 ? 749 GLN A CB  1 
ATOM   40  C CG  . GLN A 1 12 ? -1.628  -29.365 0.637   1.00 78.36 ? 749 GLN A CG  1 
ATOM   41  C CD  . GLN A 1 12 ? -2.819  -28.648 0.028   1.00 86.70 ? 749 GLN A CD  1 
ATOM   42  O OE1 . GLN A 1 12 ? -3.890  -28.577 0.635   1.00 89.00 ? 749 GLN A OE1 1 
ATOM   43  N NE2 . GLN A 1 12 ? -2.637  -28.103 -1.172  1.00 88.71 ? 749 GLN A NE2 1 
ATOM   44  N N   . GLU A 1 13 ? -0.781  -26.542 4.182   1.00 51.46 ? 750 GLU A N   1 
ATOM   45  C CA  . GLU A 1 13 ? -1.169  -25.359 4.962   1.00 52.31 ? 750 GLU A CA  1 
ATOM   46  C C   . GLU A 1 13 ? -0.238  -24.187 4.646   1.00 48.53 ? 750 GLU A C   1 
ATOM   47  O O   . GLU A 1 13 ? -0.693  -23.071 4.388   1.00 40.82 ? 750 GLU A O   1 
ATOM   48  C CB  . GLU A 1 13 ? -1.150  -25.671 6.473   1.00 57.28 ? 750 GLU A CB  1 
ATOM   49  C CG  . GLU A 1 13 ? -2.395  -26.404 7.014   1.00 66.45 ? 750 GLU A CG  1 
ATOM   50  C CD  . GLU A 1 13 ? -2.162  -27.084 8.369   1.00 73.98 ? 750 GLU A CD  1 
ATOM   51  O OE1 . GLU A 1 13 ? -2.933  -26.834 9.323   1.00 80.26 ? 750 GLU A OE1 1 
ATOM   52  O OE2 . GLU A 1 13 ? -1.215  -27.888 8.477   1.00 71.81 ? 750 GLU A OE2 1 
ATOM   53  N N   . LEU A 1 14 ? 1.066   -24.452 4.660   1.00 46.76 ? 751 LEU A N   1 
ATOM   54  C CA  . LEU A 1 14 ? 2.075   -23.452 4.303   1.00 40.43 ? 751 LEU A CA  1 
ATOM   55  C C   . LEU A 1 14 ? 1.796   -22.861 2.929   1.00 38.92 ? 751 LEU A C   1 
ATOM   56  O O   . LEU A 1 14 ? 1.914   -21.649 2.726   1.00 37.81 ? 751 LEU A O   1 
ATOM   57  C CB  . LEU A 1 14 ? 3.464   -24.090 4.310   1.00 54.57 ? 751 LEU A CB  1 
ATOM   58  C CG  . LEU A 1 14 ? 4.322   -23.788 5.531   1.00 56.16 ? 751 LEU A CG  1 
ATOM   59  C CD1 . LEU A 1 14 ? 3.478   -23.826 6.796   1.00 57.59 ? 751 LEU A CD1 1 
ATOM   60  C CD2 . LEU A 1 14 ? 5.485   -24.763 5.611   1.00 49.19 ? 751 LEU A CD2 1 
ATOM   61  N N   . GLU A 1 15 ? 1.425   -23.727 1.990   1.00 41.72 ? 752 GLU A N   1 
ATOM   62  C CA  . GLU A 1 15 ? 1.034   -23.292 0.654   1.00 40.28 ? 752 GLU A CA  1 
ATOM   63  C C   . GLU A 1 15 ? -0.152  -22.331 0.713   1.00 40.50 ? 752 GLU A C   1 
ATOM   64  O O   . GLU A 1 15 ? -0.160  -21.306 0.035   1.00 41.93 ? 752 GLU A O   1 
ATOM   65  C CB  . GLU A 1 15 ? 0.683   -24.496 -0.215  1.00 43.51 ? 752 GLU A CB  1 
ATOM   66  C CG  . GLU A 1 15 ? 1.896   -25.160 -0.852  1.00 53.47 ? 752 GLU A CG  1 
ATOM   67  C CD  . GLU A 1 15 ? 1.517   -26.320 -1.754  1.00 63.33 ? 752 GLU A CD  1 
ATOM   68  O OE1 . GLU A 1 15 ? 0.405   -26.861 -1.591  1.00 68.83 ? 752 GLU A OE1 1 
ATOM   69  O OE2 . GLU A 1 15 ? 2.330   -26.696 -2.625  1.00 67.30 ? 752 GLU A OE2 1 
ATOM   70  N N   . GLN A 1 16 ? -1.157  -22.677 1.516   1.00 43.64 ? 753 GLN A N   1 
ATOM   71  C CA  . GLN A 1 16 ? -2.352  -21.842 1.638   1.00 41.81 ? 753 GLN A CA  1 
ATOM   72  C C   . GLN A 1 16 ? -1.996  -20.524 2.294   1.00 38.32 ? 753 GLN A C   1 
ATOM   73  O O   . GLN A 1 16 ? -2.531  -19.480 1.920   1.00 41.35 ? 753 GLN A O   1 
ATOM   74  C CB  . GLN A 1 16 ? -3.455  -22.554 2.430   1.00 43.86 ? 753 GLN A CB  1 
ATOM   75  C CG  . GLN A 1 16 ? -3.865  -23.896 1.833   1.00 59.07 ? 753 GLN A CG  1 
ATOM   76  C CD  . GLN A 1 16 ? -5.112  -24.481 2.471   1.00 68.27 ? 753 GLN A CD  1 
ATOM   77  O OE1 . GLN A 1 16 ? -5.244  -24.529 3.695   1.00 72.99 ? 753 GLN A OE1 1 
ATOM   78  N NE2 . GLN A 1 16 ? -6.037  -24.937 1.634   1.00 72.22 ? 753 GLN A NE2 1 
ATOM   79  N N   . GLU A 1 17 ? -1.085  -20.567 3.264   1.00 37.55 ? 754 GLU A N   1 
ATOM   80  C CA  A GLU A 1 17 ? -0.667  -19.347 3.952   0.52 40.00 ? 754 GLU A CA  1 
ATOM   81  C CA  B GLU A 1 17 ? -0.663  -19.354 3.953   0.48 39.97 ? 754 GLU A CA  1 
ATOM   82  C C   . GLU A 1 17 ? 0.039   -18.405 2.984   1.00 36.72 ? 754 GLU A C   1 
ATOM   83  O O   . GLU A 1 17 ? -0.161  -17.187 3.025   1.00 32.38 ? 754 GLU A O   1 
ATOM   84  C CB  A GLU A 1 17 ? 0.237   -19.667 5.152   0.52 42.38 ? 754 GLU A CB  1 
ATOM   85  C CB  B GLU A 1 17 ? 0.259   -19.701 5.127   0.48 41.57 ? 754 GLU A CB  1 
ATOM   86  C CG  A GLU A 1 17 ? 0.870   -18.437 5.831   0.52 44.69 ? 754 GLU A CG  1 
ATOM   87  C CG  B GLU A 1 17 ? 0.691   -18.490 5.940   0.48 44.23 ? 754 GLU A CG  1 
ATOM   88  C CD  A GLU A 1 17 ? -0.127  -17.571 6.602   0.52 48.00 ? 754 GLU A CD  1 
ATOM   89  C CD  B GLU A 1 17 ? 1.513   -18.857 7.159   0.48 45.67 ? 754 GLU A CD  1 
ATOM   90  O OE1 A GLU A 1 17 ? -1.324  -17.925 6.657   0.52 50.61 ? 754 GLU A OE1 1 
ATOM   91  O OE1 B GLU A 1 17 ? 1.530   -20.051 7.536   0.48 42.38 ? 754 GLU A OE1 1 
ATOM   92  O OE2 A GLU A 1 17 ? 0.293   -16.531 7.161   0.52 49.62 ? 754 GLU A OE2 1 
ATOM   93  O OE2 B GLU A 1 17 ? 2.145   -17.943 7.734   0.48 42.44 ? 754 GLU A OE2 1 
ATOM   94  N N   . ILE A 1 18 ? 0.864   -18.970 2.107   1.00 34.92 ? 755 ILE A N   1 
ATOM   95  C CA  . ILE A 1 18 ? 1.586   -18.172 1.113   1.00 32.72 ? 755 ILE A CA  1 
ATOM   96  C C   . ILE A 1 18 ? 0.594   -17.493 0.181   1.00 34.63 ? 755 ILE A C   1 
ATOM   97  O O   . ILE A 1 18 ? 0.727   -16.307 -0.124  1.00 33.50 ? 755 ILE A O   1 
ATOM   98  C CB  . ILE A 1 18 ? 2.601   -19.053 0.331   1.00 36.62 ? 755 ILE A CB  1 
ATOM   99  C CG1 . ILE A 1 18 ? 3.862   -19.243 1.168   1.00 32.32 ? 755 ILE A CG1 1 
ATOM   100 C CG2 . ILE A 1 18 ? 2.963   -18.420 -1.006  1.00 33.90 ? 755 ILE A CG2 1 
ATOM   101 C CD1 . ILE A 1 18 ? 4.669   -20.466 0.809   1.00 35.21 ? 755 ILE A CD1 1 
ATOM   102 N N   . ASN A 1 19 ? -0.425  -18.237 -0.235  1.00 33.40 ? 756 ASN A N   1 
ATOM   103 C CA  . ASN A 1 19 ? -1.483  -17.688 -1.087  1.00 35.27 ? 756 ASN A CA  1 
ATOM   104 C C   . ASN A 1 19 ? -2.202  -16.520 -0.430  1.00 35.95 ? 756 ASN A C   1 
ATOM   105 O O   . ASN A 1 19 ? -2.490  -15.506 -1.084  1.00 29.73 ? 756 ASN A O   1 
ATOM   106 C CB  . ASN A 1 19 ? -2.491  -18.784 -1.464  1.00 42.68 ? 756 ASN A CB  1 
ATOM   107 C CG  . ASN A 1 19 ? -1.940  -19.759 -2.496  1.00 49.88 ? 756 ASN A CG  1 
ATOM   108 O OD1 . ASN A 1 19 ? -1.125  -19.385 -3.346  1.00 52.24 ? 756 ASN A OD1 1 
ATOM   109 N ND2 . ASN A 1 19 ? -2.382  -21.015 -2.425  1.00 51.86 ? 756 ASN A ND2 1 
ATOM   110 N N   . THR A 1 20 ? -2.489  -16.657 0.865   1.00 27.64 ? 757 THR A N   1 
ATOM   111 C CA  . THR A 1 20 ? -3.119  -15.571 1.628   1.00 28.29 ? 757 THR A CA  1 
ATOM   112 C C   . THR A 1 20 ? -2.205  -14.350 1.722   1.00 24.10 ? 757 THR A C   1 
ATOM   113 O O   . THR A 1 20 ? -2.638  -13.189 1.553   1.00 24.58 ? 757 THR A O   1 
ATOM   114 C CB  . THR A 1 20 ? -3.444  -16.051 3.046   1.00 31.20 ? 757 THR A CB  1 
ATOM   115 O OG1 . THR A 1 20 ? -4.309  -17.195 2.977   1.00 36.07 ? 757 THR A OG1 1 
ATOM   116 C CG2 . THR A 1 20 ? -4.106  -14.945 3.843   1.00 33.47 ? 757 THR A CG2 1 
ATOM   117 N N   . LEU A 1 21 ? -0.921  -14.601 1.985   1.00 26.09 ? 758 LEU A N   1 
ATOM   118 C CA  . LEU A 1 21 ? 0.035   -13.514 2.172   1.00 22.25 ? 758 LEU A CA  1 
ATOM   119 C C   . LEU A 1 21 ? 0.323   -12.810 0.860   1.00 22.21 ? 758 LEU A C   1 
ATOM   120 O O   . LEU A 1 21 ? 0.520   -11.592 0.849   1.00 21.87 ? 758 LEU A O   1 
ATOM   121 C CB  . LEU A 1 21 ? 1.358   -14.059 2.747   1.00 25.63 ? 758 LEU A CB  1 
ATOM   122 C CG  . LEU A 1 21 ? 1.354   -14.500 4.210   1.00 33.16 ? 758 LEU A CG  1 
ATOM   123 C CD1 . LEU A 1 21 ? 2.646   -15.232 4.562   1.00 29.96 ? 758 LEU A CD1 1 
ATOM   124 C CD2 . LEU A 1 21 ? 1.134   -13.306 5.144   1.00 35.30 ? 758 LEU A CD2 1 
ATOM   125 N N   . LYS A 1 22 ? 0.367   -13.564 -0.244  1.00 23.84 ? 759 LYS A N   1 
ATOM   126 C CA  . LYS A 1 22 ? 0.515   -12.922 -1.563  1.00 21.82 ? 759 LYS A CA  1 
ATOM   127 C C   . LYS A 1 22 ? -0.684  -12.030 -1.866  1.00 20.73 ? 759 LYS A C   1 
ATOM   128 O O   . LYS A 1 22 ? -0.515  -10.912 -2.357  1.00 24.32 ? 759 LYS A O   1 
ATOM   129 C CB  . LYS A 1 22 ? 0.713   -13.950 -2.684  1.00 26.00 ? 759 LYS A CB  1 
ATOM   130 C CG  . LYS A 1 22 ? 2.150   -14.484 -2.795  1.00 32.04 ? 759 LYS A CG  1 
ATOM   131 C CD  . LYS A 1 22 ? 2.260   -15.634 -3.806  1.00 38.08 ? 759 LYS A CD  1 
ATOM   132 C CE  . LYS A 1 22 ? 3.694   -15.789 -4.299  1.00 48.96 ? 759 LYS A CE  1 
ATOM   133 N NZ  . LYS A 1 22 ? 3.815   -16.808 -5.390  1.00 59.44 ? 759 LYS A NZ  1 
ATOM   134 N N   . ALA A 1 23 ? -1.890  -12.517 -1.570  1.00 25.25 ? 760 ALA A N   1 
ATOM   135 C CA  . ALA A 1 23 ? -3.105  -11.699 -1.762  1.00 22.74 ? 760 ALA A CA  1 
ATOM   136 C C   . ALA A 1 23 ? -3.062  -10.427 -0.907  1.00 23.78 ? 760 ALA A C   1 
ATOM   137 O O   . ALA A 1 23 ? -3.428  -9.335  -1.375  1.00 19.52 ? 760 ALA A O   1 
ATOM   138 C CB  . ALA A 1 23 ? -4.342  -12.496 -1.447  1.00 24.36 ? 760 ALA A CB  1 
ATOM   139 N N   . ASP A 1 24 ? -2.608  -10.556 0.338   1.00 21.38 ? 761 ASP A N   1 
ATOM   140 C CA  . ASP A 1 24 ? -2.457  -9.377  1.196   1.00 18.47 ? 761 ASP A CA  1 
ATOM   141 C C   . ASP A 1 24 ? -1.451  -8.405  0.590   1.00 19.80 ? 761 ASP A C   1 
ATOM   142 O O   . ASP A 1 24 ? -1.651  -7.198  0.633   1.00 18.78 ? 761 ASP A O   1 
ATOM   143 C CB  . ASP A 1 24 ? -1.944  -9.778  2.580   1.00 23.09 ? 761 ASP A CB  1 
ATOM   144 C CG  . ASP A 1 24 ? -2.923  -10.629 3.371   1.00 33.16 ? 761 ASP A CG  1 
ATOM   145 O OD1 . ASP A 1 24 ? -4.159  -10.538 3.162   1.00 29.76 ? 761 ASP A OD1 1 
ATOM   146 O OD2 . ASP A 1 24 ? -2.434  -11.389 4.238   1.00 31.80 ? 761 ASP A OD2 1 
ATOM   147 N N   . ASN A 1 25 ? -0.348  -8.936  0.068   1.00 19.35 ? 762 ASN A N   1 
ATOM   148 C CA  . ASN A 1 25 ? 0.684   -8.119  -0.586  1.00 19.90 ? 762 ASN A CA  1 
ATOM   149 C C   . ASN A 1 25 ? 0.114   -7.348  -1.776  1.00 19.90 ? 762 ASN A C   1 
ATOM   150 O O   . ASN A 1 25 ? 0.338   -6.149  -1.890  1.00 19.70 ? 762 ASN A O   1 
ATOM   151 C CB  . ASN A 1 25 ? 1.846   -9.032  -1.029  1.00 20.57 ? 762 ASN A CB  1 
ATOM   152 C CG  . ASN A 1 25 ? 3.060   -8.271  -1.558  1.00 28.82 ? 762 ASN A CG  1 
ATOM   153 O OD1 . ASN A 1 25 ? 3.221   -8.093  -2.774  1.00 32.26 ? 762 ASN A OD1 1 
ATOM   154 N ND2 . ASN A 1 25 ? 3.958   -7.887  -0.655  1.00 25.52 ? 762 ASN A ND2 1 
ATOM   155 N N   . ASP A 1 26 ? -0.625  -8.038  -2.644  1.00 21.73 ? 763 ASP A N   1 
ATOM   156 C CA  . ASP A 1 26 ? -1.209  -7.423  -3.831  1.00 17.01 ? 763 ASP A CA  1 
ATOM   157 C C   . ASP A 1 26 ? -2.169  -6.310  -3.390  1.00 20.64 ? 763 ASP A C   1 
ATOM   158 O O   . ASP A 1 26 ? -2.172  -5.211  -3.961  1.00 19.32 ? 763 ASP A O   1 
ATOM   159 C CB  . ASP A 1 26 ? -1.972  -8.455  -4.681  1.00 20.93 ? 763 ASP A CB  1 
ATOM   160 C CG  . ASP A 1 26 ? -1.054  -9.434  -5.395  1.00 36.66 ? 763 ASP A CG  1 
ATOM   161 O OD1 . ASP A 1 26 ? 0.163   -9.167  -5.499  1.00 40.52 ? 763 ASP A OD1 1 
ATOM   162 O OD2 . ASP A 1 26 ? -1.563  -10.476 -5.861  1.00 41.08 ? 763 ASP A OD2 1 
ATOM   163 N N   . ALA A 1 27 ? -2.967  -6.569  -2.356  1.00 16.05 ? 764 ALA A N   1 
ATOM   164 C CA  . ALA A 1 27 ? -3.942  -5.547  -1.944  1.00 16.18 ? 764 ALA A CA  1 
ATOM   165 C C   . ALA A 1 27 ? -3.256  -4.321  -1.369  1.00 15.97 ? 764 ALA A C   1 
ATOM   166 O O   . ALA A 1 27 ? -3.701  -3.191  -1.611  1.00 15.62 ? 764 ALA A O   1 
ATOM   167 C CB  . ALA A 1 27 ? -4.901  -6.109  -0.910  1.00 17.21 ? 764 ALA A CB  1 
ATOM   168 N N   . LEU A 1 28 ? -2.220  -4.533  -0.553  1.00 13.74 ? 765 LEU A N   1 
ATOM   169 C CA  . LEU A 1 28 ? -1.545  -3.394  0.075   1.00 12.83 ? 765 LEU A CA  1 
ATOM   170 C C   . LEU A 1 28 ? -0.842  -2.545  -0.988  1.00 13.54 ? 765 LEU A C   1 
ATOM   171 O O   . LEU A 1 28 ? -0.839  -1.307  -0.906  1.00 15.20 ? 765 LEU A O   1 
ATOM   172 C CB  . LEU A 1 28 ? -0.512  -3.885  1.095   1.00 15.84 ? 765 LEU A CB  1 
ATOM   173 C CG  . LEU A 1 28 ? -1.085  -4.469  2.395   1.00 18.97 ? 765 LEU A CG  1 
ATOM   174 C CD1 . LEU A 1 28 ? -0.034  -5.345  3.143   1.00 14.12 ? 765 LEU A CD1 1 
ATOM   175 C CD2 . LEU A 1 28 ? -1.583  -3.343  3.281   1.00 17.49 ? 765 LEU A CD2 1 
ATOM   176 N N   . LYS A 1 29 ? -0.306  -3.200  -2.009  1.00 13.66 ? 766 LYS A N   1 
ATOM   177 C CA  A LYS A 1 29 ? 0.381   -2.483  -3.075  0.15 16.87 ? 766 LYS A CA  1 
ATOM   178 C CA  B LYS A 1 29 ? 0.387   -2.475  -3.084  0.85 16.17 ? 766 LYS A CA  1 
ATOM   179 C C   . LYS A 1 29 ? -0.584  -1.600  -3.850  1.00 20.42 ? 766 LYS A C   1 
ATOM   180 O O   . LYS A 1 29 ? -0.259  -0.459  -4.181  1.00 18.23 ? 766 LYS A O   1 
ATOM   181 C CB  A LYS A 1 29 ? 1.096   -3.449  -4.022  0.15 19.20 ? 766 LYS A CB  1 
ATOM   182 C CB  B LYS A 1 29 ? 1.112   -3.417  -4.052  0.85 18.31 ? 766 LYS A CB  1 
ATOM   183 C CG  A LYS A 1 29 ? 2.391   -4.005  -3.453  0.15 21.77 ? 766 LYS A CG  1 
ATOM   184 C CG  B LYS A 1 29 ? 2.402   -3.981  -3.482  0.85 21.28 ? 766 LYS A CG  1 
ATOM   185 C CD  A LYS A 1 29 ? 3.152   -4.796  -4.501  0.15 27.02 ? 766 LYS A CD  1 
ATOM   186 C CD  B LYS A 1 29 ? 3.115   -4.855  -4.496  0.85 26.44 ? 766 LYS A CD  1 
ATOM   187 C CE  A LYS A 1 29 ? 4.479   -5.288  -3.954  0.15 32.09 ? 766 LYS A CE  1 
ATOM   188 C CE  B LYS A 1 29 ? 4.471   -5.297  -3.971  0.85 32.11 ? 766 LYS A CE  1 
ATOM   189 N NZ  A LYS A 1 29 ? 5.333   -5.861  -5.032  0.15 37.39 ? 766 LYS A NZ  1 
ATOM   190 N NZ  B LYS A 1 29 ? 5.251   -5.998  -5.043  0.85 40.30 ? 766 LYS A NZ  1 
ATOM   191 N N   . ILE A 1 30 ? -1.773  -2.129  -4.144  1.00 16.00 ? 767 ILE A N   1 
ATOM   192 C CA  A ILE A 1 30 ? -2.826  -1.409  -4.857  0.49 17.80 ? 767 ILE A CA  1 
ATOM   193 C CA  B ILE A 1 30 ? -2.695  -1.321  -4.924  0.51 17.66 ? 767 ILE A CA  1 
ATOM   194 C C   . ILE A 1 30 ? -3.225  -0.205  -4.029  1.00 16.92 ? 767 ILE A C   1 
ATOM   195 O O   . ILE A 1 30 ? -3.321  0.932   -4.511  1.00 17.17 ? 767 ILE A O   1 
ATOM   196 C CB  A ILE A 1 30 ? -4.073  -2.295  -4.991  0.49 18.00 ? 767 ILE A CB  1 
ATOM   197 C CB  B ILE A 1 30 ? -3.795  -2.126  -5.688  0.51 20.89 ? 767 ILE A CB  1 
ATOM   198 C CG1 A ILE A 1 30 ? -3.866  -3.351  -6.065  0.49 22.89 ? 767 ILE A CG1 1 
ATOM   199 C CG1 B ILE A 1 30 ? -4.486  -1.264  -6.761  0.51 22.63 ? 767 ILE A CG1 1 
ATOM   200 C CG2 A ILE A 1 30 ? -5.316  -1.493  -5.371  0.49 16.59 ? 767 ILE A CG2 1 
ATOM   201 C CG2 B ILE A 1 30 ? -4.859  -2.651  -4.743  0.51 13.87 ? 767 ILE A CG2 1 
ATOM   202 C CD1 A ILE A 1 30 ? -5.135  -4.058  -6.403  0.49 32.83 ? 767 ILE A CD1 1 
ATOM   203 C CD1 B ILE A 1 30 ? -3.672  -0.975  -8.035  0.51 20.02 ? 767 ILE A CD1 1 
ATOM   204 N N   . GLN A 1 31 ? -3.476  -0.480  -2.743  1.00 14.58 ? 768 GLN A N   1 
ATOM   205 C CA  . GLN A 1 31 ? -3.951  0.587   -1.844  1.00 14.56 ? 768 GLN A CA  1 
ATOM   206 C C   . GLN A 1 31 ? -2.870  1.670   -1.671  1.00 13.93 ? 768 GLN A C   1 
ATOM   207 O O   . GLN A 1 31 ? -3.189  2.862   -1.582  1.00 13.79 ? 768 GLN A O   1 
ATOM   208 C CB  . GLN A 1 31 ? -4.363  0.022   -0.483  1.00 13.48 ? 768 GLN A CB  1 
ATOM   209 C CG  . GLN A 1 31 ? -5.101  1.028   0.361   1.00 17.27 ? 768 GLN A CG  1 
ATOM   210 C CD  . GLN A 1 31 ? -6.486  1.336   -0.170  1.00 27.21 ? 768 GLN A CD  1 
ATOM   211 O OE1 . GLN A 1 31 ? -7.009  0.620   -1.036  1.00 24.32 ? 768 GLN A OE1 1 
ATOM   212 N NE2 . GLN A 1 31 ? -7.101  2.400   0.358   1.00 26.28 ? 768 GLN A NE2 1 
ATOM   213 N N   . LEU A 1 32 ? -1.603  1.272   -1.615  1.00 13.36 ? 769 LEU A N   1 
ATOM   214 C CA  . LEU A 1 32 ? -0.531  2.251   -1.508  1.00 12.99 ? 769 LEU A CA  1 
ATOM   215 C C   . LEU A 1 32 ? -0.451  3.140   -2.750  1.00 14.80 ? 769 LEU A C   1 
ATOM   216 O O   . LEU A 1 32 ? -0.308  4.351   -2.621  1.00 14.34 ? 769 LEU A O   1 
ATOM   217 C CB  . LEU A 1 32 ? 0.828   1.573   -1.230  1.00 11.03 ? 769 LEU A CB  1 
ATOM   218 C CG  . LEU A 1 32 ? 2.020   2.527   -1.118  1.00 13.87 ? 769 LEU A CG  1 
ATOM   219 C CD1 . LEU A 1 32 ? 1.828   3.472   0.086   1.00 14.16 ? 769 LEU A CD1 1 
ATOM   220 C CD2 . LEU A 1 32 ? 3.300   1.735   -0.950  1.00 16.61 ? 769 LEU A CD2 1 
ATOM   221 N N   . LYS A 1 33 ? -0.570  2.572   -3.951  1.00 15.15 ? 770 LYS A N   1 
ATOM   222 C CA  . LYS A 1 33 ? -0.575  3.391   -5.161  1.00 17.03 ? 770 LYS A CA  1 
ATOM   223 C C   . LYS A 1 33 ? -1.742  4.361   -5.140  1.00 14.91 ? 770 LYS A C   1 
ATOM   224 O O   . LYS A 1 33 ? -1.592  5.546   -5.466  1.00 15.36 ? 770 LYS A O   1 
ATOM   225 C CB  . LYS A 1 33 ? -0.659  2.494   -6.420  1.00 19.12 ? 770 LYS A CB  1 
ATOM   226 C CG  . LYS A 1 33 ? -0.781  3.286   -7.704  1.00 25.68 ? 770 LYS A CG  1 
ATOM   227 C CD  . LYS A 1 33 ? -0.973  2.376   -8.903  1.00 33.05 ? 770 LYS A CD  1 
ATOM   228 C CE  . LYS A 1 33 ? 0.186   1.401   -9.045  1.00 48.42 ? 770 LYS A CE  1 
ATOM   229 N NZ  . LYS A 1 33 ? 1.352   2.022   -9.734  1.00 57.61 ? 770 LYS A NZ  1 
ATOM   230 N N   . TYR A 1 34 ? -2.921  3.860   -4.772  1.00 13.61 ? 771 TYR A N   1 
ATOM   231 C CA  . TYR A 1 34 ? -4.129  4.685   -4.670  1.00 15.39 ? 771 TYR A CA  1 
ATOM   232 C C   . TYR A 1 34 ? -3.915  5.820   -3.683  1.00 14.73 ? 771 TYR A C   1 
ATOM   233 O O   . TYR A 1 34 ? -4.293  6.969   -3.948  1.00 13.42 ? 771 TYR A O   1 
ATOM   234 C CB  . TYR A 1 34 ? -5.266  3.774   -4.222  1.00 20.20 ? 771 TYR A CB  1 
ATOM   235 C CG  . TYR A 1 34 ? -6.577  4.396   -3.847  1.00 22.12 ? 771 TYR A CG  1 
ATOM   236 C CD1 . TYR A 1 34 ? -7.487  4.789   -4.819  1.00 21.16 ? 771 TYR A CD1 1 
ATOM   237 C CD2 . TYR A 1 34 ? -6.948  4.510   -2.512  1.00 25.97 ? 771 TYR A CD2 1 
ATOM   238 C CE1 . TYR A 1 34 ? -8.722  5.324   -4.474  1.00 23.69 ? 771 TYR A CE1 1 
ATOM   239 C CE2 . TYR A 1 34 ? -8.187  5.048   -2.155  1.00 26.62 ? 771 TYR A CE2 1 
ATOM   240 C CZ  . TYR A 1 34 ? -9.057  5.460   -3.135  1.00 27.68 ? 771 TYR A CZ  1 
ATOM   241 O OH  . TYR A 1 34 ? -10.288 5.993   -2.794  1.00 38.17 ? 771 TYR A OH  1 
ATOM   242 N N   . ALA A 1 35 ? -3.303  5.522   -2.538  1.00 12.28 ? 772 ALA A N   1 
ATOM   243 C CA  . ALA A 1 35 ? -3.061  6.583   -1.534  1.00 14.11 ? 772 ALA A CA  1 
ATOM   244 C C   . ALA A 1 35 ? -2.048  7.618   -2.000  1.00 13.35 ? 772 ALA A C   1 
ATOM   245 O O   . ALA A 1 35 ? -2.192  8.839   -1.735  1.00 12.64 ? 772 ALA A O   1 
ATOM   246 C CB  . ALA A 1 35 ? -2.573  5.943   -0.177  1.00 14.80 ? 772 ALA A CB  1 
ATOM   247 N N   . GLN A 1 36 ? -1.028  7.161   -2.710  1.00 12.56 ? 773 GLN A N   1 
ATOM   248 C CA  . GLN A 1 36 ? -0.008  8.110   -3.212  1.00 14.90 ? 773 GLN A CA  1 
ATOM   249 C C   . GLN A 1 36 ? -0.606  9.014   -4.277  1.00 15.50 ? 773 GLN A C   1 
ATOM   250 O O   . GLN A 1 36 ? -0.241  10.198  -4.381  1.00 15.48 ? 773 GLN A O   1 
ATOM   251 C CB  . GLN A 1 36 ? 1.216   7.380   -3.761  1.00 18.44 ? 773 GLN A CB  1 
ATOM   252 C CG  . GLN A 1 36 ? 1.913   6.564   -2.697  1.00 17.76 ? 773 GLN A CG  1 
ATOM   253 C CD  . GLN A 1 36 ? 3.003   5.647   -3.269  1.00 26.14 ? 773 GLN A CD  1 
ATOM   254 O OE1 . GLN A 1 36 ? 2.893   5.156   -4.400  1.00 32.53 ? 773 GLN A OE1 1 
ATOM   255 N NE2 . GLN A 1 36 ? 4.028   5.395   -2.480  1.00 32.00 ? 773 GLN A NE2 1 
ATOM   256 N N   . LYS A 1 37 ? -1.484  8.457   -5.109  1.00 13.58 ? 774 LYS A N   1 
ATOM   257 C CA  . LYS A 1 37 ? -2.153  9.291   -6.112  1.00 16.33 ? 774 LYS A CA  1 
ATOM   258 C C   . LYS A 1 37 ? -3.086  10.295  -5.435  1.00 16.30 ? 774 LYS A C   1 
ATOM   259 O O   . LYS A 1 37 ? -3.254  11.421  -5.899  1.00 16.19 ? 774 LYS A O   1 
ATOM   260 C CB  . LYS A 1 37 ? -2.920  8.418   -7.105  1.00 17.68 ? 774 LYS A CB  1 
ATOM   261 C CG  . LYS A 1 37 ? -2.000  7.726   -8.107  1.00 22.48 ? 774 LYS A CG  1 
ATOM   262 C CD  . LYS A 1 37 ? -2.782  6.983   -9.172  1.00 29.84 ? 774 LYS A CD  1 
ATOM   263 C CE  . LYS A 1 37 ? -1.879  6.555   -10.306 1.00 47.97 ? 774 LYS A CE  1 
ATOM   264 N NZ  . LYS A 1 37 ? -2.497  5.435   -11.069 1.00 59.00 ? 774 LYS A NZ  1 
ATOM   265 N N   . LYS A 1 38 ? -3.702  9.901   -4.328  1.00 12.55 ? 775 LYS A N   1 
ATOM   266 C CA  . LYS A 1 38 ? -4.606  10.818  -3.628  1.00 13.70 ? 775 LYS A CA  1 
ATOM   267 C C   . LYS A 1 38 ? -3.810  11.998  -3.012  1.00 15.20 ? 775 LYS A C   1 
ATOM   268 O O   . LYS A 1 38 ? -4.279  13.161  -3.004  1.00 14.66 ? 775 LYS A O   1 
ATOM   269 C CB  . LYS A 1 38 ? -5.388  10.062  -2.550  1.00 14.04 ? 775 LYS A CB  1 
ATOM   270 C CG  . LYS A 1 38 ? -6.263  10.957  -1.679  1.00 16.51 ? 775 LYS A CG  1 
ATOM   271 C CD  . LYS A 1 38 ? -7.351  11.652  -2.446  1.00 24.28 ? 775 LYS A CD  1 
ATOM   272 C CE  . LYS A 1 38 ? -8.319  12.323  -1.469  1.00 33.34 ? 775 LYS A CE  1 
ATOM   273 N NZ  . LYS A 1 38 ? -9.607  12.776  -2.101  1.00 37.67 ? 775 LYS A NZ  1 
ATOM   274 N N   . ILE A 1 39 ? -2.632  11.696  -2.460  1.00 15.04 ? 776 ILE A N   1 
ATOM   275 C CA  . ILE A 1 39 ? -1.750  12.733  -1.933  1.00 10.74 ? 776 ILE A CA  1 
ATOM   276 C C   . ILE A 1 39 ? -1.443  13.733  -3.055  1.00 14.21 ? 776 ILE A C   1 
ATOM   277 O O   . ILE A 1 39 ? -1.599  14.947  -2.872  1.00 14.60 ? 776 ILE A O   1 
ATOM   278 C CB  . ILE A 1 39 ? -0.436  12.132  -1.382  1.00 11.13 ? 776 ILE A CB  1 
ATOM   279 C CG1 . ILE A 1 39 ? -0.737  11.358  -0.085  1.00 13.47 ? 776 ILE A CG1 1 
ATOM   280 C CG2 . ILE A 1 39 ? 0.644   13.227  -1.137  1.00 10.37 ? 776 ILE A CG2 1 
ATOM   281 C CD1 . ILE A 1 39 ? 0.460   10.520  0.464   1.00 14.19 ? 776 ILE A CD1 1 
ATOM   282 N N   . GLU A 1 40 ? -1.028  13.234  -4.213  1.00 12.41 ? 777 GLU A N   1 
ATOM   283 C CA  . GLU A 1 40 ? -0.706  14.110  -5.342  1.00 13.66 ? 777 GLU A CA  1 
ATOM   284 C C   . GLU A 1 40 ? -1.929  14.912  -5.789  1.00 12.29 ? 777 GLU A C   1 
ATOM   285 O O   . GLU A 1 40 ? -1.824  16.119  -6.090  1.00 14.50 ? 777 GLU A O   1 
ATOM   286 C CB  . GLU A 1 40 ? -0.055  13.320  -6.496  1.00 12.40 ? 777 GLU A CB  1 
ATOM   287 C CG  . GLU A 1 40 ? 0.378   14.211  -7.676  1.00 14.63 ? 777 GLU A CG  1 
ATOM   288 C CD  . GLU A 1 40 ? 1.554   15.135  -7.345  1.00 25.43 ? 777 GLU A CD  1 
ATOM   289 O OE1 . GLU A 1 40 ? 2.030   15.171  -6.181  1.00 22.42 ? 777 GLU A OE1 1 
ATOM   290 O OE2 . GLU A 1 40 ? 2.004   15.851  -8.267  1.00 27.14 ? 777 GLU A OE2 1 
ATOM   291 N N   . SER A 1 41 ? -3.087  14.271  -5.815  1.00 15.83 ? 778 SER A N   1 
ATOM   292 C CA  A SER A 1 41 ? -4.314  14.982  -6.154  0.72 15.17 ? 778 SER A CA  1 
ATOM   293 C CA  B SER A 1 41 ? -4.321  14.974  -6.149  0.28 15.66 ? 778 SER A CA  1 
ATOM   294 C C   . SER A 1 41 ? -4.598  16.128  -5.179  1.00 14.74 ? 778 SER A C   1 
ATOM   295 O O   . SER A 1 41 ? -5.002  17.223  -5.592  1.00 16.19 ? 778 SER A O   1 
ATOM   296 C CB  A SER A 1 41 ? -5.497  14.005  -6.186  0.72 16.29 ? 778 SER A CB  1 
ATOM   297 C CB  B SER A 1 41 ? -5.503  13.998  -6.164  0.28 16.71 ? 778 SER A CB  1 
ATOM   298 O OG  A SER A 1 41 ? -5.455  13.245  -7.383  0.72 20.87 ? 778 SER A OG  1 
ATOM   299 O OG  B SER A 1 41 ? -6.728  14.688  -6.026  0.28 20.34 ? 778 SER A OG  1 
ATOM   300 N N   . LEU A 1 42 ? -4.379  15.890  -3.883  1.00 13.51 ? 779 LEU A N   1 
ATOM   301 C CA  . LEU A 1 42 ? -4.648  16.950  -2.905  1.00 15.09 ? 779 LEU A CA  1 
ATOM   302 C C   . LEU A 1 42 ? -3.627  18.083  -3.041  1.00 15.92 ? 779 LEU A C   1 
ATOM   303 O O   . LEU A 1 42 ? -3.937  19.270  -2.867  1.00 15.74 ? 779 LEU A O   1 
ATOM   304 C CB  . LEU A 1 42 ? -4.624  16.371  -1.485  1.00 14.55 ? 779 LEU A CB  1 
ATOM   305 C CG  . LEU A 1 42 ? -5.873  15.584  -1.084  1.00 15.66 ? 779 LEU A CG  1 
ATOM   306 C CD1 . LEU A 1 42 ? -5.596  14.640  0.119   1.00 18.68 ? 779 LEU A CD1 1 
ATOM   307 C CD2 . LEU A 1 42 ? -6.996  16.578  -0.769  1.00 19.13 ? 779 LEU A CD2 1 
ATOM   308 N N   . GLN A 1 43 ? -2.387  17.730  -3.360  1.00 14.57 ? 780 GLN A N   1 
ATOM   309 C CA  . GLN A 1 43 ? -1.382  18.771  -3.577  1.00 15.49 ? 780 GLN A CA  1 
ATOM   310 C C   . GLN A 1 43 ? -1.755  19.605  -4.792  1.00 17.19 ? 780 GLN A C   1 
ATOM   311 O O   . GLN A 1 43 ? -1.608  20.853  -4.784  1.00 19.52 ? 780 GLN A O   1 
ATOM   312 C CB  . GLN A 1 43 ? -0.003  18.129  -3.782  1.00 19.08 ? 780 GLN A CB  1 
ATOM   313 C CG  . GLN A 1 43 ? 0.532   17.344  -2.604  1.00 17.78 ? 780 GLN A CG  1 
ATOM   314 C CD  . GLN A 1 43 ? 1.037   18.219  -1.533  1.00 18.92 ? 780 GLN A CD  1 
ATOM   315 O OE1 . GLN A 1 43 ? 0.614   19.380  -1.408  1.00 22.46 ? 780 GLN A OE1 1 
ATOM   316 N NE2 . GLN A 1 43 ? 2.008   17.707  -0.762  1.00 25.82 ? 780 GLN A NE2 1 
ATOM   317 N N   . LEU A 1 44 ? -2.239  18.943  -5.850  1.00 16.47 ? 781 LEU A N   1 
ATOM   318 C CA  . LEU A 1 44 ? -2.571  19.642  -7.091  1.00 17.03 ? 781 LEU A CA  1 
ATOM   319 C C   . LEU A 1 44 ? -3.809  20.516  -6.910  1.00 18.34 ? 781 LEU A C   1 
ATOM   320 O O   . LEU A 1 44 ? -3.959  21.550  -7.564  1.00 21.12 ? 781 LEU A O   1 
ATOM   321 C CB  . LEU A 1 44 ? -2.788  18.657  -8.247  1.00 20.42 ? 781 LEU A CB  1 
ATOM   322 C CG  . LEU A 1 44 ? -1.509  17.993  -8.751  1.00 18.66 ? 781 LEU A CG  1 
ATOM   323 C CD1 . LEU A 1 44 ? -1.845  16.836  -9.665  1.00 17.66 ? 781 LEU A CD1 1 
ATOM   324 C CD2 . LEU A 1 44 ? -0.609  19.012  -9.470  1.00 19.46 ? 781 LEU A CD2 1 
ATOM   325 N N   . GLU A 1 45 ? -4.667  20.105  -5.994  1.00 18.34 ? 782 GLU A N   1 
ATOM   326 C CA  . GLU A 1 45 ? -5.914  20.839  -5.767  1.00 18.38 ? 782 GLU A CA  1 
ATOM   327 C C   . GLU A 1 45 ? -5.608  22.227  -5.246  1.00 25.22 ? 782 GLU A C   1 
ATOM   328 O O   . GLU A 1 45 ? -6.361  23.186  -5.504  1.00 25.57 ? 782 GLU A O   1 
ATOM   329 C CB  . GLU A 1 45 ? -6.800  20.084  -4.768  1.00 20.49 ? 782 GLU A CB  1 
ATOM   330 C CG  . GLU A 1 45 ? -8.164  20.750  -4.571  1.00 30.00 ? 782 GLU A CG  1 
ATOM   331 C CD  . GLU A 1 45 ? -9.088  19.941  -3.653  1.00 38.54 ? 782 GLU A CD  1 
ATOM   332 O OE1 . GLU A 1 45 ? -8.625  18.936  -3.074  1.00 35.82 ? 782 GLU A OE1 1 
ATOM   333 O OE2 . GLU A 1 45 ? -10.275 20.317  -3.515  1.00 39.69 ? 782 GLU A OE2 1 
ATOM   334 N N   . LYS A 1 46 ? -4.481  22.359  -4.545  1.00 21.97 ? 783 LYS A N   1 
ATOM   335 C CA  . LYS A 1 46 ? -4.068  23.682  -4.061  1.00 27.05 ? 783 LYS A CA  1 
ATOM   336 C C   . LYS A 1 46 ? -3.867  24.704  -5.176  1.00 29.95 ? 783 LYS A C   1 
ATOM   337 O O   . LYS A 1 46 ? -3.969  25.906  -4.945  1.00 30.23 ? 783 LYS A O   1 
ATOM   338 C CB  . LYS A 1 46 ? -2.780  23.578  -3.264  1.00 25.40 ? 783 LYS A CB  1 
ATOM   339 C CG  . LYS A 1 46 ? -2.886  22.700  -2.036  1.00 23.67 ? 783 LYS A CG  1 
ATOM   340 C CD  . LYS A 1 46 ? -1.499  22.594  -1.429  1.00 30.20 ? 783 LYS A CD  1 
ATOM   341 C CE  . LYS A 1 46 ? -1.513  21.806  -0.143  1.00 32.78 ? 783 LYS A CE  1 
ATOM   342 N NZ  . LYS A 1 46 ? -0.115  21.491  0.299   1.00 32.84 ? 783 LYS A NZ  1 
ATOM   343 N N   . SER A 1 47 ? -3.585  24.221  -6.388  1.00 28.98 ? 784 SER A N   1 
ATOM   344 C CA  A SER A 1 47 ? -3.371  25.102  -7.534  0.46 25.00 ? 784 SER A CA  1 
ATOM   345 C CA  B SER A 1 47 ? -3.368  25.095  -7.542  0.54 24.83 ? 784 SER A CA  1 
ATOM   346 C C   . SER A 1 47 ? -4.449  24.937  -8.607  1.00 28.57 ? 784 SER A C   1 
ATOM   347 O O   . SER A 1 47 ? -4.220  25.270  -9.784  1.00 24.54 ? 784 SER A O   1 
ATOM   348 C CB  A SER A 1 47 ? -1.995  24.841  -8.156  0.46 26.32 ? 784 SER A CB  1 
ATOM   349 C CB  B SER A 1 47 ? -2.024  24.780  -8.191  0.54 26.02 ? 784 SER A CB  1 
ATOM   350 O OG  A SER A 1 47 ? -0.985  24.834  -7.160  0.46 29.10 ? 784 SER A OG  1 
ATOM   351 O OG  B SER A 1 47 ? -2.007  23.439  -8.642  0.54 27.18 ? 784 SER A OG  1 
ATOM   352 N N   . ASN A 1 48 ? -5.609  24.412  -8.210  1.00 23.91 ? 785 ASN A N   1 
ATOM   353 C CA  A ASN A 1 48 ? -6.726  24.209  -9.138  0.65 23.85 ? 785 ASN A CA  1 
ATOM   354 C CA  B ASN A 1 48 ? -6.723  24.181  -9.129  0.35 23.83 ? 785 ASN A CA  1 
ATOM   355 C C   . ASN A 1 48 ? -6.351  23.301  -10.325 1.00 23.50 ? 785 ASN A C   1 
ATOM   356 O O   . ASN A 1 48 ? -6.755  23.554  -11.475 1.00 23.81 ? 785 ASN A O   1 
ATOM   357 C CB  A ASN A 1 48 ? -7.252  25.587  -9.621  0.65 27.00 ? 785 ASN A CB  1 
ATOM   358 C CB  B ASN A 1 48 ? -7.320  25.517  -9.597  0.35 28.76 ? 785 ASN A CB  1 
ATOM   359 C CG  A ASN A 1 48 ? -8.543  25.504  -10.427 0.65 30.26 ? 785 ASN A CG  1 
ATOM   360 C CG  B ASN A 1 48 ? -7.431  26.529  -8.469  0.35 34.37 ? 785 ASN A CG  1 
ATOM   361 O OD1 A ASN A 1 48 ? -9.380  24.629  -10.218 0.65 28.85 ? 785 ASN A OD1 1 
ATOM   362 O OD1 B ASN A 1 48 ? -8.437  26.581  -7.763  0.35 39.76 ? 785 ASN A OD1 1 
ATOM   363 N ND2 A ASN A 1 48 ? -8.707  26.449  -11.358 0.65 31.77 ? 785 ASN A ND2 1 
ATOM   364 N ND2 B ASN A 1 48 ? -6.390  27.338  -8.292  0.35 40.36 ? 785 ASN A ND2 1 
ATOM   365 N N   . HIS A 1 49 ? -5.575  22.249  -10.060 1.00 23.04 ? 786 HIS A N   1 
ATOM   366 C CA  . HIS A 1 49 ? -5.239  21.297  -11.111 1.00 22.78 ? 786 HIS A CA  1 
ATOM   367 C C   . HIS A 1 49 ? -5.651  19.914  -10.663 1.00 22.38 ? 786 HIS A C   1 
ATOM   368 O O   . HIS A 1 49 ? -5.861  19.696  -9.460  1.00 22.36 ? 786 HIS A O   1 
ATOM   369 C CB  . HIS A 1 49 ? -3.735  21.316  -11.419 1.00 22.92 ? 786 HIS A CB  1 
ATOM   370 C CG  . HIS A 1 49 ? -3.315  22.475  -12.267 1.00 23.56 ? 786 HIS A CG  1 
ATOM   371 N ND1 . HIS A 1 49 ? -3.413  23.789  -11.847 1.00 24.12 ? 786 HIS A ND1 1 
ATOM   372 C CD2 . HIS A 1 49 ? -2.805  22.521  -13.520 1.00 23.95 ? 786 HIS A CD2 1 
ATOM   373 C CE1 . HIS A 1 49 ? -2.979  24.587  -12.803 1.00 25.80 ? 786 HIS A CE1 1 
ATOM   374 N NE2 . HIS A 1 49 ? -2.601  23.841  -13.835 1.00 24.81 ? 786 HIS A NE2 1 
ATOM   375 N N   . VAL A 1 50 ? -5.759  18.991  -11.626 1.00 22.25 ? 787 VAL A N   1 
ATOM   376 C CA  . VAL A 1 50 ? -6.060  17.593  -11.345 1.00 22.09 ? 787 VAL A CA  1 
ATOM   377 C C   . VAL A 1 50 ? -4.990  16.684  -11.971 1.00 22.05 ? 787 VAL A C   1 
ATOM   378 O O   . VAL A 1 50 ? -4.296  17.078  -12.919 1.00 22.14 ? 787 VAL A O   1 
ATOM   379 C CB  . VAL A 1 50 ? -7.472  17.185  -11.841 1.00 22.21 ? 787 VAL A CB  1 
ATOM   380 C CG1 . VAL A 1 50 ? -8.539  18.079  -11.191 1.00 24.21 ? 787 VAL A CG1 1 
ATOM   381 C CG2 . VAL A 1 50 ? -7.532  17.250  -13.370 1.00 22.36 ? 787 VAL A CG2 1 
ATOM   382 N N   . LEU A 1 51 ? -4.872  15.462  -11.439 1.00 22.11 ? 788 LEU A N   1 
ATOM   383 C CA  . LEU A 1 51 ? -3.779  14.579  -11.828 1.00 22.25 ? 788 LEU A CA  1 
ATOM   384 C C   . LEU A 1 51 ? -3.797  14.322  -13.322 1.00 22.26 ? 788 LEU A C   1 
ATOM   385 O O   . LEU A 1 51 ? -2.745  14.346  -13.990 1.00 22.40 ? 788 LEU A O   1 
ATOM   386 C CB  . LEU A 1 51 ? -3.873  13.264  -11.032 1.00 22.59 ? 788 LEU A CB  1 
ATOM   387 C CG  . LEU A 1 51 ? -2.727  12.260  -11.028 1.00 28.72 ? 788 LEU A CG  1 
ATOM   388 C CD1 . LEU A 1 51 ? -1.450  12.920  -10.583 1.00 24.04 ? 788 LEU A CD1 1 
ATOM   389 C CD2 . LEU A 1 51 ? -3.087  11.102  -10.084 1.00 29.50 ? 788 LEU A CD2 1 
ATOM   390 N N   . ALA A 1 52 ? -4.995  14.116  -13.863 1.00 22.28 ? 789 ALA A N   1 
ATOM   391 C CA  . ALA A 1 52 ? -5.123  13.717  -15.265 1.00 24.34 ? 789 ALA A CA  1 
ATOM   392 C C   . ALA A 1 52 ? -4.710  14.823  -16.252 1.00 22.59 ? 789 ALA A C   1 
ATOM   393 O O   . ALA A 1 52 ? -4.423  14.554  -17.429 1.00 22.91 ? 789 ALA A O   1 
ATOM   394 C CB  . ALA A 1 52 ? -6.558  13.260  -15.551 1.00 24.71 ? 789 ALA A CB  1 
ATOM   395 N N   . GLN A 1 53 ? -4.670  16.064  -15.790 1.00 22.52 ? 790 GLN A N   1 
ATOM   396 C CA  . GLN A 1 53 ? -4.303  17.123  -16.739 1.00 22.94 ? 790 GLN A CA  1 
ATOM   397 C C   . GLN A 1 53 ? -2.775  17.314  -16.833 1.00 23.13 ? 790 GLN A C   1 
ATOM   398 O O   . GLN A 1 53 ? -2.293  18.066  -17.687 1.00 23.71 ? 790 GLN A O   1 
ATOM   399 C CB  . GLN A 1 53 ? -5.060  18.416  -16.433 1.00 30.82 ? 790 GLN A CB  1 
ATOM   400 C CG  . GLN A 1 53 ? -4.346  19.396  -15.572 1.00 32.39 ? 790 GLN A CG  1 
ATOM   401 C CD  . GLN A 1 53 ? -5.276  20.513  -15.135 1.00 24.82 ? 790 GLN A CD  1 
ATOM   402 O OE1 . GLN A 1 53 ? -5.920  20.414  -14.083 1.00 23.02 ? 790 GLN A OE1 1 
ATOM   403 N NE2 . GLN A 1 53 ? -5.373  21.582  -15.950 1.00 28.40 ? 790 GLN A NE2 1 
ATOM   404 N N   . MET A 1 54 ? -2.024  16.555  -16.028 1.00 22.88 ? 791 MET A N   1 
ATOM   405 C CA  . MET A 1 54 ? -0.571  16.764  -15.929 1.00 23.21 ? 791 MET A CA  1 
ATOM   406 C C   . MET A 1 54 ? 0.252   15.902  -16.876 1.00 24.37 ? 791 MET A C   1 
ATOM   407 O O   . MET A 1 54 ? 1.465   16.026  -16.929 1.00 24.05 ? 791 MET A O   1 
ATOM   408 C CB  . MET A 1 54 ? -0.083  16.540  -14.488 1.00 23.03 ? 791 MET A CB  1 
ATOM   409 C CG  . MET A 1 54 ? -0.839  17.370  -13.419 1.00 22.77 ? 791 MET A CG  1 
ATOM   410 S SD  . MET A 1 54 ? -0.841  19.145  -13.755 1.00 23.15 ? 791 MET A SD  1 
ATOM   411 C CE  . MET A 1 54 ? 0.916   19.515  -13.509 1.00 23.79 ? 791 MET A CE  1 
ATOM   412 N N   . GLU A 1 55 ? -0.392  15.012  -17.618 1.00 23.55 ? 792 GLU A N   1 
ATOM   413 C CA  . GLU A 1 55 ? 0.356   14.205  -18.567 1.00 24.04 ? 792 GLU A CA  1 
ATOM   414 C C   . GLU A 1 55 ? 0.807   15.118  -19.723 1.00 24.71 ? 792 GLU A C   1 
ATOM   415 O O   . GLU A 1 55 ? -0.018  15.835  -20.335 1.00 24.87 ? 792 GLU A O   1 
ATOM   416 C CB  . GLU A 1 55 ? -0.509  13.052  -19.089 1.00 23.98 ? 792 GLU A CB  1 
ATOM   417 C CG  . GLU A 1 55 ? 0.286   12.005  -19.859 1.00 24.54 ? 792 GLU A CG  1 
ATOM   418 C CD  . GLU A 1 55 ? 1.176   11.155  -18.946 1.00 24.64 ? 792 GLU A CD  1 
ATOM   419 O OE1 . GLU A 1 55 ? 1.940   10.302  -19.465 1.00 28.95 ? 792 GLU A OE1 1 
ATOM   420 O OE2 . GLU A 1 55 ? 1.106   11.330  -17.715 1.00 29.24 ? 792 GLU A OE2 1 
ATOM   421 N N   . GLN A 1 56 ? 2.115   15.114  -20.008 1.00 25.32 ? 793 GLN A N   1 
ATOM   422 C CA  . GLN A 1 56 ? 2.651   15.880  -21.146 1.00 26.27 ? 793 GLN A CA  1 
ATOM   423 C C   . GLN A 1 56 ? 2.721   15.029  -22.415 1.00 31.66 ? 793 GLN A C   1 
ATOM   424 O O   . GLN A 1 56 ? 2.580   13.790  -22.383 1.00 26.55 ? 793 GLN A O   1 
ATOM   425 C CB  . GLN A 1 56 ? 4.054   16.436  -20.822 1.00 26.92 ? 793 GLN A CB  1 
ATOM   426 C CG  . GLN A 1 56 ? 4.118   17.263  -19.562 1.00 26.56 ? 793 GLN A CG  1 
ATOM   427 C CD  . GLN A 1 56 ? 3.154   18.432  -19.603 1.00 26.48 ? 793 GLN A CD  1 
ATOM   428 O OE1 . GLN A 1 56 ? 2.272   18.579  -18.740 1.00 29.84 ? 793 GLN A OE1 1 
ATOM   429 N NE2 . GLN A 1 56 ? 3.306   19.264  -20.604 1.00 27.48 ? 793 GLN A NE2 1 
ATOM   430 O OXT . GLN A 1 56 ? 2.904   15.560  -23.527 1.00 29.14 ? 793 GLN A OXT 1 
ATOM   431 N N   . LEU B 1 8  ? 10.379  -28.547 -7.015  1.00 81.98 ? 745 LEU B N   1 
ATOM   432 C CA  . LEU B 1 8  ? 9.366   -28.180 -6.034  1.00 79.02 ? 745 LEU B CA  1 
ATOM   433 C C   . LEU B 1 8  ? 10.001  -27.564 -4.806  1.00 77.06 ? 745 LEU B C   1 
ATOM   434 O O   . LEU B 1 8  ? 11.063  -27.997 -4.363  1.00 80.97 ? 745 LEU B O   1 
ATOM   435 C CB  . LEU B 1 8  ? 8.536   -29.399 -5.623  1.00 85.50 ? 745 LEU B CB  1 
ATOM   436 C CG  . LEU B 1 8  ? 7.553   -29.934 -6.665  1.00 87.96 ? 745 LEU B CG  1 
ATOM   437 C CD1 . LEU B 1 8  ? 6.998   -28.784 -7.492  1.00 87.82 ? 745 LEU B CD1 1 
ATOM   438 C CD2 . LEU B 1 8  ? 8.184   -30.999 -7.560  1.00 93.16 ? 745 LEU B CD2 1 
ATOM   439 N N   . PRO B 1 9  ? 9.349   -26.544 -4.248  1.00 74.88 ? 746 PRO B N   1 
ATOM   440 C CA  . PRO B 1 9  ? 9.863   -25.917 -3.030  1.00 70.37 ? 746 PRO B CA  1 
ATOM   441 C C   . PRO B 1 9  ? 9.900   -26.915 -1.881  1.00 72.09 ? 746 PRO B C   1 
ATOM   442 O O   . PRO B 1 9  ? 8.936   -27.662 -1.682  1.00 68.55 ? 746 PRO B O   1 
ATOM   443 C CB  . PRO B 1 9  ? 8.833   -24.820 -2.742  1.00 65.23 ? 746 PRO B CB  1 
ATOM   444 C CG  . PRO B 1 9  ? 7.601   -25.243 -3.486  1.00 68.79 ? 746 PRO B CG  1 
ATOM   445 C CD  . PRO B 1 9  ? 8.094   -25.927 -4.709  1.00 71.30 ? 746 PRO B CD  1 
ATOM   446 N N   . THR B 1 10 ? 11.013  -26.943 -1.152  1.00 69.29 ? 747 THR B N   1 
ATOM   447 C CA  . THR B 1 10 ? 11.078  -27.701 0.085   1.00 71.34 ? 747 THR B CA  1 
ATOM   448 C C   . THR B 1 10 ? 10.330  -26.947 1.185   1.00 73.33 ? 747 THR B C   1 
ATOM   449 O O   . THR B 1 10 ? 10.213  -25.707 1.149   1.00 63.43 ? 747 THR B O   1 
ATOM   450 C CB  . THR B 1 10 ? 12.535  -27.992 0.515   1.00 83.01 ? 747 THR B CB  1 
ATOM   451 O OG1 . THR B 1 10 ? 12.546  -28.922 1.605   1.00 83.68 ? 747 THR B OG1 1 
ATOM   452 C CG2 . THR B 1 10 ? 13.232  -26.717 0.938   1.00 72.09 ? 747 THR B CG2 1 
ATOM   453 N N   . TYR B 1 11 ? 9.804   -27.707 2.142   1.00 68.97 ? 748 TYR B N   1 
ATOM   454 C CA  . TYR B 1 11 ? 9.036   -27.180 3.267   1.00 69.03 ? 748 TYR B CA  1 
ATOM   455 C C   . TYR B 1 11 ? 9.766   -26.017 3.952   1.00 63.86 ? 748 TYR B C   1 
ATOM   456 O O   . TYR B 1 11 ? 9.144   -25.038 4.347   1.00 60.06 ? 748 TYR B O   1 
ATOM   457 C CB  . TYR B 1 11 ? 8.759   -28.325 4.242   1.00 69.77 ? 748 TYR B CB  1 
ATOM   458 C CG  . TYR B 1 11 ? 7.898   -28.023 5.445   1.00 68.07 ? 748 TYR B CG  1 
ATOM   459 C CD1 . TYR B 1 11 ? 8.440   -27.439 6.585   1.00 67.62 ? 748 TYR B CD1 1 
ATOM   460 C CD2 . TYR B 1 11 ? 6.554   -28.371 5.461   1.00 70.62 ? 748 TYR B CD2 1 
ATOM   461 C CE1 . TYR B 1 11 ? 7.662   -27.179 7.694   1.00 66.56 ? 748 TYR B CE1 1 
ATOM   462 C CE2 . TYR B 1 11 ? 5.766   -28.122 6.567   1.00 66.47 ? 748 TYR B CE2 1 
ATOM   463 C CZ  . TYR B 1 11 ? 6.325   -27.527 7.679   1.00 66.00 ? 748 TYR B CZ  1 
ATOM   464 O OH  . TYR B 1 11 ? 5.549   -27.273 8.783   1.00 74.93 ? 748 TYR B OH  1 
ATOM   465 N N   . GLN B 1 12 ? 11.086  -26.132 4.076   1.00 66.47 ? 749 GLN B N   1 
ATOM   466 C CA  . GLN B 1 12 ? 11.924  -25.067 4.624   1.00 66.84 ? 749 GLN B CA  1 
ATOM   467 C C   . GLN B 1 12 ? 11.862  -23.800 3.764   1.00 62.92 ? 749 GLN B C   1 
ATOM   468 O O   . GLN B 1 12 ? 11.755  -22.668 4.278   1.00 57.70 ? 749 GLN B O   1 
ATOM   469 C CB  . GLN B 1 12 ? 13.368  -25.562 4.711   1.00 73.81 ? 749 GLN B CB  1 
ATOM   470 C CG  . GLN B 1 12 ? 14.415  -24.457 4.719   1.00 80.75 ? 749 GLN B CG  1 
ATOM   471 C CD  . GLN B 1 12 ? 14.944  -24.178 6.106   1.00 88.93 ? 749 GLN B CD  1 
ATOM   472 O OE1 . GLN B 1 12 ? 14.321  -24.543 7.101   1.00 91.42 ? 749 GLN B OE1 1 
ATOM   473 N NE2 . GLN B 1 12 ? 16.108  -23.538 6.182   1.00 91.68 ? 749 GLN B NE2 1 
ATOM   474 N N   . GLU B 1 13 ? 11.928  -23.989 2.449   1.00 61.33 ? 750 GLU B N   1 
ATOM   475 C CA  . GLU B 1 13 ? 11.892  -22.865 1.520   1.00 60.22 ? 750 GLU B CA  1 
ATOM   476 C C   . GLU B 1 13 ? 10.520  -22.178 1.510   1.00 53.83 ? 750 GLU B C   1 
ATOM   477 O O   . GLU B 1 13 ? 10.407  -20.999 1.152   1.00 50.59 ? 750 GLU B O   1 
ATOM   478 C CB  . GLU B 1 13 ? 12.323  -23.315 0.117   1.00 60.44 ? 750 GLU B CB  1 
ATOM   479 C CG  . GLU B 1 13 ? 13.847  -23.391 -0.047  1.00 69.20 ? 750 GLU B CG  1 
ATOM   480 C CD  . GLU B 1 13 ? 14.287  -24.131 -1.300  1.00 79.48 ? 750 GLU B CD  1 
ATOM   481 O OE1 . GLU B 1 13 ? 15.459  -23.965 -1.706  1.00 83.34 ? 750 GLU B OE1 1 
ATOM   482 O OE2 . GLU B 1 13 ? 13.473  -24.891 -1.868  1.00 82.95 ? 750 GLU B OE2 1 
ATOM   483 N N   . LEU B 1 14 ? 9.484   -22.915 1.915   1.00 54.12 ? 751 LEU B N   1 
ATOM   484 C CA  . LEU B 1 14 ? 8.148   -22.339 2.096   1.00 50.59 ? 751 LEU B CA  1 
ATOM   485 C C   . LEU B 1 14 ? 8.109   -21.475 3.349   1.00 48.34 ? 751 LEU B C   1 
ATOM   486 O O   . LEU B 1 14 ? 7.551   -20.377 3.334   1.00 44.77 ? 751 LEU B O   1 
ATOM   487 C CB  . LEU B 1 14 ? 7.082   -23.432 2.199   1.00 52.19 ? 751 LEU B CB  1 
ATOM   488 C CG  . LEU B 1 14 ? 6.741   -24.211 0.933   1.00 54.12 ? 751 LEU B CG  1 
ATOM   489 C CD1 . LEU B 1 14 ? 5.404   -24.903 1.086   1.00 54.64 ? 751 LEU B CD1 1 
ATOM   490 C CD2 . LEU B 1 14 ? 6.744   -23.327 -0.291  1.00 51.96 ? 751 LEU B CD2 1 
ATOM   491 N N   . GLU B 1 15 ? 8.690   -21.982 4.434   1.00 52.17 ? 752 GLU B N   1 
ATOM   492 C CA  . GLU B 1 15 ? 8.855   -21.209 5.662   1.00 52.90 ? 752 GLU B CA  1 
ATOM   493 C C   . GLU B 1 15 ? 9.619   -19.919 5.370   1.00 49.22 ? 752 GLU B C   1 
ATOM   494 O O   . GLU B 1 15 ? 9.246   -18.844 5.837   1.00 46.63 ? 752 GLU B O   1 
ATOM   495 C CB  . GLU B 1 15 ? 9.613   -22.047 6.700   1.00 58.66 ? 752 GLU B CB  1 
ATOM   496 C CG  . GLU B 1 15 ? 8.723   -22.807 7.673   1.00 60.21 ? 752 GLU B CG  1 
ATOM   497 C CD  . GLU B 1 15 ? 9.449   -23.956 8.348   1.00 73.21 ? 752 GLU B CD  1 
ATOM   498 O OE1 . GLU B 1 15 ? 10.443  -24.455 7.775   1.00 73.31 ? 752 GLU B OE1 1 
ATOM   499 O OE2 . GLU B 1 15 ? 9.021   -24.366 9.445   1.00 82.51 ? 752 GLU B OE2 1 
ATOM   500 N N   . GLN B 1 16 ? 10.691  -20.030 4.591   1.00 49.04 ? 753 GLN B N   1 
ATOM   501 C CA  . GLN B 1 16 ? 11.463  -18.858 4.178   1.00 52.67 ? 753 GLN B CA  1 
ATOM   502 C C   . GLN B 1 16 ? 10.608  -17.855 3.419   1.00 46.26 ? 753 GLN B C   1 
ATOM   503 O O   . GLN B 1 16 ? 10.653  -16.640 3.685   1.00 42.77 ? 753 GLN B O   1 
ATOM   504 C CB  . GLN B 1 16 ? 12.638  -19.283 3.301   1.00 56.87 ? 753 GLN B CB  1 
ATOM   505 C CG  . GLN B 1 16 ? 13.829  -19.785 4.084   1.00 67.76 ? 753 GLN B CG  1 
ATOM   506 C CD  . GLN B 1 16 ? 14.890  -20.401 3.195   1.00 75.13 ? 753 GLN B CD  1 
ATOM   507 O OE1 . GLN B 1 16 ? 15.088  -19.979 2.055   1.00 77.00 ? 753 GLN B OE1 1 
ATOM   508 N NE2 . GLN B 1 16 ? 15.572  -21.413 3.711   1.00 79.55 ? 753 GLN B NE2 1 
ATOM   509 N N   . GLU B 1 17 ? 9.829   -18.358 2.467   1.00 43.62 ? 754 GLU B N   1 
ATOM   510 C CA  . GLU B 1 17 ? 8.998   -17.483 1.648   1.00 45.98 ? 754 GLU B CA  1 
ATOM   511 C C   . GLU B 1 17 ? 7.924   -16.806 2.500   1.00 38.44 ? 754 GLU B C   1 
ATOM   512 O O   . GLU B 1 17 ? 7.549   -15.656 2.258   1.00 36.61 ? 754 GLU B O   1 
ATOM   513 C CB  . GLU B 1 17 ? 8.376   -18.260 0.487   1.00 47.05 ? 754 GLU B CB  1 
ATOM   514 C CG  . GLU B 1 17 ? 7.456   -17.423 -0.385  1.00 50.62 ? 754 GLU B CG  1 
ATOM   515 C CD  . GLU B 1 17 ? 7.150   -18.067 -1.727  1.00 61.96 ? 754 GLU B CD  1 
ATOM   516 O OE1 . GLU B 1 17 ? 6.709   -17.341 -2.644  1.00 65.12 ? 754 GLU B OE1 1 
ATOM   517 O OE2 . GLU B 1 17 ? 7.350   -19.294 -1.869  1.00 63.91 ? 754 GLU B OE2 1 
ATOM   518 N N   . ILE B 1 18 ? 7.432   -17.521 3.507   1.00 43.04 ? 755 ILE B N   1 
ATOM   519 C CA  . ILE B 1 18 ? 6.448   -16.936 4.420   1.00 37.43 ? 755 ILE B CA  1 
ATOM   520 C C   . ILE B 1 18 ? 7.053   -15.775 5.209   1.00 38.26 ? 755 ILE B C   1 
ATOM   521 O O   . ILE B 1 18 ? 6.431   -14.713 5.343   1.00 33.37 ? 755 ILE B O   1 
ATOM   522 C CB  . ILE B 1 18 ? 5.856   -18.011 5.359   1.00 37.69 ? 755 ILE B CB  1 
ATOM   523 C CG1 . ILE B 1 18 ? 4.844   -18.847 4.587   1.00 38.26 ? 755 ILE B CG1 1 
ATOM   524 C CG2 . ILE B 1 18 ? 5.190   -17.361 6.567   1.00 36.57 ? 755 ILE B CG2 1 
ATOM   525 C CD1 . ILE B 1 18 ? 4.447   -20.173 5.282   1.00 41.39 ? 755 ILE B CD1 1 
ATOM   526 N N   . ASN B 1 19 ? 8.273   -15.955 5.706   1.00 40.08 ? 756 ASN B N   1 
ATOM   527 C CA  . ASN B 1 19 ? 8.945   -14.883 6.438   1.00 44.25 ? 756 ASN B CA  1 
ATOM   528 C C   . ASN B 1 19 ? 9.232   -13.667 5.555   1.00 41.42 ? 756 ASN B C   1 
ATOM   529 O O   . ASN B 1 19 ? 9.090   -12.524 5.995   1.00 35.02 ? 756 ASN B O   1 
ATOM   530 C CB  . ASN B 1 19 ? 10.227  -15.392 7.114   1.00 47.68 ? 756 ASN B CB  1 
ATOM   531 C CG  . ASN B 1 19 ? 9.940   -16.388 8.232   1.00 52.52 ? 756 ASN B CG  1 
ATOM   532 O OD1 . ASN B 1 19 ? 8.856   -16.387 8.816   1.00 57.83 ? 756 ASN B OD1 1 
ATOM   533 N ND2 . ASN B 1 19 ? 10.914  -17.244 8.532   1.00 54.69 ? 756 ASN B ND2 1 
ATOM   534 N N   . THR B 1 20 ? 9.602   -13.911 4.303   1.00 33.89 ? 757 THR B N   1 
ATOM   535 C CA  . THR B 1 20 ? 9.876   -12.819 3.376   1.00 33.87 ? 757 THR B CA  1 
ATOM   536 C C   . THR B 1 20 ? 8.587   -12.037 3.079   1.00 32.17 ? 757 THR B C   1 
ATOM   537 O O   . THR B 1 20 ? 8.558   -10.796 3.113   1.00 28.02 ? 757 THR B O   1 
ATOM   538 C CB  . THR B 1 20 ? 10.475  -13.362 2.071   1.00 40.11 ? 757 THR B CB  1 
ATOM   539 O OG1 . THR B 1 20 ? 11.780  -13.890 2.336   1.00 42.97 ? 757 THR B OG1 1 
ATOM   540 C CG2 . THR B 1 20 ? 10.570  -12.260 1.023   1.00 42.36 ? 757 THR B CG2 1 
ATOM   541 N N   . LEU B 1 21 ? 7.511   -12.770 2.802   1.00 32.29 ? 758 LEU B N   1 
ATOM   542 C CA  . LEU B 1 21 ? 6.206   -12.156 2.524   1.00 32.36 ? 758 LEU B CA  1 
ATOM   543 C C   . LEU B 1 21 ? 5.675   -11.381 3.708   1.00 24.04 ? 758 LEU B C   1 
ATOM   544 O O   . LEU B 1 21 ? 5.159   -10.280 3.543   1.00 21.75 ? 758 LEU B O   1 
ATOM   545 C CB  . LEU B 1 21 ? 5.186   -13.225 2.108   1.00 26.53 ? 758 LEU B CB  1 
ATOM   546 C CG  . LEU B 1 21 ? 5.299   -13.608 0.638   1.00 32.55 ? 758 LEU B CG  1 
ATOM   547 C CD1 . LEU B 1 21 ? 4.529   -14.882 0.352   1.00 33.08 ? 758 LEU B CD1 1 
ATOM   548 C CD2 . LEU B 1 21 ? 4.781   -12.468 -0.213  1.00 33.30 ? 758 LEU B CD2 1 
ATOM   549 N N   . LYS B 1 22 ? 5.797   -11.937 4.907   1.00 27.60 ? 759 LYS B N   1 
ATOM   550 C CA  . LYS B 1 22 ? 5.383   -11.206 6.103   1.00 27.74 ? 759 LYS B CA  1 
ATOM   551 C C   . LYS B 1 22 ? 6.169   -9.902  6.235   1.00 26.06 ? 759 LYS B C   1 
ATOM   552 O O   . LYS B 1 22 ? 5.588   -8.841  6.504   1.00 25.60 ? 759 LYS B O   1 
ATOM   553 C CB  . LYS B 1 22 ? 5.561   -12.079 7.347   1.00 32.22 ? 759 LYS B CB  1 
ATOM   554 C CG  . LYS B 1 22 ? 4.457   -13.122 7.501   1.00 36.26 ? 759 LYS B CG  1 
ATOM   555 C CD  . LYS B 1 22 ? 4.646   -13.984 8.756   1.00 41.58 ? 759 LYS B CD  1 
ATOM   556 C CE  . LYS B 1 22 ? 3.493   -14.968 8.915   1.00 45.48 ? 759 LYS B CE  1 
ATOM   557 N NZ  . LYS B 1 22 ? 3.602   -15.782 10.152  1.00 54.24 ? 759 LYS B NZ  1 
ATOM   558 N N   . ALA B 1 23 ? 7.477   -9.975  6.019   1.00 26.38 ? 760 ALA B N   1 
ATOM   559 C CA  . ALA B 1 23 ? 8.298   -8.755  6.026   1.00 27.28 ? 760 ALA B CA  1 
ATOM   560 C C   . ALA B 1 23 ? 7.846   -7.724  4.982   1.00 28.64 ? 760 ALA B C   1 
ATOM   561 O O   . ALA B 1 23 ? 7.758   -6.512  5.271   1.00 26.85 ? 760 ALA B O   1 
ATOM   562 C CB  . ALA B 1 23 ? 9.782   -9.106  5.830   1.00 30.48 ? 760 ALA B CB  1 
ATOM   563 N N   . ASP B 1 24 ? 7.584   -8.179  3.760   1.00 23.19 ? 761 ASP B N   1 
ATOM   564 C CA  . ASP B 1 24 ? 7.170   -7.270  2.690   1.00 20.87 ? 761 ASP B CA  1 
ATOM   565 C C   . ASP B 1 24 ? 5.845   -6.632  3.064   1.00 22.05 ? 761 ASP B C   1 
ATOM   566 O O   . ASP B 1 24 ? 5.621   -5.438  2.859   1.00 19.58 ? 761 ASP B O   1 
ATOM   567 C CB  . ASP B 1 24 ? 6.954   -8.036  1.378   1.00 23.75 ? 761 ASP B CB  1 
ATOM   568 C CG  . ASP B 1 24 ? 8.238   -8.612  0.800   1.00 43.92 ? 761 ASP B CG  1 
ATOM   569 O OD1 . ASP B 1 24 ? 9.329   -8.107  1.147   1.00 41.24 ? 761 ASP B OD1 1 
ATOM   570 O OD2 . ASP B 1 24 ? 8.153   -9.568  -0.020  1.00 42.89 ? 761 ASP B OD2 1 
ATOM   571 N N   . ASN B 1 25 ? 4.956   -7.445  3.616   1.00 19.78 ? 762 ASN B N   1 
ATOM   572 C CA  . ASN B 1 25 ? 3.618   -6.951  3.975   1.00 19.32 ? 762 ASN B CA  1 
ATOM   573 C C   . ASN B 1 25 ? 3.681   -5.958  5.126   1.00 18.00 ? 762 ASN B C   1 
ATOM   574 O O   . ASN B 1 25 ? 3.012   -4.928  5.099   1.00 17.60 ? 762 ASN B O   1 
ATOM   575 C CB  . ASN B 1 25 ? 2.680   -8.132  4.304   1.00 21.71 ? 762 ASN B CB  1 
ATOM   576 C CG  . ASN B 1 25 ? 2.203   -8.875  3.050   1.00 21.06 ? 762 ASN B CG  1 
ATOM   577 O OD1 . ASN B 1 25 ? 2.532   -8.492  1.916   1.00 20.81 ? 762 ASN B OD1 1 
ATOM   578 N ND2 . ASN B 1 25 ? 1.449   -9.973  3.253   1.00 24.61 ? 762 ASN B ND2 1 
ATOM   579 N N   . ASP B 1 26 ? 4.496   -6.260  6.131   1.00 20.62 ? 763 ASP B N   1 
ATOM   580 C CA  . ASP B 1 26 ? 4.707   -5.304  7.217   1.00 25.49 ? 763 ASP B CA  1 
ATOM   581 C C   . ASP B 1 26 ? 5.295   -3.990  6.709   1.00 19.67 ? 763 ASP B C   1 
ATOM   582 O O   . ASP B 1 26 ? 4.868   -2.921  7.148   1.00 19.23 ? 763 ASP B O   1 
ATOM   583 C CB  . ASP B 1 26 ? 5.599   -5.888  8.318   1.00 29.14 ? 763 ASP B CB  1 
ATOM   584 C CG  . ASP B 1 26 ? 4.901   -6.968  9.127   1.00 44.27 ? 763 ASP B CG  1 
ATOM   585 O OD1 . ASP B 1 26 ? 3.665   -7.119  8.987   1.00 47.19 ? 763 ASP B OD1 1 
ATOM   586 O OD2 . ASP B 1 26 ? 5.589   -7.658  9.915   1.00 57.40 ? 763 ASP B OD2 1 
ATOM   587 N N   . ALA B 1 27 ? 6.256   -4.055  5.789   1.00 20.86 ? 764 ALA B N   1 
ATOM   588 C CA  . ALA B 1 27 ? 6.804   -2.820  5.186   1.00 19.25 ? 764 ALA B CA  1 
ATOM   589 C C   . ALA B 1 27 ? 5.733   -2.023  4.391   1.00 19.18 ? 764 ALA B C   1 
ATOM   590 O O   . ALA B 1 27 ? 5.656   -0.769  4.457   1.00 17.32 ? 764 ALA B O   1 
ATOM   591 C CB  . ALA B 1 27 ? 7.984   -3.154  4.303   1.00 22.74 ? 764 ALA B CB  1 
ATOM   592 N N   . LEU B 1 28 ? 4.898   -2.728  3.633   1.00 16.58 ? 765 LEU B N   1 
ATOM   593 C CA  . LEU B 1 28 ? 3.808   -2.022  2.932   1.00 12.95 ? 765 LEU B CA  1 
ATOM   594 C C   . LEU B 1 28 ? 2.797   -1.386  3.896   1.00 11.81 ? 765 LEU B C   1 
ATOM   595 O O   . LEU B 1 28 ? 2.281   -0.293  3.627   1.00 14.21 ? 765 LEU B O   1 
ATOM   596 C CB  . LEU B 1 28 ? 3.057   -2.971  1.977   1.00 13.11 ? 765 LEU B CB  1 
ATOM   597 C CG  . LEU B 1 28 ? 3.870   -3.371  0.743   1.00 19.32 ? 765 LEU B CG  1 
ATOM   598 C CD1 . LEU B 1 28 ? 3.301   -4.658  0.092   1.00 19.33 ? 765 LEU B CD1 1 
ATOM   599 C CD2 . LEU B 1 28 ? 3.863   -2.224  -0.267  1.00 23.53 ? 765 LEU B CD2 1 
ATOM   600 N N   . LYS B 1 29 ? 2.490   -2.057  5.000   1.00 14.48 ? 766 LYS B N   1 
ATOM   601 C CA  . LYS B 1 29 ? 1.543   -1.490  5.978   1.00 14.47 ? 766 LYS B CA  1 
ATOM   602 C C   . LYS B 1 29 ? 2.111   -0.195  6.562   1.00 12.50 ? 766 LYS B C   1 
ATOM   603 O O   . LYS B 1 29 ? 1.371   0.764   6.767   1.00 15.14 ? 766 LYS B O   1 
ATOM   604 C CB  . LYS B 1 29 ? 1.252   -2.474  7.110   1.00 15.69 ? 766 LYS B CB  1 
ATOM   605 C CG  . LYS B 1 29 ? 0.339   -3.600  6.723   1.00 18.75 ? 766 LYS B CG  1 
ATOM   606 C CD  . LYS B 1 29 ? 0.300   -4.594  7.901   1.00 23.22 ? 766 LYS B CD  1 
ATOM   607 C CE  . LYS B 1 29 ? -0.746  -5.692  7.770   1.00 35.20 ? 766 LYS B CE  1 
ATOM   608 N NZ  . LYS B 1 29 ? -0.527  -6.727  8.844   1.00 45.02 ? 766 LYS B NZ  1 
ATOM   609 N N   . ILE B 1 30 ? 3.415   -0.179  6.845   1.00 14.45 ? 767 ILE B N   1 
ATOM   610 C CA  . ILE B 1 30 ? 4.036   1.035   7.384   1.00 17.28 ? 767 ILE B CA  1 
ATOM   611 C C   . ILE B 1 30 ? 3.943   2.135   6.335   1.00 15.47 ? 767 ILE B C   1 
ATOM   612 O O   . ILE B 1 30 ? 3.546   3.273   6.642   1.00 14.38 ? 767 ILE B O   1 
ATOM   613 C CB  . ILE B 1 30 ? 5.514   0.806   7.801   1.00 16.29 ? 767 ILE B CB  1 
ATOM   614 C CG1 . ILE B 1 30 ? 5.556   -0.019  9.087   1.00 16.41 ? 767 ILE B CG1 1 
ATOM   615 C CG2 . ILE B 1 30 ? 6.286   2.131   8.017   1.00 15.37 ? 767 ILE B CG2 1 
ATOM   616 C CD1 . ILE B 1 30 ? 6.835   -0.890  9.207   1.00 21.30 ? 767 ILE B CD1 1 
ATOM   617 N N   . GLN B 1 31 ? 4.281   1.824   5.084   1.00 12.69 ? 768 GLN B N   1 
ATOM   618 C CA  . GLN B 1 31 ? 4.276   2.882   4.062   1.00 14.67 ? 768 GLN B CA  1 
ATOM   619 C C   . GLN B 1 31 ? 2.848   3.393   3.875   1.00 12.64 ? 768 GLN B C   1 
ATOM   620 O O   . GLN B 1 31 ? 2.637   4.593   3.675   1.00 13.45 ? 768 GLN B O   1 
ATOM   621 C CB  . GLN B 1 31 ? 4.788   2.328   2.734   1.00 13.75 ? 768 GLN B CB  1 
ATOM   622 C CG  . GLN B 1 31 ? 6.264   2.105   2.699   1.00 18.99 ? 768 GLN B CG  1 
ATOM   623 C CD  . GLN B 1 31 ? 6.652   1.360   1.449   1.00 23.19 ? 768 GLN B CD  1 
ATOM   624 O OE1 . GLN B 1 31 ? 6.556   0.129   1.379   1.00 23.83 ? 768 GLN B OE1 1 
ATOM   625 N NE2 . GLN B 1 31 ? 7.065   2.105   0.444   1.00 22.57 ? 768 GLN B NE2 1 
ATOM   626 N N   . LEU B 1 32 ? 1.870   2.488   3.914   1.00 11.69 ? 769 LEU B N   1 
ATOM   627 C CA  . LEU B 1 32 ? 0.472   2.879   3.715   1.00 13.78 ? 769 LEU B CA  1 
ATOM   628 C C   . LEU B 1 32 ? -0.004  3.759   4.882   1.00 10.96 ? 769 LEU B C   1 
ATOM   629 O O   . LEU B 1 32 ? -0.706  4.760   4.692   1.00 14.50 ? 769 LEU B O   1 
ATOM   630 C CB  . LEU B 1 32 ? -0.417  1.625   3.541   1.00 12.14 ? 769 LEU B CB  1 
ATOM   631 C CG  . LEU B 1 32 ? -1.906  1.863   3.365   1.00 12.96 ? 769 LEU B CG  1 
ATOM   632 C CD1 . LEU B 1 32 ? -2.175  2.753   2.090   1.00 13.66 ? 769 LEU B CD1 1 
ATOM   633 C CD2 . LEU B 1 32 ? -2.614  0.516   3.238   1.00 12.23 ? 769 LEU B CD2 1 
ATOM   634 N N   . LYS B 1 33 ? 0.412   3.409   6.099   1.00 10.77 ? 770 LYS B N   1 
ATOM   635 C CA  . LYS B 1 33 ? 0.028   4.217   7.255   1.00 12.31 ? 770 LYS B CA  1 
ATOM   636 C C   . LYS B 1 33 ? 0.580   5.643   7.132   1.00 14.00 ? 770 LYS B C   1 
ATOM   637 O O   . LYS B 1 33 ? -0.115  6.640   7.418   1.00 13.36 ? 770 LYS B O   1 
ATOM   638 C CB  . LYS B 1 33 ? 0.552   3.560   8.548   1.00 14.36 ? 770 LYS B CB  1 
ATOM   639 C CG  . LYS B 1 33 ? 0.167   4.346   9.778   1.00 20.21 ? 770 LYS B CG  1 
ATOM   640 C CD  . LYS B 1 33 ? 0.487   3.518   11.013  1.00 26.11 ? 770 LYS B CD  1 
ATOM   641 C CE  . LYS B 1 33 ? -0.532  3.741   12.114  1.00 43.28 ? 770 LYS B CE  1 
ATOM   642 N NZ  . LYS B 1 33 ? -0.226  2.894   13.307  1.00 50.95 ? 770 LYS B NZ  1 
ATOM   643 N N   . TYR B 1 34 ? 1.840   5.755   6.728   1.00 11.71 ? 771 TYR B N   1 
ATOM   644 C CA  . TYR B 1 34 ? 2.400   7.085   6.487   1.00 12.08 ? 771 TYR B CA  1 
ATOM   645 C C   . TYR B 1 34 ? 1.681   7.825   5.370   1.00 17.08 ? 771 TYR B C   1 
ATOM   646 O O   . TYR B 1 34 ? 1.478   9.049   5.452   1.00 15.79 ? 771 TYR B O   1 
ATOM   647 C CB  . TYR B 1 34 ? 3.901   7.011   6.216   1.00 14.57 ? 771 TYR B CB  1 
ATOM   648 C CG  . TYR B 1 34 ? 4.621   6.985   7.509   1.00 15.40 ? 771 TYR B CG  1 
ATOM   649 C CD1 . TYR B 1 34 ? 4.952   8.169   8.174   1.00 25.32 ? 771 TYR B CD1 1 
ATOM   650 C CD2 . TYR B 1 34 ? 4.941   5.764   8.113   1.00 16.67 ? 771 TYR B CD2 1 
ATOM   651 C CE1 . TYR B 1 34 ? 5.593   8.129   9.402   1.00 26.71 ? 771 TYR B CE1 1 
ATOM   652 C CE2 . TYR B 1 34 ? 5.587   5.723   9.327   1.00 17.85 ? 771 TYR B CE2 1 
ATOM   653 C CZ  . TYR B 1 34 ? 5.900   6.896   9.962   1.00 24.22 ? 771 TYR B CZ  1 
ATOM   654 O OH  . TYR B 1 34 ? 6.535   6.845   11.172  1.00 23.20 ? 771 TYR B OH  1 
ATOM   655 N N   . ALA B 1 35 ? 1.257   7.099   4.342   1.00 11.54 ? 772 ALA B N   1 
ATOM   656 C CA  . ALA B 1 35 ? 0.507   7.773   3.273   1.00 12.87 ? 772 ALA B CA  1 
ATOM   657 C C   . ALA B 1 35 ? -0.847  8.297   3.764   1.00 14.99 ? 772 ALA B C   1 
ATOM   658 O O   . ALA B 1 35 ? -1.250  9.437   3.444   1.00 14.04 ? 772 ALA B O   1 
ATOM   659 C CB  . ALA B 1 35 ? 0.329   6.845   2.052   1.00 12.61 ? 772 ALA B CB  1 
ATOM   660 N N   . GLN B 1 36 ? -1.531  7.485   4.565   1.00 13.06 ? 773 GLN B N   1 
ATOM   661 C CA  . GLN B 1 36 ? -2.808  7.858   5.174   1.00 12.14 ? 773 GLN B CA  1 
ATOM   662 C C   . GLN B 1 36 ? -2.626  9.071   6.118   1.00 12.07 ? 773 GLN B C   1 
ATOM   663 O O   . GLN B 1 36 ? -3.471  9.998   6.144   1.00 15.54 ? 773 GLN B O   1 
ATOM   664 C CB  . GLN B 1 36 ? -3.445  6.632   5.872   1.00 15.56 ? 773 GLN B CB  1 
ATOM   665 C CG  . GLN B 1 36 ? -3.931  5.616   4.807   1.00 21.92 ? 773 GLN B CG  1 
ATOM   666 C CD  . GLN B 1 36 ? -4.366  4.262   5.369   1.00 30.35 ? 773 GLN B CD  1 
ATOM   667 O OE1 . GLN B 1 36 ? -4.250  4.004   6.565   1.00 26.44 ? 773 GLN B OE1 1 
ATOM   668 N NE2 . GLN B 1 36 ? -4.898  3.398   4.491   1.00 24.37 ? 773 GLN B NE2 1 
ATOM   669 N N   . LYS B 1 37 ? -1.543  9.103   6.892   1.00 13.42 ? 774 LYS B N   1 
ATOM   670 C CA  . LYS B 1 37 ? -1.308  10.276  7.759   1.00 17.35 ? 774 LYS B CA  1 
ATOM   671 C C   . LYS B 1 37 ? -1.127  11.564  6.935   1.00 14.29 ? 774 LYS B C   1 
ATOM   672 O O   . LYS B 1 37 ? -1.618  12.664  7.308   1.00 14.24 ? 774 LYS B O   1 
ATOM   673 C CB  . LYS B 1 37 ? -0.067  10.070  8.642   1.00 14.44 ? 774 LYS B CB  1 
ATOM   674 C CG  . LYS B 1 37 ? -0.179  9.009   9.749   1.00 21.69 ? 774 LYS B CG  1 
ATOM   675 C CD  . LYS B 1 37 ? 1.192   8.875   10.431  1.00 28.19 ? 774 LYS B CD  1 
ATOM   676 C CE  . LYS B 1 37 ? 1.213   7.816   11.512  1.00 38.53 ? 774 LYS B CE  1 
ATOM   677 N NZ  . LYS B 1 37 ? 0.538   8.296   12.745  1.00 35.48 ? 774 LYS B NZ  1 
ATOM   678 N N   . LYS B 1 38 ? -0.416  11.449  5.808   1.00 10.99 ? 775 LYS B N   1 
ATOM   679 C CA  . LYS B 1 38 ? -0.190  12.613  4.949   1.00 12.25 ? 775 LYS B CA  1 
ATOM   680 C C   . LYS B 1 38 ? -1.515  13.069  4.289   1.00 15.64 ? 775 LYS B C   1 
ATOM   681 O O   . LYS B 1 38 ? -1.782  14.278  4.220   1.00 14.80 ? 775 LYS B O   1 
ATOM   682 C CB  . LYS B 1 38 ? 0.867   12.295  3.906   1.00 15.34 ? 775 LYS B CB  1 
ATOM   683 C CG  . LYS B 1 38 ? 1.206   13.409  2.923   1.00 14.88 ? 775 LYS B CG  1 
ATOM   684 C CD  . LYS B 1 38 ? 1.672   14.693  3.616   1.00 16.72 ? 775 LYS B CD  1 
ATOM   685 C CE  . LYS B 1 38 ? 2.202   15.721  2.595   1.00 19.93 ? 775 LYS B CE  1 
ATOM   686 N NZ  . LYS B 1 38 ? 2.645   16.967  3.261   1.00 24.47 ? 775 LYS B NZ  1 
ATOM   687 N N   . ILE B 1 39 ? -2.335  12.118  3.834   1.00 11.60 ? 776 ILE B N   1 
ATOM   688 C CA  . ILE B 1 39 ? -3.670  12.472  3.309   1.00 9.86  ? 776 ILE B CA  1 
ATOM   689 C C   . ILE B 1 39 ? -4.460  13.254  4.358   1.00 13.33 ? 776 ILE B C   1 
ATOM   690 O O   . ILE B 1 39 ? -5.002  14.327  4.056   1.00 14.54 ? 776 ILE B O   1 
ATOM   691 C CB  . ILE B 1 39 ? -4.457  11.234  2.855   1.00 11.92 ? 776 ILE B CB  1 
ATOM   692 C CG1 . ILE B 1 39 ? -3.725  10.630  1.658   1.00 14.29 ? 776 ILE B CG1 1 
ATOM   693 C CG2 . ILE B 1 39 ? -5.880  11.605  2.441   1.00 10.87 ? 776 ILE B CG2 1 
ATOM   694 C CD1 . ILE B 1 39 ? -4.186  9.205   1.310   1.00 14.38 ? 776 ILE B CD1 1 
ATOM   695 N N   . GLU B 1 40 ? -4.513  12.744  5.586   1.00 12.78 ? 777 GLU B N   1 
ATOM   696 C CA  . GLU B 1 40 ? -5.317  13.420  6.608   1.00 12.76 ? 777 GLU B CA  1 
ATOM   697 C C   . GLU B 1 40 ? -4.748  14.814  6.871   1.00 12.61 ? 777 GLU B C   1 
ATOM   698 O O   . GLU B 1 40 ? -5.495  15.802  7.049   1.00 16.24 ? 777 GLU B O   1 
ATOM   699 C CB  . GLU B 1 40 ? -5.339  12.619  7.923   1.00 12.11 ? 777 GLU B CB  1 
ATOM   700 C CG  . GLU B 1 40 ? -6.225  13.283  8.965   1.00 14.80 ? 777 GLU B CG  1 
ATOM   701 C CD  . GLU B 1 40 ? -6.416  12.499  10.239  1.00 16.55 ? 777 GLU B CD  1 
ATOM   702 O OE1 . GLU B 1 40 ? -5.789  11.426  10.361  1.00 17.82 ? 777 GLU B OE1 1 
ATOM   703 O OE2 . GLU B 1 40 ? -7.215  12.939  11.119  1.00 16.74 ? 777 GLU B OE2 1 
ATOM   704 N N   . SER B 1 41 ? -3.423  14.917  6.922   1.00 13.06 ? 778 SER B N   1 
ATOM   705 C CA  A SER B 1 41 ? -2.781  16.191  7.206   0.62 15.51 ? 778 SER B CA  1 
ATOM   706 C CA  B SER B 1 41 ? -2.825  16.210  7.237   0.38 15.19 ? 778 SER B CA  1 
ATOM   707 C C   . SER B 1 41 ? -3.112  17.218  6.117   1.00 15.48 ? 778 SER B C   1 
ATOM   708 O O   . SER B 1 41 ? -3.355  18.409  6.394   1.00 17.08 ? 778 SER B O   1 
ATOM   709 C CB  A SER B 1 41 ? -1.258  15.992  7.318   0.62 14.28 ? 778 SER B CB  1 
ATOM   710 C CB  B SER B 1 41 ? -1.316  16.079  7.492   0.38 15.39 ? 778 SER B CB  1 
ATOM   711 O OG  A SER B 1 41 ? -0.647  17.192  7.736   0.62 18.50 ? 778 SER B OG  1 
ATOM   712 O OG  B SER B 1 41 ? -0.653  15.814  6.281   0.38 16.92 ? 778 SER B OG  1 
ATOM   713 N N   . LEU B 1 42 ? -3.122  16.752  4.865   1.00 15.20 ? 779 LEU B N   1 
ATOM   714 C CA  . LEU B 1 42 ? -3.456  17.609  3.729   1.00 14.78 ? 779 LEU B CA  1 
ATOM   715 C C   . LEU B 1 42 ? -4.931  18.022  3.723   1.00 14.68 ? 779 LEU B C   1 
ATOM   716 O O   . LEU B 1 42 ? -5.264  19.149  3.338   1.00 17.27 ? 779 LEU B O   1 
ATOM   717 C CB  . LEU B 1 42 ? -3.112  16.926  2.391   1.00 16.03 ? 779 LEU B CB  1 
ATOM   718 C CG  . LEU B 1 42 ? -1.630  16.839  2.002   1.00 16.51 ? 779 LEU B CG  1 
ATOM   719 C CD1 . LEU B 1 42 ? -1.408  15.893  0.812   1.00 15.46 ? 779 LEU B CD1 1 
ATOM   720 C CD2 . LEU B 1 42 ? -1.071  18.192  1.669   1.00 16.21 ? 779 LEU B CD2 1 
ATOM   721 N N   . GLN B 1 43 ? -5.804  17.108  4.148   1.00 14.13 ? 780 GLN B N   1 
ATOM   722 C CA  . GLN B 1 43 ? -7.219  17.465  4.274   1.00 14.82 ? 780 GLN B CA  1 
ATOM   723 C C   . GLN B 1 43 ? -7.439  18.506  5.351   1.00 16.90 ? 780 GLN B C   1 
ATOM   724 O O   . GLN B 1 43 ? -8.246  19.447  5.179   1.00 18.61 ? 780 GLN B O   1 
ATOM   725 C CB  . GLN B 1 43 ? -8.072  16.202  4.504   1.00 15.48 ? 780 GLN B CB  1 
ATOM   726 C CG  . GLN B 1 43 ? -8.187  15.404  3.199   1.00 17.79 ? 780 GLN B CG  1 
ATOM   727 C CD  . GLN B 1 43 ? -8.694  13.992  3.399   1.00 27.17 ? 780 GLN B CD  1 
ATOM   728 O OE1 . GLN B 1 43 ? -8.507  13.387  4.465   1.00 21.57 ? 780 GLN B OE1 1 
ATOM   729 N NE2 . GLN B 1 43 ? -9.317  13.437  2.351   1.00 24.68 ? 780 GLN B NE2 1 
ATOM   730 N N   . LEU B 1 44 ? -6.688  18.379  6.449   1.00 17.81 ? 781 LEU B N   1 
ATOM   731 C CA  . LEU B 1 44 ? -6.812  19.355  7.526   1.00 20.44 ? 781 LEU B CA  1 
ATOM   732 C C   . LEU B 1 44 ? -6.286  20.704  7.063   1.00 21.55 ? 781 LEU B C   1 
ATOM   733 O O   . LEU B 1 44 ? -6.864  21.753  7.357   1.00 26.60 ? 781 LEU B O   1 
ATOM   734 C CB  . LEU B 1 44 ? -6.068  18.875  8.795   1.00 19.53 ? 781 LEU B CB  1 
ATOM   735 C CG  . LEU B 1 44 ? -6.733  17.687  9.508   1.00 19.33 ? 781 LEU B CG  1 
ATOM   736 C CD1 . LEU B 1 44 ? -5.835  17.021  10.557  1.00 18.14 ? 781 LEU B CD1 1 
ATOM   737 C CD2 . LEU B 1 44 ? -8.059  18.130  10.145  1.00 21.00 ? 781 LEU B CD2 1 
ATOM   738 N N   . GLU B 1 45 ? -5.202  20.689  6.303   1.00 20.95 ? 782 GLU B N   1 
ATOM   739 C CA  . GLU B 1 45 ? -4.661  21.952  5.807   1.00 25.07 ? 782 GLU B CA  1 
ATOM   740 C C   . GLU B 1 45 ? -5.684  22.607  4.869   1.00 22.65 ? 782 GLU B C   1 
ATOM   741 O O   . GLU B 1 45 ? -5.886  23.827  4.905   1.00 29.44 ? 782 GLU B O   1 
ATOM   742 C CB  . GLU B 1 45 ? -3.328  21.680  5.081   1.00 22.51 ? 782 GLU B CB  1 
ATOM   743 C CG  . GLU B 1 45 ? -2.703  22.925  4.431   1.00 27.56 ? 782 GLU B CG  1 
ATOM   744 C CD  . GLU B 1 45 ? -1.398  22.601  3.729   1.00 33.06 ? 782 GLU B CD  1 
ATOM   745 O OE1 . GLU B 1 45 ? -1.274  21.463  3.210   1.00 31.73 ? 782 GLU B OE1 1 
ATOM   746 O OE2 . GLU B 1 45 ? -0.497  23.467  3.710   1.00 47.01 ? 782 GLU B OE2 1 
ATOM   747 N N   . LYS B 1 46 ? -6.313  21.784  4.025   1.00 27.92 ? 783 LYS B N   1 
ATOM   748 C CA  . LYS B 1 46 ? -7.250  22.268  3.002   1.00 35.66 ? 783 LYS B CA  1 
ATOM   749 C C   . LYS B 1 46 ? -8.427  22.945  3.664   1.00 35.65 ? 783 LYS B C   1 
ATOM   750 O O   . LYS B 1 46 ? -8.845  24.049  3.279   1.00 39.53 ? 783 LYS B O   1 
ATOM   751 C CB  . LYS B 1 46 ? -7.745  21.105  2.116   1.00 36.66 ? 783 LYS B CB  1 
ATOM   752 C CG  . LYS B 1 46 ? -8.926  21.490  1.220   1.00 45.74 ? 783 LYS B CG  1 
ATOM   753 C CD  . LYS B 1 46 ? -9.131  20.545  0.036   1.00 49.00 ? 783 LYS B CD  1 
ATOM   754 C CE  . LYS B 1 46 ? -9.742  19.221  0.451   1.00 51.05 ? 783 LYS B CE  1 
ATOM   755 N NZ  . LYS B 1 46 ? -10.239 18.436  -0.723  1.00 54.31 ? 783 LYS B NZ  1 
ATOM   756 N N   . SER B 1 47 ? -8.955  22.290  4.690   1.00 29.59 ? 784 SER B N   1 
ATOM   757 C CA  A SER B 1 47 ? -10.109 22.817  5.406   0.38 34.15 ? 784 SER B CA  1 
ATOM   758 C CA  B SER B 1 47 ? -10.102 22.833  5.393   0.62 32.14 ? 784 SER B CA  1 
ATOM   759 C C   . SER B 1 47 ? -9.775  24.150  6.078   1.00 39.01 ? 784 SER B C   1 
ATOM   760 O O   . SER B 1 47 ? -10.633 25.023  6.189   1.00 44.76 ? 784 SER B O   1 
ATOM   761 C CB  A SER B 1 47 ? -10.655 21.789  6.414   0.38 37.28 ? 784 SER B CB  1 
ATOM   762 C CB  B SER B 1 47 ? -10.629 21.846  6.422   0.62 37.33 ? 784 SER B CB  1 
ATOM   763 O OG  A SER B 1 47 ? -10.087 21.939  7.705   0.38 38.96 ? 784 SER B OG  1 
ATOM   764 O OG  B SER B 1 47 ? -11.519 22.535  7.268   0.62 34.94 ? 784 SER B OG  1 
ATOM   765 N N   . ASN B 1 48 ? -8.531  24.310  6.524   1.00 40.23 ? 785 ASN B N   1 
ATOM   766 C CA  . ASN B 1 48 ? -8.125  25.601  7.086   1.00 45.88 ? 785 ASN B CA  1 
ATOM   767 C C   . ASN B 1 48 ? -7.956  26.653  6.009   1.00 57.34 ? 785 ASN B C   1 
ATOM   768 O O   . ASN B 1 48 ? -8.382  27.800  6.187   1.00 63.39 ? 785 ASN B O   1 
ATOM   769 C CB  . ASN B 1 48 ? -6.830  25.494  7.884   1.00 44.26 ? 785 ASN B CB  1 
ATOM   770 C CG  . ASN B 1 48 ? -7.067  25.035  9.297   1.00 54.52 ? 785 ASN B CG  1 
ATOM   771 O OD1 . ASN B 1 48 ? -8.188  25.117  9.809   1.00 55.68 ? 785 ASN B OD1 1 
ATOM   772 N ND2 . ASN B 1 48 ? -6.015  24.544  9.942   1.00 56.20 ? 785 ASN B ND2 1 
ATOM   773 N N   . HIS B 1 49 ? -7.330  26.268  4.896   1.00 60.28 ? 786 HIS B N   1 
ATOM   774 C CA  . HIS B 1 49 ? -7.046  27.235  3.837   1.00 63.71 ? 786 HIS B CA  1 
ATOM   775 C C   . HIS B 1 49 ? -8.315  27.888  3.304   1.00 64.79 ? 786 HIS B C   1 
ATOM   776 O O   . HIS B 1 49 ? -8.603  29.046  3.618   1.00 67.11 ? 786 HIS B O   1 
ATOM   777 C CB  . HIS B 1 49 ? -6.243  26.624  2.684   1.00 60.39 ? 786 HIS B CB  1 
ATOM   778 C CG  . HIS B 1 49 ? -5.827  27.636  1.661   1.00 76.73 ? 786 HIS B CG  1 
ATOM   779 N ND1 . HIS B 1 49 ? -6.639  28.017  0.620   1.00 84.51 ? 786 HIS B ND1 1 
ATOM   780 C CD2 . HIS B 1 49 ? -4.699  28.384  1.554   1.00 82.73 ? 786 HIS B CD2 1 
ATOM   781 C CE1 . HIS B 1 49 ? -6.027  28.943  -0.104  1.00 87.42 ? 786 HIS B CE1 1 
ATOM   782 N NE2 . HIS B 1 49 ? -4.848  29.180  0.445   1.00 86.84 ? 786 HIS B NE2 1 
HETATM 783 C C1  . GOL C 2 .  ? 3.206   -32.761 2.972   1.00 40.54 ? 801 GOL A C1  1 
HETATM 784 O O1  . GOL C 2 .  ? 2.459   -32.929 1.787   1.00 46.49 ? 801 GOL A O1  1 
HETATM 785 C C2  . GOL C 2 .  ? 2.234   -32.445 4.095   1.00 38.31 ? 801 GOL A C2  1 
HETATM 786 O O2  . GOL C 2 .  ? 1.028   -33.108 3.808   1.00 48.97 ? 801 GOL A O2  1 
HETATM 787 C C3  . GOL C 2 .  ? 2.716   -32.961 5.444   1.00 45.08 ? 801 GOL A C3  1 
HETATM 788 O O3  . GOL C 2 .  ? 3.370   -31.940 6.156   1.00 51.01 ? 801 GOL A O3  1 
HETATM 789 S S   . SO4 D 3 .  ? -11.386 15.187  -0.542  1.00 59.74 ? 801 SO4 B S   1 
HETATM 790 O O1  . SO4 D 3 .  ? -12.732 14.619  -0.508  1.00 62.58 ? 801 SO4 B O1  1 
HETATM 791 O O2  . SO4 D 3 .  ? -11.240 16.217  0.488   1.00 51.13 ? 801 SO4 B O2  1 
HETATM 792 O O3  . SO4 D 3 .  ? -10.422 14.123  -0.296  1.00 52.61 ? 801 SO4 B O3  1 
HETATM 793 O O4  . SO4 D 3 .  ? -11.150 15.772  -1.864  1.00 62.42 ? 801 SO4 B O4  1 
HETATM 794 C C1  . GOL E 2 .  ? 2.593   20.117  5.796   1.00 45.28 ? 802 GOL B C1  1 
HETATM 795 O O1  . GOL E 2 .  ? 3.020   21.310  6.430   1.00 48.70 ? 802 GOL B O1  1 
HETATM 796 C C2  . GOL E 2 .  ? 1.224   19.706  6.337   1.00 40.56 ? 802 GOL B C2  1 
HETATM 797 O O2  . GOL E 2 .  ? 0.548   20.845  6.837   1.00 48.03 ? 802 GOL B O2  1 
HETATM 798 C C3  . GOL E 2 .  ? 0.388   19.030  5.245   1.00 31.86 ? 802 GOL B C3  1 
HETATM 799 O O3  . GOL E 2 .  ? 0.937   17.753  4.987   1.00 36.90 ? 802 GOL B O3  1 
HETATM 800 C C1  . GOL F 2 .  ? -0.590  24.598  7.864   1.00 55.29 ? 803 GOL B C1  1 
HETATM 801 O O1  . GOL F 2 .  ? -0.071  24.042  6.674   1.00 55.15 ? 803 GOL B O1  1 
HETATM 802 C C2  . GOL F 2 .  ? -2.008  24.082  8.084   1.00 51.50 ? 803 GOL B C2  1 
HETATM 803 O O2  . GOL F 2 .  ? -2.841  25.175  8.366   1.00 53.61 ? 803 GOL B O2  1 
HETATM 804 C C3  . GOL F 2 .  ? -2.030  23.128  9.279   1.00 50.47 ? 803 GOL B C3  1 
HETATM 805 O O3  . GOL F 2 .  ? -3.234  22.380  9.273   1.00 45.51 ? 803 GOL B O3  1 
HETATM 806 O O   . HOH G 4 .  ? -4.076  18.947  -19.692 1.00 22.93 ? 901 HOH A O   1 
HETATM 807 O O   . HOH G 4 .  ? -4.355  -11.980 5.835   1.00 37.68 ? 902 HOH A O   1 
HETATM 808 O O   . HOH G 4 .  ? -2.873  -15.455 -3.722  1.00 40.40 ? 903 HOH A O   1 
HETATM 809 O O   . HOH G 4 .  ? -4.545  -13.560 -5.038  1.00 50.46 ? 904 HOH A O   1 
HETATM 810 O O   . HOH G 4 .  ? 1.321   9.880   -21.975 1.00 23.07 ? 905 HOH A O   1 
HETATM 811 O O   . HOH G 4 .  ? -5.952  24.254  -14.182 1.00 40.15 ? 906 HOH A O   1 
HETATM 812 O O   . HOH G 4 .  ? -6.645  17.716  -7.780  1.00 21.87 ? 907 HOH A O   1 
HETATM 813 O O   . HOH G 4 .  ? 2.761   19.595  1.481   1.00 39.07 ? 908 HOH A O   1 
HETATM 814 O O   . HOH G 4 .  ? 3.088   13.642  -3.914  1.00 26.53 ? 909 HOH A O   1 
HETATM 815 O O   . HOH G 4 .  ? 2.348   11.082  -3.608  1.00 21.47 ? 910 HOH A O   1 
HETATM 816 O O   . HOH G 4 .  ? -6.290  7.890   -5.790  1.00 24.40 ? 911 HOH A O   1 
HETATM 817 O O   . HOH G 4 .  ? 2.461   0.126   -4.568  1.00 26.33 ? 912 HOH A O   1 
HETATM 818 O O   . HOH G 4 .  ? 4.551   -1.158  -4.273  1.00 35.89 ? 913 HOH A O   1 
HETATM 819 O O   . HOH G 4 .  ? -1.201  -4.926  -6.723  1.00 34.61 ? 914 HOH A O   1 
HETATM 820 O O   . HOH G 4 .  ? -0.504  22.633  -6.500  1.00 38.84 ? 915 HOH A O   1 
HETATM 821 O O   . HOH G 4 .  ? 3.484   15.205  -1.608  1.00 27.36 ? 916 HOH A O   1 
HETATM 822 O O   . HOH G 4 .  ? 0.220   20.441  -18.109 1.00 42.75 ? 917 HOH A O   1 
HETATM 823 O O   . HOH G 4 .  ? 4.874   19.331  -22.805 1.00 35.72 ? 918 HOH A O   1 
HETATM 824 O O   . HOH G 4 .  ? -10.871 6.052   -0.197  1.00 38.62 ? 919 HOH A O   1 
HETATM 825 O O   . HOH G 4 .  ? 4.182   13.222  0.367   1.00 37.44 ? 920 HOH A O   1 
HETATM 826 O O   . HOH G 4 .  ? 4.272   6.576   -0.472  1.00 49.01 ? 921 HOH A O   1 
HETATM 827 O O   . HOH G 4 .  ? 6.308   -6.265  -1.386  1.00 36.99 ? 922 HOH A O   1 
HETATM 828 O O   . HOH G 4 .  ? -5.535  -12.477 1.758   1.00 33.95 ? 923 HOH A O   1 
HETATM 829 O O   . HOH G 4 .  ? -6.816  -11.887 4.583   1.00 55.96 ? 924 HOH A O   1 
HETATM 830 O O   . HOH G 4 .  ? -7.330  13.370  -12.259 1.00 27.09 ? 925 HOH A O   1 
HETATM 831 O O   . HOH G 4 .  ? -5.739  20.340  -1.073  1.00 24.52 ? 926 HOH A O   1 
HETATM 832 O O   . HOH G 4 .  ? -6.751  22.618  -1.818  1.00 30.40 ? 927 HOH A O   1 
HETATM 833 O O   . HOH G 4 .  ? -6.724  10.347  -7.000  1.00 47.67 ? 928 HOH A O   1 
HETATM 834 O O   . HOH G 4 .  ? -8.818  21.194  -13.601 1.00 45.28 ? 929 HOH A O   1 
HETATM 835 O O   . HOH G 4 .  ? 3.155   2.414   -4.971  1.00 44.38 ? 930 HOH A O   1 
HETATM 836 O O   . HOH G 4 .  ? -3.481  -5.920  -8.123  1.00 57.05 ? 931 HOH A O   1 
HETATM 837 O O   . HOH G 4 .  ? -6.035  28.409  -11.449 1.00 40.77 ? 932 HOH A O   1 
HETATM 838 O O   . HOH G 4 .  ? 1.681   -1.142  -7.725  1.00 58.44 ? 933 HOH A O   1 
HETATM 839 O O   . HOH G 4 .  ? -3.117  -24.233 -2.878  1.00 73.26 ? 934 HOH A O   1 
HETATM 840 O O   . HOH G 4 .  ? -4.012  -11.195 -5.880  1.00 38.50 ? 935 HOH A O   1 
HETATM 841 O O   . HOH G 4 .  ? -5.474  -19.611 0.926   1.00 51.13 ? 936 HOH A O   1 
HETATM 842 O O   . HOH G 4 .  ? 0.896   -27.588 -4.975  1.00 56.62 ? 937 HOH A O   1 
HETATM 843 O O   . HOH G 4 .  ? 1.222   24.171  0.453   1.00 43.24 ? 938 HOH A O   1 
HETATM 844 O O   . HOH G 4 .  ? -10.039 22.649  -7.080  1.00 60.33 ? 939 HOH A O   1 
HETATM 845 O O   . HOH G 4 .  ? -9.835  18.994  -7.370  1.00 41.97 ? 940 HOH A O   1 
HETATM 846 O O   . HOH G 4 .  ? -8.573  21.081  -8.358  1.00 45.13 ? 941 HOH A O   1 
HETATM 847 O O   . HOH G 4 .  ? 3.815   11.017  -0.740  1.00 39.34 ? 942 HOH A O   1 
HETATM 848 O O   . HOH G 4 .  ? -8.813  14.337  -4.390  1.00 44.19 ? 943 HOH A O   1 
HETATM 849 O O   . HOH G 4 .  ? -0.446  -2.238  -7.877  1.00 49.10 ? 944 HOH A O   1 
HETATM 850 O O   . HOH G 4 .  ? -2.110  -23.425 -4.787  1.00 64.70 ? 945 HOH A O   1 
HETATM 851 O O   . HOH G 4 .  ? -1.846  -15.428 8.071   1.00 68.05 ? 946 HOH A O   1 
HETATM 852 O O   . HOH G 4 .  ? -0.634  -16.714 -5.225  1.00 48.08 ? 947 HOH A O   1 
HETATM 853 O O   . HOH G 4 .  ? 2.531   -11.621 -7.373  1.00 76.97 ? 948 HOH A O   1 
HETATM 854 O O   . HOH G 4 .  ? 4.625   -11.639 -8.255  1.00 68.47 ? 949 HOH A O   1 
HETATM 855 O O   . HOH G 4 .  ? -0.023  -12.294 -6.828  1.00 52.85 ? 950 HOH A O   1 
HETATM 856 O O   . HOH G 4 .  ? -8.150  7.428   -7.620  1.00 42.70 ? 951 HOH A O   1 
HETATM 857 O O   . HOH G 4 .  ? -6.850  9.812   -9.416  1.00 39.02 ? 952 HOH A O   1 
HETATM 858 O O   . HOH G 4 .  ? -4.363  -7.385  4.715   1.00 49.32 ? 953 HOH A O   1 
HETATM 859 O O   . HOH G 4 .  ? -4.140  -29.056 11.232  1.00 63.09 ? 954 HOH A O   1 
HETATM 860 O O   . HOH H 4 .  ? -2.053  13.003  10.038  1.00 23.08 ? 901 HOH B O   1 
HETATM 861 O O   . HOH H 4 .  ? -4.082  20.708  1.343   1.00 23.90 ? 902 HOH B O   1 
HETATM 862 O O   . HOH H 4 .  ? -10.589 19.007  3.552   1.00 27.27 ? 903 HOH B O   1 
HETATM 863 O O   . HOH H 4 .  ? -7.177  12.136  13.500  1.00 27.71 ? 904 HOH B O   1 
HETATM 864 O O   . HOH H 4 .  ? -8.747  10.541  14.513  1.00 24.70 ? 905 HOH B O   1 
HETATM 865 O O   . HOH H 4 .  ? 7.574   -2.370  0.183   1.00 38.22 ? 906 HOH B O   1 
HETATM 866 O O   . HOH H 4 .  ? -9.926  23.522  9.441   1.00 40.40 ? 907 HOH B O   1 
HETATM 867 O O   . HOH H 4 .  ? 3.771   -3.020  10.010  1.00 35.92 ? 908 HOH B O   1 
HETATM 868 O O   . HOH H 4 .  ? 2.048   -0.783  10.352  1.00 39.51 ? 909 HOH B O   1 
HETATM 869 O O   . HOH H 4 .  ? -2.938  27.023  -1.435  1.00 55.75 ? 910 HOH B O   1 
HETATM 870 O O   . HOH H 4 .  ? 2.627   6.165   15.207  1.00 38.99 ? 911 HOH B O   1 
HETATM 871 O O   . HOH H 4 .  ? -0.002  4.911   14.980  1.00 50.24 ? 912 HOH B O   1 
HETATM 872 O O   . HOH H 4 .  ? 5.530   8.716   13.140  1.00 36.44 ? 913 HOH B O   1 
HETATM 873 O O   . HOH H 4 .  ? 0.354   -9.975  5.942   1.00 45.16 ? 914 HOH B O   1 
HETATM 874 O O   . HOH H 4 .  ? -5.801  4.828   1.877   1.00 29.64 ? 915 HOH B O   1 
HETATM 875 O O   . HOH H 4 .  ? -4.538  23.422  1.395   1.00 30.21 ? 916 HOH B O   1 
HETATM 876 O O   . HOH H 4 .  ? -5.905  24.765  -0.279  1.00 45.48 ? 917 HOH B O   1 
HETATM 877 O O   . HOH H 4 .  ? -11.831 16.594  3.328   1.00 47.00 ? 918 HOH B O   1 
HETATM 878 O O   . HOH H 4 .  ? 6.975   1.941   -2.336  1.00 40.37 ? 919 HOH B O   1 
HETATM 879 O O   . HOH H 4 .  ? 9.446   3.712   -3.105  1.00 30.72 ? 920 HOH B O   1 
# 
loop_
_atom_site_anisotrop.id 
_atom_site_anisotrop.type_symbol 
_atom_site_anisotrop.pdbx_label_atom_id 
_atom_site_anisotrop.pdbx_label_alt_id 
_atom_site_anisotrop.pdbx_label_comp_id 
_atom_site_anisotrop.pdbx_label_asym_id 
_atom_site_anisotrop.pdbx_label_seq_id 
_atom_site_anisotrop.pdbx_PDB_ins_code 
_atom_site_anisotrop.U[1][1] 
_atom_site_anisotrop.U[2][2] 
_atom_site_anisotrop.U[3][3] 
_atom_site_anisotrop.U[1][2] 
_atom_site_anisotrop.U[1][3] 
_atom_site_anisotrop.U[2][3] 
_atom_site_anisotrop.pdbx_auth_seq_id 
_atom_site_anisotrop.pdbx_auth_comp_id 
_atom_site_anisotrop.pdbx_auth_asym_id 
_atom_site_anisotrop.pdbx_auth_atom_id 
1   N N   . LEU A 8  ? 1.1153 0.6459 1.3117 0.1415  -0.0602 0.2716  745 LEU A N   
2   C CA  . LEU A 8  ? 1.0566 0.6268 1.2762 0.1378  -0.0657 0.2410  745 LEU A CA  
3   C C   . LEU A 8  ? 0.9438 0.5345 1.1995 0.1159  -0.0499 0.2234  745 LEU A C   
4   O O   . LEU A 8  ? 0.9303 0.5087 1.2202 0.1041  -0.0390 0.2273  745 LEU A O   
5   C CB  . LEU A 8  ? 1.0801 0.6600 1.3463 0.1473  -0.0792 0.2228  745 LEU A CB  
6   C CG  . LEU A 8  ? 1.1061 0.6884 1.3533 0.1680  -0.1005 0.2296  745 LEU A CG  
7   C CD1 . LEU A 8  ? 1.0942 0.6988 1.2977 0.1703  -0.1077 0.2263  745 LEU A CD1 
8   C CD2 . LEU A 8  ? 1.1889 0.7304 1.4022 0.1829  -0.1081 0.2614  745 LEU A CD2 
9   N N   . PRO A 9  ? 0.9416 0.5626 1.1914 0.1104  -0.0502 0.2044  746 PRO A N   
10  C CA  . PRO A 9  ? 0.8323 0.4693 1.1175 0.0905  -0.0390 0.1868  746 PRO A CA  
11  C C   . PRO A 9  ? 0.7927 0.4260 1.1301 0.0863  -0.0426 0.1612  746 PRO A C   
12  O O   . PRO A 9  ? 0.7014 0.3327 1.0506 0.0991  -0.0516 0.1503  746 PRO A O   
13  C CB  . PRO A 9  ? 0.8167 0.4832 1.0798 0.0888  -0.0411 0.1721  746 PRO A CB  
14  C CG  . PRO A 9  ? 0.8440 0.5150 1.0798 0.1071  -0.0563 0.1725  746 PRO A CG  
15  C CD  . PRO A 9  ? 0.8903 0.5303 1.1025 0.1204  -0.0614 0.1991  746 PRO A CD  
16  N N   . THR A 10 ? 0.6838 0.3142 1.0521 0.0688  -0.0357 0.1516  747 THR A N   
17  C CA  . THR A 10 ? 0.6945 0.3118 1.1010 0.0645  -0.0396 0.1253  747 THR A CA  
18  C C   . THR A 10 ? 0.6562 0.2916 1.0572 0.0660  -0.0437 0.0918  747 THR A C   
19  O O   . THR A 10 ? 0.6167 0.2766 0.9934 0.0650  -0.0434 0.0904  747 THR A O   
20  C CB  . THR A 10 ? 0.8937 0.4988 1.3325 0.0447  -0.0357 0.1258  747 THR A CB  
21  O OG1 . THR A 10 ? 1.0352 0.6114 1.5047 0.0450  -0.0398 0.1137  747 THR A OG1 
22  C CG2 . THR A 10 ? 0.7040 0.3266 1.1456 0.0290  -0.0383 0.1037  747 THR A CG2 
23  N N   . TYR A 11 ? 0.7038 0.3246 1.1233 0.0697  -0.0453 0.0653  748 TYR A N   
24  C CA  . TYR A 11 ? 0.7573 0.3893 1.1666 0.0719  -0.0441 0.0324  748 TYR A CA  
25  C C   . TYR A 11 ? 0.7170 0.3557 1.1139 0.0534  -0.0455 0.0178  748 TYR A C   
26  O O   . TYR A 11 ? 0.5927 0.2516 0.9680 0.0532  -0.0445 0.0037  748 TYR A O   
27  C CB  . TYR A 11 ? 0.6900 0.2958 1.1153 0.0803  -0.0409 0.0083  748 TYR A CB  
28  C CG  . TYR A 11 ? 0.6849 0.2926 1.0937 0.0852  -0.0336 -0.0264 748 TYR A CG  
29  C CD1 . TYR A 11 ? 0.6936 0.2866 1.0797 0.0716  -0.0341 -0.0525 748 TYR A CD1 
30  C CD2 . TYR A 11 ? 0.7942 0.4152 1.2098 0.1037  -0.0260 -0.0325 748 TYR A CD2 
31  C CE1 . TYR A 11 ? 0.7029 0.2900 1.0615 0.0776  -0.0245 -0.0833 748 TYR A CE1 
32  C CE2 . TYR A 11 ? 0.6853 0.3058 1.0842 0.1095  -0.0136 -0.0620 748 TYR A CE2 
33  C CZ  . TYR A 11 ? 0.6990 0.2998 1.0639 0.0971  -0.0116 -0.0874 748 TYR A CZ  
34  O OH  . TYR A 11 ? 0.8277 0.4214 1.1634 0.1041  0.0031  -0.1156 748 TYR A OH  
35  N N   . GLN A 12 ? 0.7339 0.3564 1.1475 0.0377  -0.0490 0.0223  749 GLN A N   
36  C CA  . GLN A 12 ? 0.7307 0.3605 1.1405 0.0186  -0.0548 0.0123  749 GLN A CA  
37  C C   . GLN A 12 ? 0.6384 0.3019 1.0360 0.0146  -0.0513 0.0331  749 GLN A C   
38  O O   . GLN A 12 ? 0.5748 0.2531 0.9575 0.0061  -0.0553 0.0187  749 GLN A O   
39  C CB  . GLN A 12 ? 0.8420 0.4508 1.2843 0.0029  -0.0616 0.0172  749 GLN A CB  
40  C CG  . GLN A 12 ? 0.9865 0.5678 1.4230 -0.0073 -0.0739 -0.0184 749 GLN A CG  
41  C CD  . GLN A 12 ? 1.0880 0.6841 1.5223 -0.0263 -0.0863 -0.0254 749 GLN A CD  
42  O OE1 . GLN A 12 ? 1.1000 0.7147 1.5669 -0.0381 -0.0879 -0.0007 749 GLN A OE1 
43  N NE2 . GLN A 12 ? 1.1293 0.7172 1.5242 -0.0281 -0.0937 -0.0578 749 GLN A NE2 
44  N N   . GLU A 13 ? 0.6289 0.3003 1.0262 0.0216  -0.0434 0.0667  750 GLU A N   
45  C CA  . GLU A 13 ? 0.6387 0.3355 1.0133 0.0220  -0.0367 0.0878  750 GLU A CA  
46  C C   . GLU A 13 ? 0.5951 0.3096 0.9394 0.0322  -0.0396 0.0720  750 GLU A C   
47  O O   . GLU A 13 ? 0.4956 0.2295 0.8257 0.0259  -0.0390 0.0683  750 GLU A O   
48  C CB  . GLU A 13 ? 0.7078 0.3984 1.0701 0.0316  -0.0273 0.1244  750 GLU A CB  
49  C CG  . GLU A 13 ? 0.8176 0.5006 1.2066 0.0199  -0.0172 0.1485  750 GLU A CG  
50  C CD  . GLU A 13 ? 0.9248 0.5881 1.2979 0.0317  -0.0082 0.1801  750 GLU A CD  
51  O OE1 . GLU A 13 ? 1.0085 0.6745 1.3665 0.0308  0.0072  0.2076  750 GLU A OE1 
52  O OE2 . GLU A 13 ? 0.9038 0.5467 1.2781 0.0428  -0.0159 0.1774  750 GLU A OE2 
53  N N   . LEU A 14 ? 0.5759 0.2851 0.9159 0.0480  -0.0424 0.0634  751 LEU A N   
54  C CA  . LEU A 14 ? 0.4950 0.2235 0.8175 0.0583  -0.0444 0.0473  751 LEU A CA  
55  C C   . LEU A 14 ? 0.4758 0.2095 0.7937 0.0486  -0.0442 0.0161  751 LEU A C   
56  O O   . LEU A 14 ? 0.4610 0.2155 0.7601 0.0491  -0.0438 0.0098  751 LEU A O   
57  C CB  . LEU A 14 ? 0.6718 0.3945 1.0070 0.0748  -0.0462 0.0404  751 LEU A CB  
58  C CG  . LEU A 14 ? 0.6923 0.4258 1.0156 0.0898  -0.0530 0.0632  751 LEU A CG  
59  C CD1 . LEU A 14 ? 0.7216 0.4456 1.0207 0.0874  -0.0532 0.0960  751 LEU A CD1 
60  C CD2 . LEU A 14 ? 0.5988 0.3224 0.9479 0.1038  -0.0562 0.0613  751 LEU A CD2 
61  N N   . GLU A 15 ? 0.5149 0.2259 0.8443 0.0400  -0.0456 -0.0038 752 GLU A N   
62  C CA  . GLU A 15 ? 0.5039 0.2107 0.8157 0.0297  -0.0483 -0.0341 752 GLU A CA  
63  C C   . GLU A 15 ? 0.5029 0.2279 0.8083 0.0142  -0.0539 -0.0252 752 GLU A C   
64  O O   . GLU A 15 ? 0.5249 0.2620 0.8062 0.0113  -0.0551 -0.0414 752 GLU A O   
65  C CB  . GLU A 15 ? 0.5545 0.2267 0.8721 0.0221  -0.0533 -0.0532 752 GLU A CB  
66  C CG  . GLU A 15 ? 0.6905 0.3410 1.0001 0.0376  -0.0441 -0.0751 752 GLU A CG  
67  C CD  . GLU A 15 ? 0.8312 0.4390 1.1359 0.0306  -0.0492 -0.0960 752 GLU A CD  
68  O OE1 . GLU A 15 ? 0.8980 0.4960 1.2214 0.0148  -0.0620 -0.0869 752 GLU A OE1 
69  O OE2 . GLU A 15 ? 0.8975 0.4802 1.1796 0.0414  -0.0396 -0.1207 752 GLU A OE2 
70  N N   . GLN A 16 ? 0.5341 0.2615 0.8625 0.0049  -0.0552 0.0018  753 GLN A N   
71  C CA  . GLN A 16 ? 0.5031 0.2506 0.8348 -0.0089 -0.0571 0.0146  753 GLN A CA  
72  C C   . GLN A 16 ? 0.4590 0.2301 0.7670 -0.0001 -0.0491 0.0279  753 GLN A C   
73  O O   . GLN A 16 ? 0.4954 0.2827 0.7930 -0.0080 -0.0515 0.0238  753 GLN A O   
74  C CB  . GLN A 16 ? 0.5173 0.2653 0.8839 -0.0182 -0.0532 0.0435  753 GLN A CB  
75  C CG  . GLN A 16 ? 0.7084 0.4317 1.1041 -0.0276 -0.0637 0.0319  753 GLN A CG  
76  C CD  . GLN A 16 ? 0.8084 0.5377 1.2479 -0.0389 -0.0602 0.0591  753 GLN A CD  
77  O OE1 . GLN A 16 ? 0.8636 0.6009 1.3089 -0.0326 -0.0431 0.0907  753 GLN A OE1 
78  N NE2 . GLN A 16 ? 0.8509 0.5747 1.3183 -0.0546 -0.0765 0.0467  753 GLN A NE2 
79  N N   . GLU A 17 ? 0.4527 0.2244 0.7494 0.0166  -0.0424 0.0436  754 GLU A N   
80  C CA  A GLU A 17 ? 0.4870 0.2778 0.7549 0.0269  -0.0386 0.0560  754 GLU A CA  
81  C CA  B GLU A 17 ? 0.4866 0.2773 0.7546 0.0269  -0.0386 0.0560  754 GLU A CA  
82  C C   . GLU A 17 ? 0.4464 0.2505 0.6982 0.0297  -0.0429 0.0271  754 GLU A C   
83  O O   . GLU A 17 ? 0.3918 0.2229 0.6156 0.0274  -0.0405 0.0280  754 GLU A O   
84  C CB  A GLU A 17 ? 0.5238 0.3100 0.7766 0.0441  -0.0376 0.0758  754 GLU A CB  
85  C CB  B GLU A 17 ? 0.5134 0.2990 0.7670 0.0442  -0.0378 0.0751  754 GLU A CB  
86  C CG  A GLU A 17 ? 0.5596 0.3624 0.7759 0.0562  -0.0405 0.0839  754 GLU A CG  
87  C CG  B GLU A 17 ? 0.5544 0.3558 0.7700 0.0551  -0.0389 0.0877  754 GLU A CG  
88  C CD  A GLU A 17 ? 0.6091 0.4192 0.7955 0.0527  -0.0305 0.1067  754 GLU A CD  
89  C CD  B GLU A 17 ? 0.5838 0.3747 0.7767 0.0707  -0.0443 0.1061  754 GLU A CD  
90  O OE1 A GLU A 17 ? 0.6384 0.4454 0.8392 0.0409  -0.0189 0.1185  754 GLU A OE1 
91  O OE1 B GLU A 17 ? 0.5444 0.3155 0.7505 0.0727  -0.0431 0.1160  754 GLU A OE1 
92  O OE2 A GLU A 17 ? 0.6388 0.4585 0.7882 0.0618  -0.0339 0.1121  754 GLU A OE2 
93  O OE2 B GLU A 17 ? 0.5506 0.3509 0.7110 0.0807  -0.0523 0.1100  754 GLU A OE2 
94  N N   . ILE A 18 ? 0.4248 0.2164 0.6853 0.0344  -0.0448 0.0005  755 ILE A N   
95  C CA  . ILE A 18 ? 0.3991 0.2052 0.6388 0.0376  -0.0419 -0.0276 755 ILE A CA  
96  C C   . ILE A 18 ? 0.4285 0.2422 0.6452 0.0208  -0.0447 -0.0418 755 ILE A C   
97  O O   . ILE A 18 ? 0.4150 0.2542 0.6039 0.0200  -0.0415 -0.0476 755 ILE A O   
98  C CB  . ILE A 18 ? 0.4512 0.2388 0.7014 0.0473  -0.0361 -0.0510 755 ILE A CB  
99  C CG1 . ILE A 18 ? 0.3869 0.1865 0.6547 0.0649  -0.0338 -0.0374 755 ILE A CG1 
100 C CG2 . ILE A 18 ? 0.4250 0.2145 0.6483 0.0467  -0.0277 -0.0824 755 ILE A CG2 
101 C CD1 . ILE A 18 ? 0.4231 0.2048 0.7100 0.0736  -0.0277 -0.0473 755 ILE A CD1 
102 N N   . ASN A 19 ? 0.4154 0.2059 0.6478 0.0067  -0.0538 -0.0452 756 ASN A N   
103 C CA  . ASN A 19 ? 0.4424 0.2376 0.6602 -0.0104 -0.0640 -0.0559 756 ASN A CA  
104 C C   . ASN A 19 ? 0.4407 0.2723 0.6527 -0.0153 -0.0610 -0.0324 756 ASN A C   
105 O O   . ASN A 19 ? 0.3650 0.2138 0.5507 -0.0211 -0.0644 -0.0422 756 ASN A O   
106 C CB  . ASN A 19 ? 0.5358 0.3082 0.7776 -0.0249 -0.0776 -0.0573 756 ASN A CB  
107 C CG  . ASN A 19 ? 0.6443 0.3846 0.8662 -0.0217 -0.0800 -0.0860 756 ASN A CG  
108 O OD1 . ASN A 19 ? 0.6900 0.4229 0.8722 -0.0136 -0.0733 -0.1104 756 ASN A OD1 
109 N ND2 . ASN A 19 ? 0.6678 0.3870 0.9156 -0.0271 -0.0865 -0.0821 756 ASN A ND2 
110 N N   . THR A 20 ? 0.3265 0.1651 0.5586 -0.0115 -0.0530 -0.0008 757 THR A N   
111 C CA  . THR A 20 ? 0.3288 0.1957 0.5505 -0.0121 -0.0444 0.0224  757 THR A CA  
112 C C   . THR A 20 ? 0.2820 0.1714 0.4621 -0.0010 -0.0392 0.0155  757 THR A C   
113 O O   . THR A 20 ? 0.2871 0.1986 0.4483 -0.0050 -0.0374 0.0159  757 THR A O   
114 C CB  . THR A 20 ? 0.3626 0.2220 0.6010 -0.0060 -0.0320 0.0575  757 THR A CB  
115 O OG1 . THR A 20 ? 0.4149 0.2538 0.7020 -0.0177 -0.0349 0.0670  757 THR A OG1 
116 C CG2 . THR A 20 ? 0.3900 0.2712 0.6103 -0.0039 -0.0182 0.0801  757 THR A CG2 
117 N N   . LEU A 21 ? 0.3118 0.1954 0.4841 0.0129  -0.0381 0.0096  758 LEU A N   
118 C CA  . LEU A 21 ? 0.2656 0.1695 0.4104 0.0227  -0.0360 0.0052  758 LEU A CA  
119 C C   . LEU A 21 ? 0.2663 0.1818 0.3957 0.0177  -0.0355 -0.0214 758 LEU A C   
120 O O   . LEU A 21 ? 0.2623 0.1991 0.3696 0.0185  -0.0329 -0.0222 758 LEU A O   
121 C CB  . LEU A 21 ? 0.3076 0.2033 0.4627 0.0384  -0.0388 0.0071  758 LEU A CB  
122 C CG  . LEU A 21 ? 0.4081 0.2902 0.5616 0.0479  -0.0417 0.0361  758 LEU A CG  
123 C CD1 . LEU A 21 ? 0.3645 0.2355 0.5381 0.0627  -0.0503 0.0363  758 LEU A CD1 
124 C CD2 . LEU A 21 ? 0.4441 0.3384 0.5587 0.0512  -0.0411 0.0522  758 LEU A CD2 
125 N N   . LYS A 22 ? 0.2913 0.1877 0.4268 0.0134  -0.0372 -0.0431 759 LYS A N   
126 C CA  . LYS A 22 ? 0.2743 0.1729 0.3818 0.0091  -0.0349 -0.0672 759 LYS A CA  
127 C C   . LYS A 22 ? 0.2616 0.1737 0.3523 -0.0042 -0.0423 -0.0621 759 LYS A C   
128 O O   . LYS A 22 ? 0.3107 0.2387 0.3746 -0.0046 -0.0385 -0.0679 759 LYS A O   
129 C CB  . LYS A 22 ? 0.3399 0.2042 0.4438 0.0085  -0.0355 -0.0930 759 LYS A CB  
130 C CG  . LYS A 22 ? 0.4156 0.2705 0.5313 0.0251  -0.0208 -0.1047 759 LYS A CG  
131 C CD  . LYS A 22 ? 0.5088 0.3204 0.6177 0.0266  -0.0188 -0.1306 759 LYS A CD  
132 C CE  . LYS A 22 ? 0.6479 0.4539 0.7586 0.0442  0.0045  -0.1457 759 LYS A CE  
133 N NZ  . LYS A 22 ? 0.8041 0.5694 0.8849 0.0461  0.0114  -0.1647 759 LYS A NZ  
134 N N   . ALA A 23 ? 0.3134 0.2195 0.4265 -0.0147 -0.0523 -0.0491 760 ALA A N   
135 C CA  . ALA A 23 ? 0.2765 0.1987 0.3886 -0.0265 -0.0599 -0.0402 760 ALA A CA  
136 C C   . ALA A 23 ? 0.2840 0.2352 0.3842 -0.0200 -0.0482 -0.0222 760 ALA A C   
137 O O   . ALA A 23 ? 0.2308 0.1977 0.3130 -0.0238 -0.0499 -0.0239 760 ALA A O   
138 C CB  . ALA A 23 ? 0.2852 0.1995 0.4407 -0.0379 -0.0695 -0.0249 760 ALA A CB  
139 N N   . ASP A 24 ? 0.2511 0.2046 0.3567 -0.0094 -0.0380 -0.0052 761 ASP A N   
140 C CA  . ASP A 24 ? 0.2153 0.1867 0.2996 -0.0017 -0.0291 0.0083  761 ASP A CA  
141 C C   . ASP A 24 ? 0.2370 0.2202 0.2950 0.0020  -0.0290 -0.0091 761 ASP A C   
142 O O   . ASP A 24 ? 0.2251 0.2233 0.2652 0.0016  -0.0262 -0.0059 761 ASP A O   
143 C CB  . ASP A 24 ? 0.2780 0.2395 0.3596 0.0106  -0.0236 0.0259  761 ASP A CB  
144 C CG  . ASP A 24 ? 0.4026 0.3507 0.5067 0.0091  -0.0167 0.0496  761 ASP A CG  
145 O OD1 . ASP A 24 ? 0.3501 0.3048 0.4759 -0.0007 -0.0128 0.0588  761 ASP A OD1 
146 O OD2 . ASP A 24 ? 0.3913 0.3219 0.4950 0.0184  -0.0152 0.0615  761 ASP A OD2 
147 N N   . ASN A 25 ? 0.2333 0.2085 0.2936 0.0067  -0.0294 -0.0259 762 ASN A N   
148 C CA  . ASN A 25 ? 0.2415 0.2275 0.2870 0.0103  -0.0242 -0.0407 762 ASN A CA  
149 C C   . ASN A 25 ? 0.2480 0.2381 0.2699 0.0011  -0.0237 -0.0513 762 ASN A C   
150 O O   . ASN A 25 ? 0.2456 0.2508 0.2519 0.0013  -0.0195 -0.0502 762 ASN A O   
151 C CB  . ASN A 25 ? 0.2486 0.2226 0.3103 0.0181  -0.0194 -0.0556 762 ASN A CB  
152 C CG  . ASN A 25 ? 0.3492 0.3361 0.4098 0.0238  -0.0084 -0.0663 762 ASN A CG  
153 O OD1 . ASN A 25 ? 0.4006 0.3816 0.4437 0.0217  0.0024  -0.0823 762 ASN A OD1 
154 N ND2 . ASN A 25 ? 0.2961 0.2972 0.3764 0.0317  -0.0115 -0.0572 762 ASN A ND2 
155 N N   . ASP A 26 ? 0.2782 0.2511 0.2966 -0.0072 -0.0312 -0.0607 763 ASP A N   
156 C CA  . ASP A 26 ? 0.2290 0.1986 0.2185 -0.0156 -0.0370 -0.0707 763 ASP A CA  
157 C C   . ASP A 26 ? 0.2671 0.2585 0.2586 -0.0205 -0.0414 -0.0527 763 ASP A C   
158 O O   . ASP A 26 ? 0.2557 0.2555 0.2229 -0.0218 -0.0398 -0.0544 763 ASP A O   
159 C CB  . ASP A 26 ? 0.2889 0.2307 0.2756 -0.0247 -0.0532 -0.0832 763 ASP A CB  
160 C CG  . ASP A 26 ? 0.5032 0.4149 0.4749 -0.0184 -0.0463 -0.1060 763 ASP A CG  
161 O OD1 . ASP A 26 ? 0.5537 0.4695 0.5164 -0.0074 -0.0264 -0.1127 763 ASP A OD1 
162 O OD2 . ASP A 26 ? 0.5685 0.4510 0.5414 -0.0245 -0.0606 -0.1173 763 ASP A OD2 
163 N N   . ALA A 27 ? 0.1968 0.1953 0.2176 -0.0217 -0.0436 -0.0338 764 ALA A N   
164 C CA  . ALA A 27 ? 0.1905 0.2072 0.2169 -0.0241 -0.0431 -0.0165 764 ALA A CA  
165 C C   . ALA A 27 ? 0.1904 0.2202 0.1960 -0.0154 -0.0311 -0.0122 764 ALA A C   
166 O O   . ALA A 27 ? 0.1858 0.2267 0.1810 -0.0170 -0.0306 -0.0078 764 ALA A O   
167 C CB  . ALA A 27 ? 0.1909 0.2095 0.2536 -0.0249 -0.0401 0.0049  764 ALA A CB  
168 N N   . LEU A 28 ? 0.1640 0.1910 0.1669 -0.0063 -0.0243 -0.0123 765 LEU A N   
169 C CA  . LEU A 28 ? 0.1556 0.1908 0.1414 0.0007  -0.0187 -0.0092 765 LEU A CA  
170 C C   . LEU A 28 ? 0.1669 0.2092 0.1385 -0.0020 -0.0170 -0.0230 765 LEU A C   
171 O O   . LEU A 28 ? 0.1893 0.2397 0.1485 -0.0016 -0.0143 -0.0194 765 LEU A O   
172 C CB  . LEU A 28 ? 0.1951 0.2229 0.1837 0.0104  -0.0197 -0.0073 765 LEU A CB  
173 C CG  . LEU A 28 ? 0.2390 0.2544 0.2274 0.0164  -0.0180 0.0110  765 LEU A CG  
174 C CD1 . LEU A 28 ? 0.1803 0.1829 0.1733 0.0253  -0.0248 0.0120  765 LEU A CD1 
175 C CD2 . LEU A 28 ? 0.2292 0.2433 0.1918 0.0217  -0.0120 0.0231  765 LEU A CD2 
176 N N   . LYS A 29 ? 0.1709 0.2060 0.1419 -0.0042 -0.0160 -0.0379 766 LYS A N   
177 C CA  A LYS A 29 ? 0.2167 0.2539 0.1705 -0.0053 -0.0080 -0.0488 766 LYS A CA  
178 C CA  B LYS A 29 ? 0.2079 0.2450 0.1615 -0.0052 -0.0079 -0.0489 766 LYS A CA  
179 C C   . LYS A 29 ? 0.2689 0.3073 0.1995 -0.0123 -0.0121 -0.0456 766 LYS A C   
180 O O   . LYS A 29 ? 0.2434 0.2879 0.1613 -0.0122 -0.0053 -0.0437 766 LYS A O   
181 C CB  A LYS A 29 ? 0.2526 0.2743 0.2028 -0.0034 -0.0007 -0.0656 766 LYS A CB  
182 C CB  B LYS A 29 ? 0.2415 0.2633 0.1909 -0.0033 -0.0003 -0.0658 766 LYS A CB  
183 C CG  A LYS A 29 ? 0.2741 0.2990 0.2542 0.0058  0.0071  -0.0686 766 LYS A CG  
184 C CG  B LYS A 29 ? 0.2681 0.2930 0.2475 0.0058  0.0075  -0.0688 766 LYS A CG  
185 C CD  A LYS A 29 ? 0.3472 0.3557 0.3239 0.0103  0.0218  -0.0856 766 LYS A CD  
186 C CD  B LYS A 29 ? 0.3401 0.3477 0.3167 0.0102  0.0212  -0.0858 766 LYS A CD  
187 C CE  A LYS A 29 ? 0.3947 0.4105 0.4142 0.0208  0.0301  -0.0864 766 LYS A CE  
188 C CE  B LYS A 29 ? 0.3952 0.4107 0.4143 0.0207  0.0302  -0.0866 766 LYS A CE  
189 N NZ  A LYS A 29 ? 0.4668 0.4676 0.4862 0.0280  0.0533  -0.1022 766 LYS A NZ  
190 N NZ  B LYS A 29 ? 0.5051 0.5032 0.5229 0.0280  0.0521  -0.1030 766 LYS A NZ  
191 N N   . ILE A 30 ? 0.2151 0.2466 0.1462 -0.0185 -0.0251 -0.0432 767 ILE A N   
192 C CA  A ILE A 30 ? 0.2422 0.2748 0.1593 -0.0251 -0.0358 -0.0379 767 ILE A CA  
193 C CA  B ILE A 30 ? 0.2417 0.2740 0.1554 -0.0247 -0.0342 -0.0389 767 ILE A CA  
194 C C   . ILE A 30 ? 0.2216 0.2720 0.1493 -0.0222 -0.0311 -0.0216 767 ILE A C   
195 O O   . ILE A 30 ? 0.2288 0.2775 0.1458 -0.0206 -0.0281 -0.0169 767 ILE A O   
196 C CB  A ILE A 30 ? 0.2403 0.2664 0.1771 -0.0328 -0.0549 -0.0346 767 ILE A CB  
197 C CB  B ILE A 30 ? 0.2873 0.3055 0.2009 -0.0335 -0.0557 -0.0425 767 ILE A CB  
198 C CG1 A ILE A 30 ? 0.3187 0.3177 0.2335 -0.0370 -0.0653 -0.0541 767 ILE A CG1 
199 C CG1 B ILE A 30 ? 0.3170 0.3309 0.2119 -0.0338 -0.0657 -0.0394 767 ILE A CG1 
200 C CG2 A ILE A 30 ? 0.2177 0.2523 0.1603 -0.0386 -0.0695 -0.0224 767 ILE A CG2 
201 C CG2 B ILE A 30 ? 0.1796 0.2082 0.1393 -0.0366 -0.0636 -0.0274 767 ILE A CG2 
202 C CD1 A ILE A 30 ? 0.4412 0.4308 0.3754 -0.0476 -0.0915 -0.0522 767 ILE A CD1 
203 C CD1 B ILE A 30 ? 0.3023 0.2998 0.1586 -0.0254 -0.0560 -0.0508 767 ILE A CD1 
204 N N   . GLN A 31 ? 0.1819 0.2384 0.1335 -0.0178 -0.0269 -0.0109 768 GLN A N   
205 C CA  . GLN A 31 ? 0.1774 0.2431 0.1329 -0.0126 -0.0199 0.0036  768 GLN A CA  
206 C C   . GLN A 31 ? 0.1757 0.2403 0.1131 -0.0079 -0.0120 -0.0014 768 GLN A C   
207 O O   . GLN A 31 ? 0.1751 0.2361 0.1126 -0.0057 -0.0080 0.0045  768 GLN A O   
208 C CB  . GLN A 31 ? 0.1588 0.2222 0.1311 -0.0063 -0.0128 0.0160  768 GLN A CB  
209 C CG  . GLN A 31 ? 0.2061 0.2722 0.1779 0.0007  -0.0017 0.0310  768 GLN A CG  
210 C CD  . GLN A 31 ? 0.3189 0.3966 0.3183 -0.0039 -0.0042 0.0428  768 GLN A CD  
211 O OE1 . GLN A 31 ? 0.2736 0.3557 0.2949 -0.0135 -0.0186 0.0412  768 GLN A OE1 
212 N NE2 . GLN A 31 ? 0.3058 0.3861 0.3066 0.0036  0.0079  0.0548  768 GLN A NE2 
213 N N   . LEU A 32 ? 0.1704 0.2308 0.1065 -0.0059 -0.0098 -0.0116 769 LEU A N   
214 C CA  . LEU A 32 ? 0.1668 0.2231 0.1037 -0.0036 -0.0049 -0.0141 769 LEU A CA  
215 C C   . LEU A 32 ? 0.1928 0.2451 0.1243 -0.0072 -0.0006 -0.0147 769 LEU A C   
216 O O   . LEU A 32 ? 0.1877 0.2376 0.1196 -0.0067 0.0016  -0.0106 769 LEU A O   
217 C CB  . LEU A 32 ? 0.1371 0.2018 0.0802 -0.0009 -0.0055 -0.0249 769 LEU A CB  
218 C CG  . LEU A 32 ? 0.1680 0.2377 0.1214 -0.0005 -0.0037 -0.0281 769 LEU A CG  
219 C CD1 . LEU A 32 ? 0.1773 0.2401 0.1206 0.0030  -0.0125 -0.0216 769 LEU A CD1 
220 C CD2 . LEU A 32 ? 0.1919 0.2648 0.1743 0.0029  -0.0048 -0.0348 769 LEU A CD2 
221 N N   . LYS A 33 ? 0.2027 0.2498 0.1231 -0.0103 -0.0003 -0.0200 770 LYS A N   
222 C CA  . LYS A 33 ? 0.2352 0.2723 0.1396 -0.0111 0.0034  -0.0184 770 LYS A CA  
223 C C   . LYS A 33 ? 0.2086 0.2448 0.1131 -0.0112 -0.0031 -0.0084 770 LYS A C   
224 O O   . LYS A 33 ? 0.2170 0.2494 0.1171 -0.0102 0.0011  -0.0041 770 LYS A O   
225 C CB  . LYS A 33 ? 0.2749 0.2973 0.1544 -0.0113 0.0019  -0.0266 770 LYS A CB  
226 C CG  . LYS A 33 ? 0.3714 0.3801 0.2241 -0.0079 0.0038  -0.0238 770 LYS A CG  
227 C CD  . LYS A 33 ? 0.4793 0.4747 0.3017 -0.0043 -0.0016 -0.0341 770 LYS A CD  
228 C CE  . LYS A 33 ? 0.6770 0.6675 0.4953 -0.0014 0.0128  -0.0463 770 LYS A CE  
229 N NZ  . LYS A 33 ? 0.7946 0.7889 0.6055 0.0041  0.0350  -0.0454 770 LYS A NZ  
230 N N   . TYR A 34 ? 0.1877 0.2306 0.0988 -0.0131 -0.0125 -0.0045 771 TYR A N   
231 C CA  . TYR A 34 ? 0.2059 0.2559 0.1230 -0.0136 -0.0180 0.0064  771 TYR A CA  
232 C C   . TYR A 34 ? 0.1945 0.2451 0.1201 -0.0087 -0.0086 0.0112  771 TYR A C   
233 O O   . TYR A 34 ? 0.1791 0.2281 0.1026 -0.0077 -0.0080 0.0170  771 TYR A O   
234 C CB  . TYR A 34 ? 0.2564 0.3224 0.1888 -0.0176 -0.0290 0.0135  771 TYR A CB  
235 C CG  . TYR A 34 ? 0.2677 0.3513 0.2213 -0.0173 -0.0343 0.0321  771 TYR A CG  
236 C CD1 . TYR A 34 ? 0.2535 0.3371 0.2135 -0.0211 -0.0498 0.0385  771 TYR A CD1 
237 C CD2 . TYR A 34 ? 0.3075 0.3981 0.2810 -0.0095 -0.0205 0.0430  771 TYR A CD2 
238 C CE1 . TYR A 34 ? 0.2673 0.3683 0.2644 -0.0188 -0.0547 0.0589  771 TYR A CE1 
239 C CE2 . TYR A 34 ? 0.3019 0.4017 0.3076 -0.0048 -0.0166 0.0605  771 TYR A CE2 
240 C CZ  . TYR A 34 ? 0.3067 0.4146 0.3306 -0.0096 -0.0334 0.0688  771 TYR A CZ  
241 O OH  . TYR A 34 ? 0.4208 0.5408 0.4887 -0.0038 -0.0289 0.0881  771 TYR A OH  
242 N N   . ALA A 35 ? 0.1620 0.2112 0.0934 -0.0054 -0.0036 0.0083  772 ALA A N   
243 C CA  . ALA A 35 ? 0.1886 0.2288 0.1185 -0.0008 0.0013  0.0099  772 ALA A CA  
244 C C   . ALA A 35 ? 0.1827 0.2169 0.1076 -0.0025 0.0032  0.0063  772 ALA A C   
245 O O   . ALA A 35 ? 0.1775 0.2055 0.0974 -0.0011 0.0053  0.0095  772 ALA A O   
246 C CB  . ALA A 35 ? 0.2005 0.2341 0.1277 0.0029  0.0019  0.0076  772 ALA A CB  
247 N N   . GLN A 36 ? 0.1710 0.2100 0.0964 -0.0056 0.0044  0.0008  773 GLN A N   
248 C CA  . GLN A 36 ? 0.2002 0.2427 0.1231 -0.0087 0.0100  -0.0003 773 GLN A CA  
249 C C   . GLN A 36 ? 0.2139 0.2487 0.1262 -0.0093 0.0128  0.0063  773 GLN A C   
250 O O   . GLN A 36 ? 0.2147 0.2491 0.1244 -0.0112 0.0178  0.0104  773 GLN A O   
251 C CB  . GLN A 36 ? 0.2402 0.2938 0.1666 -0.0125 0.0170  -0.0075 773 GLN A CB  
252 C CG  . GLN A 36 ? 0.2236 0.2900 0.1610 -0.0117 0.0125  -0.0154 773 GLN A CG  
253 C CD  . GLN A 36 ? 0.3216 0.3998 0.2718 -0.0131 0.0229  -0.0247 773 GLN A CD  
254 O OE1 . GLN A 36 ? 0.4093 0.4791 0.3477 -0.0131 0.0320  -0.0255 773 GLN A OE1 
255 N NE2 . GLN A 36 ? 0.3833 0.4665 0.3658 -0.0110 0.0168  -0.0287 773 GLN A NE2 
256 N N   . LYS A 37 ? 0.1942 0.2241 0.0976 -0.0087 0.0086  0.0079  774 LYS A N   
257 C CA  . LYS A 37 ? 0.2366 0.2590 0.1248 -0.0084 0.0073  0.0151  774 LYS A CA  
258 C C   . LYS A 37 ? 0.2325 0.2577 0.1292 -0.0071 0.0039  0.0230  774 LYS A C   
259 O O   . LYS A 37 ? 0.2356 0.2552 0.1244 -0.0070 0.0057  0.0304  774 LYS A O   
260 C CB  . LYS A 37 ? 0.2605 0.2785 0.1326 -0.0081 -0.0021 0.0145  774 LYS A CB  
261 C CG  . LYS A 37 ? 0.3319 0.3403 0.1821 -0.0058 0.0045  0.0077  774 LYS A CG  
262 C CD  . LYS A 37 ? 0.4348 0.4377 0.2611 -0.0032 -0.0084 0.0051  774 LYS A CD  
263 C CE  . LYS A 37 ? 0.6738 0.6740 0.4749 0.0019  0.0016  -0.0009 774 LYS A CE  
264 N NZ  . LYS A 37 ? 0.8195 0.8203 0.6019 0.0001  -0.0127 -0.0102 774 LYS A NZ  
265 N N   . LYS A 38 ? 0.1778 0.2105 0.0885 -0.0051 0.0015  0.0232  775 LYS A N   
266 C CA  . LYS A 38 ? 0.1893 0.2249 0.1063 -0.0012 0.0029  0.0324  775 LYS A CA  
267 C C   . LYS A 38 ? 0.2145 0.2385 0.1245 -0.0001 0.0096  0.0303  775 LYS A C   
268 O O   . LYS A 38 ? 0.2092 0.2305 0.1174 0.0024  0.0122  0.0391  775 LYS A O   
269 C CB  . LYS A 38 ? 0.1862 0.2315 0.1157 0.0035  0.0043  0.0355  775 LYS A CB  
270 C CG  . LYS A 38 ? 0.2152 0.2611 0.1512 0.0131  0.0129  0.0464  775 LYS A CG  
271 C CD  . LYS A 38 ? 0.3049 0.3628 0.2550 0.0160  0.0098  0.0642  775 LYS A CD  
272 C CE  . LYS A 38 ? 0.4146 0.4712 0.3809 0.0308  0.0253  0.0784  775 LYS A CE  
273 N NZ  . LYS A 38 ? 0.4528 0.5246 0.4539 0.0356  0.0211  0.1023  775 LYS A NZ  
274 N N   . ILE A 39 ? 0.2146 0.2347 0.1221 -0.0015 0.0111  0.0211  776 ILE A N   
275 C CA  . ILE A 39 ? 0.1646 0.1799 0.0635 -0.0021 0.0136  0.0200  776 ILE A CA  
276 C C   . ILE A 39 ? 0.2083 0.2256 0.1059 -0.0072 0.0190  0.0284  776 ILE A C   
277 O O   . ILE A 39 ? 0.2175 0.2277 0.1097 -0.0066 0.0220  0.0367  776 ILE A O   
278 C CB  . ILE A 39 ? 0.1666 0.1894 0.0670 -0.0051 0.0098  0.0101  776 ILE A CB  
279 C CG1 . ILE A 39 ? 0.2024 0.2129 0.0966 0.0012  0.0039  0.0045  776 ILE A CG1 
280 C CG2 . ILE A 39 ? 0.1569 0.1715 0.0658 -0.0110 0.0067  0.0061  776 ILE A CG2 
281 C CD1 . ILE A 39 ? 0.2084 0.2253 0.1057 0.0001  -0.0057 -0.0051 776 ILE A CD1 
282 N N   . GLU A 40 ? 0.1835 0.2052 0.0828 -0.0111 0.0220  0.0283  777 GLU A N   
283 C CA  . GLU A 40 ? 0.2035 0.2198 0.0959 -0.0152 0.0304  0.0376  777 GLU A CA  
284 C C   . GLU A 40 ? 0.1929 0.1979 0.0760 -0.0116 0.0259  0.0478  777 GLU A C   
285 O O   . GLU A 40 ? 0.2247 0.2213 0.1049 -0.0142 0.0311  0.0589  777 GLU A O   
286 C CB  . GLU A 40 ? 0.1900 0.2059 0.0753 -0.0160 0.0380  0.0350  777 GLU A CB  
287 C CG  . GLU A 40 ? 0.2261 0.2309 0.0991 -0.0172 0.0522  0.0466  777 GLU A CG  
288 C CD  . GLU A 40 ? 0.3521 0.3649 0.2491 -0.0275 0.0668  0.0536  777 GLU A CD  
289 O OE1 . GLU A 40 ? 0.3029 0.3262 0.2228 -0.0357 0.0621  0.0468  777 GLU A OE1 
290 O OE2 . GLU A 40 ? 0.3710 0.3893 0.2707 -0.0340 0.0749  0.0651  777 GLU A OE2 
291 N N   . SER A 41 ? 0.2367 0.2445 0.1202 -0.0075 0.0157  0.0472  778 SER A N   
292 C CA  A SER A 41 ? 0.2287 0.2352 0.1125 -0.0044 0.0089  0.0601  778 SER A CA  
293 C CA  B SER A 41 ? 0.2348 0.2414 0.1188 -0.0043 0.0088  0.0601  778 SER A CA  
294 C C   . SER A 41 ? 0.2200 0.2246 0.1153 0.0003  0.0137  0.0682  778 SER A C   
295 O O   . SER A 41 ? 0.2408 0.2374 0.1369 0.0029  0.0139  0.0814  778 SER A O   
296 C CB  A SER A 41 ? 0.2353 0.2546 0.1288 -0.0015 -0.0028 0.0619  778 SER A CB  
297 C CB  B SER A 41 ? 0.2405 0.2600 0.1343 -0.0014 -0.0028 0.0618  778 SER A CB  
298 O OG  A SER A 41 ? 0.3013 0.3155 0.1763 -0.0038 -0.0103 0.0586  778 SER A OG  
299 O OG  B SER A 41 ? 0.2787 0.3053 0.1890 0.0045  -0.0079 0.0777  778 SER A OG  
300 N N   . LEU A 42 ? 0.2022 0.2085 0.1026 0.0041  0.0181  0.0605  779 LEU A N   
301 C CA  . LEU A 42 ? 0.2270 0.2192 0.1274 0.0149  0.0262  0.0665  779 LEU A CA  
302 C C   . LEU A 42 ? 0.2449 0.2179 0.1420 0.0096  0.0296  0.0657  779 LEU A C   
303 O O   . LEU A 42 ? 0.2476 0.2007 0.1496 0.0150  0.0331  0.0713  779 LEU A O   
304 C CB  . LEU A 42 ? 0.2250 0.2105 0.1173 0.0227  0.0303  0.0547  779 LEU A CB  
305 C CG  . LEU A 42 ? 0.2300 0.2279 0.1373 0.0305  0.0330  0.0587  779 LEU A CG  
306 C CD1 . LEU A 42 ? 0.2730 0.2659 0.1709 0.0331  0.0349  0.0453  779 LEU A CD1 
307 C CD2 . LEU A 42 ? 0.2746 0.2613 0.1911 0.0461  0.0459  0.0737  779 LEU A CD2 
308 N N   . GLN A 43 ? 0.2262 0.2042 0.1234 -0.0018 0.0288  0.0580  780 GLN A N   
309 C CA  . GLN A 43 ? 0.2389 0.2019 0.1480 -0.0098 0.0322  0.0585  780 GLN A CA  
310 C C   . GLN A 43 ? 0.2626 0.2212 0.1695 -0.0113 0.0386  0.0787  780 GLN A C   
311 O O   . GLN A 43 ? 0.2955 0.2332 0.2131 -0.0121 0.0418  0.0851  780 GLN A O   
312 C CB  . GLN A 43 ? 0.2759 0.2508 0.1982 -0.0211 0.0336  0.0500  780 GLN A CB  
313 C CG  . GLN A 43 ? 0.2574 0.2343 0.1840 -0.0201 0.0228  0.0318  780 GLN A CG  
314 C CD  . GLN A 43 ? 0.2776 0.2287 0.2128 -0.0205 0.0118  0.0211  780 GLN A CD  
315 O OE1 . GLN A 43 ? 0.3311 0.2593 0.2631 -0.0174 0.0130  0.0250  780 GLN A OE1 
316 N NE2 . GLN A 43 ? 0.3610 0.3118 0.3081 -0.0245 -0.0018 0.0070  780 GLN A NE2 
317 N N   . LEU A 44 ? 0.2542 0.2268 0.1447 -0.0121 0.0374  0.0870  781 LEU A N   
318 C CA  . LEU A 44 ? 0.2682 0.2301 0.1488 -0.0143 0.0367  0.0989  781 LEU A CA  
319 C C   . LEU A 44 ? 0.2848 0.2383 0.1735 -0.0041 0.0298  0.1108  781 LEU A C   
320 O O   . LEU A 44 ? 0.3255 0.2640 0.2129 -0.0040 0.0306  0.1239  781 LEU A O   
321 C CB  . LEU A 44 ? 0.3196 0.2820 0.1744 -0.0161 0.0316  0.0935  781 LEU A CB  
322 C CG  . LEU A 44 ? 0.2996 0.2632 0.1462 -0.0241 0.0441  0.0848  781 LEU A CG  
323 C CD1 . LEU A 44 ? 0.2967 0.2549 0.1195 -0.0166 0.0397  0.0770  781 LEU A CD1 
324 C CD2 . LEU A 44 ? 0.3097 0.2704 0.1592 -0.0344 0.0566  0.0985  781 LEU A CD2 
325 N N   . GLU A 45 ? 0.2783 0.2405 0.1780 0.0054  0.0252  0.1068  782 GLU A N   
326 C CA  . GLU A 45 ? 0.2748 0.2320 0.1914 0.0177  0.0227  0.1189  782 GLU A CA  
327 C C   . GLU A 45 ? 0.3681 0.2974 0.2928 0.0230  0.0333  0.1250  782 GLU A C   
328 O O   . GLU A 45 ? 0.3717 0.2902 0.3098 0.0303  0.0320  0.1372  782 GLU A O   
329 C CB  . GLU A 45 ? 0.2923 0.2628 0.2233 0.0284  0.0236  0.1145  782 GLU A CB  
330 C CG  . GLU A 45 ? 0.4037 0.3730 0.3631 0.0429  0.0251  0.1289  782 GLU A CG  
331 C CD  . GLU A 45 ? 0.4998 0.4841 0.4803 0.0539  0.0317  0.1283  782 GLU A CD  
332 O OE1 . GLU A 45 ? 0.4680 0.4587 0.4342 0.0507  0.0349  0.1160  782 GLU A OE1 
333 O OE2 . GLU A 45 ? 0.5010 0.4907 0.5161 0.0658  0.0354  0.1407  782 GLU A OE2 
334 N N   . LYS A 46 ? 0.3329 0.2481 0.2538 0.0169  0.0396  0.1104  783 LYS A N   
335 C CA  . LYS A 46 ? 0.4049 0.2872 0.3358 0.0178  0.0441  0.1075  783 LYS A CA  
336 C C   . LYS A 46 ? 0.4433 0.3136 0.3811 0.0121  0.0473  0.1286  783 LYS A C   
337 O O   . LYS A 46 ? 0.4522 0.2938 0.4026 0.0163  0.0504  0.1329  783 LYS A O   
338 C CB  . LYS A 46 ? 0.3874 0.2588 0.3189 0.0078  0.0414  0.0857  783 LYS A CB  
339 C CG  . LYS A 46 ? 0.3700 0.2429 0.2864 0.0145  0.0370  0.0654  783 LYS A CG  
340 C CD  . LYS A 46 ? 0.4548 0.3178 0.3748 0.0028  0.0271  0.0466  783 LYS A CD  
341 C CE  . LYS A 46 ? 0.4978 0.3536 0.3940 0.0103  0.0194  0.0272  783 LYS A CE  
342 N NZ  . LYS A 46 ? 0.4963 0.3496 0.4019 -0.0024 0.0033  0.0115  783 LYS A NZ  
343 N N   . SER A 47 ? 0.4559 0.3567 0.2885 -0.0014 0.0006  -0.0145 784 SER A N   
344 C CA  A SER A 47 ? 0.4061 0.2985 0.2454 -0.0030 0.0061  -0.0097 784 SER A CA  
345 C CA  B SER A 47 ? 0.4040 0.2963 0.2431 -0.0030 0.0061  -0.0096 784 SER A CA  
346 C C   . SER A 47 ? 0.4555 0.3390 0.2911 0.0025  0.0041  0.0022  784 SER A C   
347 O O   . SER A 47 ? 0.4072 0.2844 0.2407 0.0033  0.0062  0.0093  784 SER A O   
348 C CB  A SER A 47 ? 0.4208 0.3205 0.2589 -0.0058 0.0062  -0.0125 784 SER A CB  
349 C CB  B SER A 47 ? 0.4171 0.3169 0.2546 -0.0055 0.0058  -0.0120 784 SER A CB  
350 O OG  A SER A 47 ? 0.4501 0.3631 0.2924 -0.0089 0.0056  -0.0260 784 SER A OG  
351 O OG  B SER A 47 ? 0.4331 0.3389 0.2606 -0.0005 -0.0025 -0.0078 784 SER A OG  
352 N N   . ASN A 48 ? 0.3965 0.2812 0.2305 0.0061  0.0004  0.0034  785 ASN A N   
353 C CA  A ASN A 48 ? 0.3972 0.2787 0.2303 0.0122  -0.0026 0.0109  785 ASN A CA  
354 C CA  B ASN A 48 ? 0.3970 0.2787 0.2300 0.0122  -0.0027 0.0109  785 ASN A CA  
355 C C   . ASN A 48 ? 0.3943 0.2796 0.2190 0.0150  -0.0074 0.0170  785 ASN A C   
356 O O   . ASN A 48 ? 0.3998 0.2820 0.2228 0.0202  -0.0085 0.0239  785 ASN A O   
357 C CB  A ASN A 48 ? 0.4387 0.3081 0.2791 0.0157  0.0015  0.0145  785 ASN A CB  
358 C CB  B ASN A 48 ? 0.4608 0.3308 0.3011 0.0159  0.0011  0.0144  785 ASN A CB  
359 C CG  A ASN A 48 ? 0.4800 0.3488 0.3209 0.0248  -0.0032 0.0197  785 ASN A CG  
360 C CG  B ASN A 48 ? 0.5296 0.3958 0.3807 0.0123  0.0067  0.0061  785 ASN A CG  
361 O OD1 A ASN A 48 ? 0.4582 0.3376 0.3004 0.0264  -0.0074 0.0163  785 ASN A OD1 
362 O OD1 B ASN A 48 ? 0.5942 0.4646 0.4519 0.0140  0.0062  0.0005  785 ASN A OD1 
363 N ND2 A ASN A 48 ? 0.5039 0.3599 0.3434 0.0311  -0.0024 0.0274  785 ASN A ND2 
364 N ND2 B ASN A 48 ? 0.6062 0.4664 0.4609 0.0067  0.0129  0.0030  785 ASN A ND2 
365 N N   . HIS A 49 ? 0.3879 0.2805 0.2069 0.0130  -0.0109 0.0139  786 HIS A N   
366 C CA  . HIS A 49 ? 0.3848 0.2829 0.1980 0.0158  -0.0158 0.0170  786 HIS A CA  
367 C C   . HIS A 49 ? 0.3800 0.2811 0.1892 0.0168  -0.0213 0.0147  786 HIS A C   
368 O O   . HIS A 49 ? 0.3814 0.2797 0.1884 0.0143  -0.0206 0.0115  786 HIS A O   
369 C CB  . HIS A 49 ? 0.3852 0.2887 0.1969 0.0128  -0.0148 0.0139  786 HIS A CB  
370 C CG  . HIS A 49 ? 0.3945 0.2932 0.2075 0.0102  -0.0078 0.0179  786 HIS A CG  
371 N ND1 . HIS A 49 ? 0.4034 0.2914 0.2219 0.0068  -0.0004 0.0182  786 HIS A ND1 
372 C CD2 . HIS A 49 ? 0.4002 0.3015 0.2084 0.0100  -0.0059 0.0220  786 HIS A CD2 
373 C CE1 . HIS A 49 ? 0.4280 0.3086 0.2437 0.0044  0.0062  0.0237  786 HIS A CE1 
374 N NE2 . HIS A 49 ? 0.4150 0.3043 0.2233 0.0060  0.0032  0.0265  786 HIS A NE2 
375 N N   . VAL A 50 ? 0.3775 0.2833 0.1846 0.0200  -0.0260 0.0163  787 VAL A N   
376 C CA  . VAL A 50 ? 0.3768 0.2821 0.1805 0.0203  -0.0304 0.0140  787 VAL A CA  
377 C C   . VAL A 50 ? 0.3757 0.2860 0.1761 0.0230  -0.0359 0.0117  787 VAL A C   
378 O O   . VAL A 50 ? 0.3736 0.2920 0.1756 0.0241  -0.0358 0.0118  787 VAL A O   
379 C CB  . VAL A 50 ? 0.3757 0.2835 0.1848 0.0216  -0.0308 0.0140  787 VAL A CB  
380 C CG1 . VAL A 50 ? 0.3997 0.3055 0.2145 0.0200  -0.0258 0.0135  787 VAL A CG1 
381 C CG2 . VAL A 50 ? 0.3732 0.2911 0.1852 0.0269  -0.0339 0.0155  787 VAL A CG2 
382 N N   . LEU A 51 ? 0.3802 0.2847 0.1753 0.0237  -0.0402 0.0094  788 LEU A N   
383 C CA  . LEU A 51 ? 0.3813 0.2896 0.1744 0.0277  -0.0467 0.0053  788 LEU A CA  
384 C C   . LEU A 51 ? 0.3752 0.2959 0.1748 0.0300  -0.0485 0.0035  788 LEU A C   
385 O O   . LEU A 51 ? 0.3726 0.3044 0.1741 0.0319  -0.0506 -0.0006 788 LEU A O   
386 C CB  . LEU A 51 ? 0.3934 0.2872 0.1778 0.0294  -0.0510 0.0049  788 LEU A CB  
387 C CG  . LEU A 51 ? 0.4729 0.3652 0.2530 0.0361  -0.0595 0.0000  788 LEU A CG  
388 C CD1 . LEU A 51 ? 0.4110 0.3125 0.1900 0.0389  -0.0619 -0.0046 788 LEU A CD1 
389 C CD2 . LEU A 51 ? 0.4948 0.3641 0.2618 0.0376  -0.0620 0.0034  788 LEU A CD2 
390 N N   . ALA A 52 ? 0.3737 0.2953 0.1775 0.0296  -0.0474 0.0049  789 ALA A N   
391 C CA  . ALA A 52 ? 0.3934 0.3291 0.2025 0.0329  -0.0503 0.0017  789 ALA A CA  
392 C C   . ALA A 52 ? 0.3678 0.3150 0.1755 0.0341  -0.0477 0.0051  789 ALA A C   
393 O O   . ALA A 52 ? 0.3672 0.3280 0.1754 0.0368  -0.0499 0.0023  789 ALA A O   
394 C CB  . ALA A 52 ? 0.3954 0.3325 0.2109 0.0326  -0.0501 -0.0001 789 ALA A CB  
395 N N   . GLN A 53 ? 0.3702 0.3108 0.1749 0.0316  -0.0422 0.0109  790 GLN A N   
396 C CA  . GLN A 53 ? 0.3751 0.3209 0.1757 0.0318  -0.0381 0.0159  790 GLN A CA  
397 C C   . GLN A 53 ? 0.3762 0.3274 0.1754 0.0279  -0.0352 0.0122  790 GLN A C   
398 O O   . GLN A 53 ? 0.3837 0.3389 0.1780 0.0258  -0.0299 0.0155  790 GLN A O   
399 C CB  . GLN A 53 ? 0.4790 0.4138 0.2783 0.0318  -0.0331 0.0235  790 GLN A CB  
400 C CG  . GLN A 53 ? 0.5021 0.4271 0.3015 0.0262  -0.0266 0.0246  790 GLN A CG  
401 C CD  . GLN A 53 ? 0.4096 0.3226 0.2109 0.0273  -0.0228 0.0300  790 GLN A CD  
402 O OE1 . GLN A 53 ? 0.3863 0.2954 0.1930 0.0264  -0.0234 0.0269  790 GLN A OE1 
403 N NE2 . GLN A 53 ? 0.4590 0.3652 0.2547 0.0294  -0.0187 0.0378  790 GLN A NE2 
404 N N   . MET A 54 ? 0.3717 0.3236 0.1742 0.0273  -0.0390 0.0044  791 MET A N   
405 C CA  . MET A 54 ? 0.3723 0.3327 0.1769 0.0241  -0.0371 -0.0028 791 MET A CA  
406 C C   . MET A 54 ? 0.3802 0.3580 0.1877 0.0263  -0.0411 -0.0115 791 MET A C   
407 O O   . MET A 54 ? 0.3709 0.3604 0.1825 0.0236  -0.0394 -0.0203 791 MET A O   
408 C CB  . MET A 54 ? 0.3713 0.3261 0.1778 0.0245  -0.0403 -0.0083 791 MET A CB  
409 C CG  . MET A 54 ? 0.3733 0.3139 0.1779 0.0218  -0.0361 -0.0023 791 MET A CG  
410 S SD  . MET A 54 ? 0.3787 0.3155 0.1854 0.0149  -0.0242 0.0030  791 MET A SD  
411 C CE  . MET A 54 ? 0.3800 0.3303 0.1934 0.0093  -0.0206 -0.0098 791 MET A CE  
412 N N   . GLU A 55 ? 0.3684 0.3505 0.1759 0.0309  -0.0464 -0.0118 792 GLU A N   
413 C CA  . GLU A 55 ? 0.3671 0.3675 0.1786 0.0332  -0.0500 -0.0217 792 GLU A CA  
414 C C   . GLU A 55 ? 0.3731 0.3865 0.1793 0.0280  -0.0414 -0.0196 792 GLU A C   
415 O O   . GLU A 55 ? 0.3798 0.3883 0.1770 0.0276  -0.0369 -0.0086 792 GLU A O   
416 C CB  . GLU A 55 ? 0.3648 0.3672 0.1793 0.0388  -0.0572 -0.0241 792 GLU A CB  
417 C CG  . GLU A 55 ? 0.3634 0.3838 0.1852 0.0423  -0.0627 -0.0377 792 GLU A CG  
418 C CD  . GLU A 55 ? 0.3644 0.3798 0.1923 0.0466  -0.0701 -0.0472 792 GLU A CD  
419 O OE1 . GLU A 55 ? 0.4113 0.4412 0.2474 0.0510  -0.0757 -0.0602 792 GLU A OE1 
420 O OE2 . GLU A 55 ? 0.4298 0.4275 0.2538 0.0468  -0.0708 -0.0421 792 GLU A OE2 
421 N N   . GLN A 56 ? 0.3739 0.4034 0.1847 0.0244  -0.0387 -0.0302 793 GLN A N   
422 C CA  . GLN A 56 ? 0.3840 0.4261 0.1880 0.0174  -0.0284 -0.0290 793 GLN A CA  
423 C C   . GLN A 56 ? 0.4453 0.5086 0.2489 0.0208  -0.0320 -0.0362 793 GLN A C   
424 O O   . GLN A 56 ? 0.3753 0.4454 0.1881 0.0282  -0.0426 -0.0455 793 GLN A O   
425 C CB  . GLN A 56 ? 0.3867 0.4385 0.1976 0.0087  -0.0206 -0.0393 793 GLN A CB  
426 C CG  . GLN A 56 ? 0.3866 0.4219 0.2005 0.0051  -0.0172 -0.0361 793 GLN A CG  
427 C CD  . GLN A 56 ? 0.3972 0.4099 0.1990 0.0016  -0.0091 -0.0181 793 GLN A CD  
428 O OE1 . GLN A 56 ? 0.4456 0.4410 0.2470 0.0057  -0.0131 -0.0108 793 GLN A OE1 
429 N NE2 . GLN A 56 ? 0.4136 0.4256 0.2048 -0.0054 0.0024  -0.0111 793 GLN A NE2 
430 O OXT . GLN A 56 ? 0.4136 0.4872 0.2064 0.0162  -0.0237 -0.0328 793 GLN A OXT 
431 N N   . LEU B 8  ? 1.0277 0.5737 1.5135 0.1199  0.1247  -0.3200 745 LEU B N   
432 C CA  . LEU B 8  ? 0.9962 0.5426 1.4639 0.1054  0.0996  -0.2902 745 LEU B CA  
433 C C   . LEU B 8  ? 0.9489 0.5258 1.4534 0.1170  0.0849  -0.2549 745 LEU B C   
434 O O   . LEU B 8  ? 0.9803 0.5594 1.5369 0.1369  0.0841  -0.2468 745 LEU B O   
435 C CB  . LEU B 8  ? 1.0948 0.5905 1.5632 0.0976  0.0861  -0.2842 745 LEU B CB  
436 C CG  . LEU B 8  ? 1.1513 0.6151 1.5758 0.0791  0.0916  -0.3151 745 LEU B CG  
437 C CD1 . LEU B 8  ? 1.1579 0.6519 1.5269 0.0637  0.0967  -0.3298 745 LEU B CD1 
438 C CD2 . LEU B 8  ? 1.2229 0.6544 1.6622 0.0909  0.1097  -0.3483 745 LEU B CD2 
439 N N   . PRO B 9  ? 0.9226 0.5228 1.3999 0.1048  0.0714  -0.2345 746 PRO B N   
440 C CA  . PRO B 9  ? 0.8478 0.4742 1.3520 0.1145  0.0539  -0.2010 746 PRO B CA  
441 C C   . PRO B 9  ? 0.8709 0.4653 1.4028 0.1236  0.0340  -0.1735 746 PRO B C   
442 O O   . PRO B 9  ? 0.8453 0.4019 1.3575 0.1123  0.0277  -0.1680 746 PRO B O   
443 C CB  . PRO B 9  ? 0.7918 0.4361 1.2505 0.0962  0.0442  -0.1879 746 PRO B CB  
444 C CG  . PRO B 9  ? 0.8604 0.4770 1.2762 0.0762  0.0491  -0.2063 746 PRO B CG  
445 C CD  . PRO B 9  ? 0.8956 0.4981 1.3155 0.0817  0.0701  -0.2417 746 PRO B CD  
446 N N   . THR B 10 ? 0.8155 0.4247 1.3926 0.1433  0.0243  -0.1563 747 THR B N   
447 C CA  . THR B 10 ? 0.8444 0.4269 1.4396 0.1530  0.0017  -0.1240 747 THR B CA  
448 C C   . THR B 10 ? 0.8789 0.4692 1.4382 0.1426  -0.0195 -0.0907 747 THR B C   
449 O O   . THR B 10 ? 0.7479 0.3749 1.2871 0.1351  -0.0200 -0.0903 747 THR B O   
450 C CB  . THR B 10 ? 0.9678 0.5639 1.6222 0.1781  -0.0053 -0.1163 747 THR B CB  
451 O OG1 . THR B 10 ? 0.9841 0.5449 1.6506 0.1882  -0.0262 -0.0867 747 THR B OG1 
452 C CG2 . THR B 10 ? 0.8089 0.4564 1.4738 0.1822  -0.0151 -0.1053 747 THR B CG2 
453 N N   . TYR B 11 ? 0.8396 0.3927 1.3883 0.1418  -0.0349 -0.0631 748 TYR B N   
454 C CA  . TYR B 11 ? 0.8538 0.4058 1.3633 0.1323  -0.0526 -0.0292 748 TYR B CA  
455 C C   . TYR B 11 ? 0.7731 0.3683 1.2850 0.1415  -0.0682 -0.0134 748 TYR B C   
456 O O   . TYR B 11 ? 0.7315 0.3445 1.2062 0.1298  -0.0742 -0.0014 748 TYR B O   
457 C CB  . TYR B 11 ? 0.8802 0.3842 1.3866 0.1366  -0.0647 -0.0001 748 TYR B CB  
458 C CG  . TYR B 11 ? 0.8780 0.3706 1.3380 0.1266  -0.0786 0.0366  748 TYR B CG  
459 C CD1 . TYR B 11 ? 0.8702 0.3800 1.3190 0.1387  -0.0992 0.0657  748 TYR B CD1 
460 C CD2 . TYR B 11 ? 0.9311 0.3946 1.3577 0.1049  -0.0706 0.0420  748 TYR B CD2 
461 C CE1 . TYR B 11 ? 0.8777 0.3747 1.2766 0.1303  -0.1088 0.0985  748 TYR B CE1 
462 C CE2 . TYR B 11 ? 0.8963 0.3491 1.2800 0.0955  -0.0787 0.0759  748 TYR B CE2 
463 C CZ  . TYR B 11 ? 0.8908 0.3592 1.2576 0.1090  -0.0965 0.1040  748 TYR B CZ  
464 O OH  . TYR B 11 ? 1.0248 0.4809 1.3415 0.1006  -0.1014 0.1364  748 TYR B OH  
465 N N   . GLN B 12 ? 0.7852 0.3974 1.3430 0.1619  -0.0748 -0.0145 749 GLN B N   
466 C CA  . GLN B 12 ? 0.7717 0.4273 1.3405 0.1702  -0.0903 -0.0046 749 GLN B CA  
467 C C   . GLN B 12 ? 0.7108 0.4082 1.2715 0.1587  -0.0750 -0.0277 749 GLN B C   
468 O O   . GLN B 12 ? 0.6432 0.3680 1.1810 0.1531  -0.0865 -0.0159 749 GLN B O   
469 C CB  . GLN B 12 ? 0.8362 0.5021 1.4661 0.1927  -0.0972 -0.0072 749 GLN B CB  
470 C CG  . GLN B 12 ? 0.8968 0.6154 1.5559 0.1983  -0.1033 -0.0129 749 GLN B CG  
471 C CD  . GLN B 12 ? 0.9982 0.7254 1.6554 0.2085  -0.1374 0.0182  749 GLN B CD  
472 O OE1 . GLN B 12 ? 1.0534 0.7501 1.6699 0.2081  -0.1548 0.0465  749 GLN B OE1 
473 N NE2 . GLN B 12 ? 1.0055 0.7730 1.7048 0.2170  -0.1465 0.0130  749 GLN B NE2 
474 N N   . GLU B 13 ? 0.6848 0.3852 1.2604 0.1554  -0.0482 -0.0610 750 GLU B N   
475 C CA  . GLU B 13 ? 0.6625 0.3986 1.2270 0.1452  -0.0300 -0.0839 750 GLU B CA  
476 C C   . GLU B 13 ? 0.6021 0.3342 1.1089 0.1249  -0.0297 -0.0796 750 GLU B C   
477 O O   . GLU B 13 ? 0.5563 0.3196 1.0465 0.1170  -0.0232 -0.0872 750 GLU B O   
478 C CB  . GLU B 13 ? 0.6583 0.3942 1.2440 0.1474  0.0000  -0.1201 750 GLU B CB  
479 C CG  . GLU B 13 ? 0.7406 0.5016 1.3872 0.1653  0.0056  -0.1282 750 GLU B CG  
480 C CD  . GLU B 13 ? 0.8673 0.6176 1.5350 0.1704  0.0354  -0.1610 750 GLU B CD  
481 O OE1 . GLU B 13 ? 0.8921 0.6691 1.6052 0.1812  0.0484  -0.1732 750 GLU B OE1 
482 O OE2 . GLU B 13 ? 0.9327 0.6473 1.5719 0.1630  0.0459  -0.1751 750 GLU B OE2 
483 N N   . LEU B 14 ? 0.6280 0.3216 1.1069 0.1162  -0.0361 -0.0665 751 LEU B N   
484 C CA  . LEU B 14 ? 0.6014 0.2901 1.0305 0.0966  -0.0384 -0.0573 751 LEU B CA  
485 C C   . LEU B 14 ? 0.5739 0.2785 0.9844 0.0981  -0.0601 -0.0255 751 LEU B C   
486 O O   . LEU B 14 ? 0.5314 0.2565 0.9132 0.0872  -0.0599 -0.0241 751 LEU B O   
487 C CB  . LEU B 14 ? 0.6431 0.2869 1.0532 0.0851  -0.0376 -0.0516 751 LEU B CB  
488 C CG  . LEU B 14 ? 0.6734 0.2971 1.0858 0.0770  -0.0182 -0.0848 751 LEU B CG  
489 C CD1 . LEU B 14 ? 0.7007 0.2887 1.0865 0.0579  -0.0199 -0.0776 751 LEU B CD1 
490 C CD2 . LEU B 14 ? 0.6408 0.2944 1.0389 0.0699  -0.0011 -0.1160 751 LEU B CD2 
491 N N   . GLU B 15 ? 0.6221 0.3151 1.0449 0.1117  -0.0791 -0.0003 752 GLU B N   
492 C CA  . GLU B 15 ? 0.6334 0.3416 1.0348 0.1155  -0.1015 0.0279  752 GLU B CA  
493 C C   . GLU B 15 ? 0.5659 0.3217 0.9826 0.1183  -0.1026 0.0153  752 GLU B C   
494 O O   . GLU B 15 ? 0.5377 0.3114 0.9225 0.1110  -0.1108 0.0255  752 GLU B O   
495 C CB  . GLU B 15 ? 0.7074 0.3971 1.1240 0.1326  -0.1213 0.0511  752 GLU B CB  
496 C CG  . GLU B 15 ? 0.7550 0.4018 1.1310 0.1282  -0.1283 0.0809  752 GLU B CG  
497 C CD  . GLU B 15 ? 0.9217 0.5404 1.3195 0.1464  -0.1415 0.0978  752 GLU B CD  
498 O OE1 . GLU B 15 ? 0.9031 0.5278 1.3545 0.1602  -0.1395 0.0807  752 GLU B OE1 
499 O OE2 . GLU B 15 ? 1.0617 0.6511 1.4221 0.1475  -0.1521 0.1286  752 GLU B OE2 
500 N N   . GLN B 16 ? 0.5407 0.3160 1.0068 0.1283  -0.0925 -0.0075 753 GLN B N   
501 C CA  . GLN B 16 ? 0.5649 0.3850 1.0513 0.1291  -0.0879 -0.0218 753 GLN B CA  
502 C C   . GLN B 16 ? 0.4898 0.3241 0.9436 0.1133  -0.0708 -0.0359 753 GLN B C   
503 O O   . GLN B 16 ? 0.4408 0.3026 0.8818 0.1090  -0.0772 -0.0314 753 GLN B O   
504 C CB  . GLN B 16 ? 0.5941 0.4288 1.1378 0.1400  -0.0716 -0.0456 753 GLN B CB  
505 C CG  . GLN B 16 ? 0.7158 0.5546 1.3041 0.1573  -0.0920 -0.0328 753 GLN B CG  
506 C CD  . GLN B 16 ? 0.7867 0.6339 1.4341 0.1684  -0.0730 -0.0558 753 GLN B CD  
507 O OE1 . GLN B 16 ? 0.8004 0.6670 1.4584 0.1628  -0.0453 -0.0816 753 GLN B OE1 
508 N NE2 . GLN B 16 ? 0.8359 0.6669 1.5196 0.1845  -0.0867 -0.0460 753 GLN B NE2 
509 N N   . GLU B 17 ? 0.4680 0.2822 0.9071 0.1043  -0.0500 -0.0538 754 GLU B N   
510 C CA  . GLU B 17 ? 0.5051 0.3305 0.9114 0.0893  -0.0335 -0.0694 754 GLU B CA  
511 C C   . GLU B 17 ? 0.4259 0.2458 0.7889 0.0785  -0.0493 -0.0461 754 GLU B C   
512 O O   . GLU B 17 ? 0.4027 0.2431 0.7450 0.0705  -0.0449 -0.0502 754 GLU B O   
513 C CB  . GLU B 17 ? 0.5307 0.3332 0.9240 0.0804  -0.0117 -0.0946 754 GLU B CB  
514 C CG  . GLU B 17 ? 0.5864 0.3983 0.9385 0.0635  0.0029  -0.1113 754 GLU B CG  
515 C CD  . GLU B 17 ? 0.7399 0.5376 1.0768 0.0560  0.0244  -0.1420 754 GLU B CD  
516 O OE1 . GLU B 17 ? 0.7865 0.5983 1.0895 0.0447  0.0385  -0.1596 754 GLU B OE1 
517 O OE2 . GLU B 17 ? 0.7674 0.5388 1.1222 0.0612  0.0263  -0.1483 754 GLU B OE2 
518 N N   . ILE B 18 ? 0.4990 0.2900 0.8463 0.0782  -0.0659 -0.0205 755 ILE B N   
519 C CA  . ILE B 18 ? 0.4447 0.2300 0.7473 0.0679  -0.0786 0.0050  755 ILE B CA  
520 C C   . ILE B 18 ? 0.4474 0.2626 0.7436 0.0745  -0.0952 0.0184  755 ILE B C   
521 O O   . ILE B 18 ? 0.3915 0.2196 0.6568 0.0655  -0.0964 0.0237  755 ILE B O   
522 C CB  . ILE B 18 ? 0.4670 0.2149 0.7504 0.0658  -0.0878 0.0307  755 ILE B CB  
523 C CG1 . ILE B 18 ? 0.4848 0.2057 0.7632 0.0510  -0.0712 0.0178  755 ILE B CG1 
524 C CG2 . ILE B 18 ? 0.4686 0.2167 0.7043 0.0596  -0.1006 0.0609  755 ILE B CG2 
525 C CD1 . ILE B 18 ? 0.5393 0.2200 0.8132 0.0504  -0.0747 0.0374  755 ILE B CD1 
526 N N   . ASN B 19 ? 0.4566 0.2835 0.7827 0.0893  -0.1085 0.0224  756 ASN B N   
527 C CA  . ASN B 19 ? 0.5011 0.3575 0.8228 0.0933  -0.1256 0.0307  756 ASN B CA  
528 C C   . ASN B 19 ? 0.4479 0.3403 0.7855 0.0890  -0.1123 0.0094  756 ASN B C   
529 O O   . ASN B 19 ? 0.3689 0.2799 0.6819 0.0839  -0.1206 0.0159  756 ASN B O   
530 C CB  . ASN B 19 ? 0.5321 0.3926 0.8868 0.1082  -0.1436 0.0373  756 ASN B CB  
531 C CG  . ASN B 19 ? 0.6139 0.4395 0.9419 0.1136  -0.1596 0.0638  756 ASN B CG  
532 O OD1 . ASN B 19 ? 0.7056 0.5104 0.9812 0.1046  -0.1600 0.0816  756 ASN B OD1 
533 N ND2 . ASN B 19 ? 0.6318 0.4505 0.9958 0.1282  -0.1707 0.0672  756 ASN B ND2 
534 N N   . THR B 20 ? 0.3380 0.2388 0.7110 0.0903  -0.0887 -0.0166 757 THR B N   
535 C CA  . THR B 20 ? 0.3231 0.2565 0.7074 0.0857  -0.0697 -0.0371 757 THR B CA  
536 C C   . THR B 20 ? 0.3177 0.2479 0.6567 0.0730  -0.0616 -0.0373 757 THR B C   
537 O O   . THR B 20 ? 0.2623 0.2208 0.5816 0.0653  -0.0602 -0.0359 757 THR B O   
538 C CB  . THR B 20 ? 0.3892 0.3275 0.8071 0.0881  -0.0412 -0.0647 757 THR B CB  
539 O OG1 . THR B 20 ? 0.4064 0.3535 0.8728 0.0999  -0.0481 -0.0644 757 THR B OG1 
540 C CG2 . THR B 20 ? 0.4096 0.3767 0.8233 0.0801  -0.0153 -0.0841 757 THR B CG2 
541 N N   . LEU B 21 ? 0.3394 0.2413 0.6462 0.0629  -0.0543 -0.0373 758 LEU B N   
542 C CA  . LEU B 21 ? 0.3581 0.2643 0.6069 0.0426  -0.0455 -0.0350 758 LEU B CA  
543 C C   . LEU B 21 ? 0.2631 0.1751 0.4751 0.0379  -0.0633 -0.0085 758 LEU B C   
544 O O   . LEU B 21 ? 0.2374 0.1714 0.4176 0.0273  -0.0569 -0.0085 758 LEU B O   
545 C CB  . LEU B 21 ? 0.3004 0.1745 0.5333 0.0325  -0.0385 -0.0398 758 LEU B CB  
546 C CG  . LEU B 21 ? 0.3738 0.2465 0.6164 0.0295  -0.0154 -0.0730 758 LEU B CG  
547 C CD1 . LEU B 21 ? 0.3940 0.2286 0.6345 0.0220  -0.0138 -0.0804 758 LEU B CD1 
548 C CD2 . LEU B 21 ? 0.3868 0.2882 0.5902 0.0161  -0.0015 -0.0835 758 LEU B CD2 
549 N N   . LYS B 22 ? 0.3152 0.2053 0.5282 0.0465  -0.0852 0.0145  759 LYS B N   
550 C CA  . LYS B 22 ? 0.3300 0.2224 0.5016 0.0436  -0.1013 0.0384  759 LYS B CA  
551 C C   . LYS B 22 ? 0.2951 0.2217 0.4733 0.0473  -0.1077 0.0325  759 LYS B C   
552 O O   . LYS B 22 ? 0.2974 0.2380 0.4373 0.0378  -0.1056 0.0370  759 LYS B O   
553 C CB  . LYS B 22 ? 0.3988 0.2603 0.5650 0.0538  -0.1231 0.0635  759 LYS B CB  
554 C CG  . LYS B 22 ? 0.4690 0.2954 0.6132 0.0444  -0.1148 0.0766  759 LYS B CG  
555 C CD  . LYS B 22 ? 0.5498 0.3549 0.6751 0.0514  -0.1258 0.0986  759 LYS B CD  
556 C CE  . LYS B 22 ? 0.6167 0.3890 0.7224 0.0405  -0.1134 0.1120  759 LYS B CE  
557 N NZ  . LYS B 22 ? 0.7435 0.4912 0.8262 0.0481  -0.1207 0.1353  759 LYS B NZ  
558 N N   . ALA B 23 ? 0.2765 0.2172 0.5088 0.0607  -0.1141 0.0212  760 ALA B N   
559 C CA  . ALA B 23 ? 0.2702 0.2453 0.5210 0.0620  -0.1181 0.0127  760 ALA B CA  
560 C C   . ALA B 23 ? 0.2855 0.2837 0.5189 0.0474  -0.0907 -0.0028 760 ALA B C   
561 O O   . ALA B 23 ? 0.2639 0.2793 0.4770 0.0409  -0.0933 -0.0005 760 ALA B O   
562 C CB  . ALA B 23 ? 0.2870 0.2760 0.5949 0.0713  -0.1189 0.0003  760 ALA B CB  
563 N N   . ASP B 24 ? 0.2150 0.2113 0.4547 0.0429  -0.0653 -0.0191 761 ASP B N   
564 C CA  . ASP B 24 ? 0.1866 0.2015 0.4050 0.0305  -0.0406 -0.0319 761 ASP B CA  
565 C C   . ASP B 24 ? 0.2220 0.2333 0.3825 0.0180  -0.0432 -0.0182 761 ASP B C   
566 O O   . ASP B 24 ? 0.1912 0.2201 0.3326 0.0108  -0.0360 -0.0184 761 ASP B O   
567 C CB  . ASP B 24 ? 0.2251 0.2313 0.4461 0.0277  -0.0168 -0.0513 761 ASP B CB  
568 C CG  . ASP B 24 ? 0.4595 0.4706 0.7388 0.0405  -0.0052 -0.0694 761 ASP B CG  
569 O OD1 . ASP B 24 ? 0.4040 0.4363 0.7267 0.0488  -0.0105 -0.0691 761 ASP B OD1 
570 O OD2 . ASP B 24 ? 0.4502 0.4443 0.7349 0.0420  0.0100  -0.0857 761 ASP B OD2 
571 N N   . ASN B 25 ? 0.2091 0.1963 0.3460 0.0155  -0.0517 -0.0056 762 ASN B N   
572 C CA  . ASN B 25 ? 0.2200 0.2049 0.3091 0.0040  -0.0508 0.0074  762 ASN B CA  
573 C C   . ASN B 25 ? 0.2080 0.1993 0.2765 0.0059  -0.0644 0.0216  762 ASN B C   
574 O O   . ASN B 25 ? 0.2081 0.2115 0.2491 -0.0015 -0.0576 0.0239  762 ASN B O   
575 C CB  . ASN B 25 ? 0.2638 0.2211 0.3401 -0.0005 -0.0534 0.0179  762 ASN B CB  
576 C CG  . ASN B 25 ? 0.2550 0.2065 0.3389 -0.0083 -0.0388 0.0005  762 ASN B CG  
577 O OD1 . ASN B 25 ? 0.2446 0.2117 0.3344 -0.0097 -0.0257 -0.0190 762 ASN B OD1 
578 N ND2 . ASN B 25 ? 0.3089 0.2350 0.3912 -0.0140 -0.0409 0.0068  762 ASN B ND2 
579 N N   . ASP B 26 ? 0.2400 0.2220 0.3214 0.0169  -0.0853 0.0304  763 ASP B N   
580 C CA  . ASP B 26 ? 0.3075 0.2940 0.3670 0.0192  -0.1014 0.0396  763 ASP B CA  
581 C C   . ASP B 26 ? 0.2190 0.2333 0.2951 0.0163  -0.0952 0.0252  763 ASP B C   
582 O O   . ASP B 26 ? 0.2219 0.2409 0.2678 0.0112  -0.0955 0.0283  763 ASP B O   
583 C CB  . ASP B 26 ? 0.3551 0.3274 0.4249 0.0318  -0.1279 0.0493  763 ASP B CB  
584 C CG  . ASP B 26 ? 0.5678 0.5093 0.6051 0.0322  -0.1295 0.0673  763 ASP B CG  
585 O OD1 . ASP B 26 ? 0.6180 0.5489 0.6260 0.0231  -0.1163 0.0758  763 ASP B OD1 
586 O OD2 . ASP B 26 ? 0.7362 0.6659 0.7788 0.0409  -0.1426 0.0734  763 ASP B OD2 
587 N N   . ALA B 27 ? 0.2124 0.2431 0.3369 0.0194  -0.0869 0.0097  764 ALA B N   
588 C CA  . ALA B 27 ? 0.1775 0.2331 0.3209 0.0145  -0.0754 -0.0025 764 ALA B CA  
589 C C   . ALA B 27 ? 0.1873 0.2476 0.2940 0.0029  -0.0527 -0.0034 764 ALA B C   
590 O O   . ALA B 27 ? 0.1642 0.2340 0.2599 -0.0024 -0.0493 -0.0034 764 ALA B O   
591 C CB  . ALA B 27 ? 0.1966 0.2680 0.3995 0.0198  -0.0647 -0.0178 764 ALA B CB  
592 N N   . LEU B 28 ? 0.1626 0.2149 0.2523 -0.0011 -0.0390 -0.0042 765 LEU B N   
593 C CA  . LEU B 28 ? 0.1264 0.1838 0.1819 -0.0107 -0.0233 -0.0030 765 LEU B CA  
594 C C   . LEU B 28 ? 0.1259 0.1779 0.1447 -0.0138 -0.0312 0.0112  765 LEU B C   
595 O O   . LEU B 28 ? 0.1592 0.2198 0.1607 -0.0184 -0.0225 0.0128  765 LEU B O   
596 C CB  . LEU B 28 ? 0.1344 0.1844 0.1792 -0.0152 -0.0125 -0.0084 765 LEU B CB  
597 C CG  . LEU B 28 ? 0.2036 0.2584 0.2720 -0.0135 0.0035  -0.0262 765 LEU B CG  
598 C CD1 . LEU B 28 ? 0.2112 0.2503 0.2727 -0.0161 0.0071  -0.0349 765 LEU B CD1 
599 C CD2 . LEU B 28 ? 0.2568 0.3266 0.3106 -0.0191 0.0215  -0.0307 765 LEU B CD2 
600 N N   . LYS B 29 ? 0.1696 0.2054 0.1753 -0.0106 -0.0453 0.0223  766 LYS B N   
601 C CA  . LYS B 29 ? 0.1842 0.2133 0.1525 -0.0128 -0.0483 0.0351  766 LYS B CA  
602 C C   . LYS B 29 ? 0.1587 0.1937 0.1224 -0.0105 -0.0548 0.0320  766 LYS B C   
603 O O   . LYS B 29 ? 0.1991 0.2306 0.1455 -0.0107 -0.0418 0.0301  766 LYS B O   
604 C CB  . LYS B 29 ? 0.2129 0.2198 0.1635 -0.0094 -0.0601 0.0491  766 LYS B CB  
605 C CG  . LYS B 29 ? 0.2549 0.2523 0.2052 -0.0150 -0.0515 0.0547  766 LYS B CG  
606 C CD  . LYS B 29 ? 0.3247 0.2959 0.2615 -0.0104 -0.0617 0.0697  766 LYS B CD  
607 C CE  . LYS B 29 ? 0.4822 0.4386 0.4166 -0.0187 -0.0535 0.0805  766 LYS B CE  
608 N NZ  . LYS B 29 ? 0.6177 0.5474 0.5454 -0.0119 -0.0606 0.0927  766 LYS B NZ  
609 N N   . ILE B 30 ? 0.1733 0.2111 0.1646 -0.0051 -0.0693 0.0253  767 ILE B N   
610 C CA  . ILE B 30 ? 0.2067 0.2495 0.2002 -0.0047 -0.0772 0.0190  767 ILE B CA  
611 C C   . ILE B 30 ? 0.1748 0.2330 0.1799 -0.0117 -0.0581 0.0119  767 ILE B C   
612 O O   . ILE B 30 ? 0.1682 0.2242 0.1540 -0.0146 -0.0549 0.0120  767 ILE B O   
613 C CB  . ILE B 30 ? 0.1801 0.2274 0.2116 0.0014  -0.0951 0.0115  767 ILE B CB  
614 C CG1 . ILE B 30 ? 0.1961 0.2239 0.2036 0.0086  -0.1077 0.0202  767 ILE B CG1 
615 C CG2 . ILE B 30 ? 0.1598 0.2168 0.2075 -0.0020 -0.0988 0.0011  767 ILE B CG2 
616 C CD1 . ILE B 30 ? 0.2439 0.2730 0.2922 0.0163  -0.1249 0.0178  767 ILE B CD1 
617 N N   . GLN B 31 ? 0.1264 0.1966 0.1591 -0.0138 -0.0430 0.0059  768 GLN B N   
618 C CA  . GLN B 31 ? 0.1458 0.2269 0.1846 -0.0199 -0.0232 0.0019  768 GLN B CA  
619 C C   . GLN B 31 ? 0.1350 0.2113 0.1339 -0.0230 -0.0134 0.0110  768 GLN B C   
620 O O   . GLN B 31 ? 0.1470 0.2246 0.1397 -0.0258 -0.0051 0.0124  768 GLN B O   
621 C CB  . GLN B 31 ? 0.1227 0.2137 0.1861 -0.0210 -0.0061 -0.0055 768 GLN B CB  
622 C CG  . GLN B 31 ? 0.1681 0.2699 0.2836 -0.0179 -0.0085 -0.0159 768 GLN B CG  
623 C CD  . GLN B 31 ? 0.2132 0.3212 0.3469 -0.0172 0.0119  -0.0245 768 GLN B CD  
624 O OE1 . GLN B 31 ? 0.2231 0.3240 0.3585 -0.0122 0.0084  -0.0273 768 GLN B OE1 
625 N NE2 . GLN B 31 ? 0.1987 0.3162 0.3426 -0.0225 0.0354  -0.0287 768 GLN B NE2 
626 N N   . LEU B 32 ? 0.1317 0.2026 0.1097 -0.0226 -0.0141 0.0175  769 LEU B N   
627 C CA  . LEU B 32 ? 0.1662 0.2288 0.1285 -0.0219 -0.0052 0.0217  769 LEU B CA  
628 C C   . LEU B 32 ? 0.1388 0.1855 0.0922 -0.0167 -0.0071 0.0222  769 LEU B C   
629 O O   . LEU B 32 ? 0.1858 0.2264 0.1389 -0.0140 -0.0008 0.0212  769 LEU B O   
630 C CB  . LEU B 32 ? 0.1482 0.2046 0.1084 -0.0220 -0.0054 0.0230  769 LEU B CB  
631 C CG  . LEU B 32 ? 0.1607 0.2098 0.1218 -0.0195 -0.0013 0.0229  769 LEU B CG  
632 C CD1 . LEU B 32 ? 0.1648 0.2231 0.1311 -0.0205 0.0022  0.0208  769 LEU B CD1 
633 C CD2 . LEU B 32 ? 0.1517 0.2017 0.1112 -0.0236 -0.0030 0.0255  769 LEU B CD2 
634 N N   . LYS B 33 ? 0.1433 0.1803 0.0858 -0.0135 -0.0178 0.0231  770 LYS B N   
635 C CA  . LYS B 33 ? 0.1739 0.1949 0.0990 -0.0076 -0.0187 0.0216  770 LYS B CA  
636 C C   . LYS B 33 ? 0.1926 0.2207 0.1187 -0.0112 -0.0195 0.0182  770 LYS B C   
637 O O   . LYS B 33 ? 0.1909 0.2100 0.1068 -0.0083 -0.0122 0.0176  770 LYS B O   
638 C CB  . LYS B 33 ? 0.2080 0.2197 0.1182 -0.0010 -0.0324 0.0219  770 LYS B CB  
639 C CG  . LYS B 33 ? 0.2913 0.2960 0.1805 0.0068  -0.0312 0.0200  770 LYS B CG  
640 C CD  . LYS B 33 ? 0.3674 0.3780 0.2465 0.0098  -0.0401 0.0248  770 LYS B CD  
641 C CE  . LYS B 33 ? 0.5926 0.6016 0.4504 0.0100  -0.0316 0.0304  770 LYS B CE  
642 N NZ  . LYS B 33 ? 0.6988 0.7024 0.5346 0.0097  -0.0422 0.0383  770 LYS B NZ  
643 N N   . TYR B 34 ? 0.1526 0.1987 0.0938 -0.0187 -0.0303 0.0151  771 TYR B N   
644 C CA  . TYR B 34 ? 0.1513 0.2003 0.1075 -0.0232 -0.0272 0.0082  771 TYR B CA  
645 C C   . TYR B 34 ? 0.2133 0.2670 0.1689 -0.0255 -0.0059 0.0148  771 TYR B C   
646 O O   . TYR B 34 ? 0.2005 0.2460 0.1533 -0.0261 0.0004  0.0138  771 TYR B O   
647 C CB  . TYR B 34 ? 0.1647 0.2237 0.1653 -0.0264 -0.0352 -0.0017 771 TYR B CB  
648 C CG  . TYR B 34 ? 0.1777 0.2289 0.1786 -0.0242 -0.0612 -0.0098 771 TYR B CG  
649 C CD1 . TYR B 34 ? 0.3066 0.3482 0.3071 -0.0276 -0.0697 -0.0199 771 TYR B CD1 
650 C CD2 . TYR B 34 ? 0.1950 0.2452 0.1932 -0.0185 -0.0799 -0.0074 771 TYR B CD2 
651 C CE1 . TYR B 34 ? 0.3294 0.3624 0.3232 -0.0256 -0.0974 -0.0289 771 TYR B CE1 
652 C CE2 . TYR B 34 ? 0.2144 0.2565 0.2072 -0.0140 -0.0975 -0.0123 771 TYR B CE2 
653 C CZ  . TYR B 34 ? 0.2988 0.3338 0.2876 -0.0178 -0.1052 -0.0225 771 TYR B CZ  
654 O OH  . TYR B 34 ? 0.2916 0.3186 0.2712 -0.0146 -0.1227 -0.0264 771 TYR B OH  
655 N N   . ALA B 35 ? 0.1394 0.2028 0.0964 -0.0257 0.0035  0.0208  772 ALA B N   
656 C CA  . ALA B 35 ? 0.1585 0.2098 0.1207 -0.0203 0.0142  0.0220  772 ALA B CA  
657 C C   . ALA B 35 ? 0.1946 0.2282 0.1465 -0.0128 0.0144  0.0228  772 ALA B C   
658 O O   . ALA B 35 ? 0.1857 0.2126 0.1351 -0.0115 0.0209  0.0253  772 ALA B O   
659 C CB  . ALA B 35 ? 0.1539 0.2045 0.1207 -0.0186 0.0164  0.0206  772 ALA B CB  
660 N N   . GLN B 36 ? 0.1715 0.2052 0.1194 -0.0110 0.0092  0.0225  773 GLN B N   
661 C CA  . GLN B 36 ? 0.1637 0.1928 0.1049 -0.0078 0.0117  0.0246  773 GLN B CA  
662 C C   . GLN B 36 ? 0.1751 0.1863 0.0972 -0.0054 0.0155  0.0228  773 GLN B C   
663 O O   . GLN B 36 ? 0.2221 0.2284 0.1399 -0.0053 0.0223  0.0242  773 GLN B O   
664 C CB  . GLN B 36 ? 0.2073 0.2379 0.1460 -0.0077 0.0091  0.0258  773 GLN B CB  
665 C CG  . GLN B 36 ? 0.2773 0.3235 0.2319 -0.0106 0.0070  0.0276  773 GLN B CG  
666 C CD  . GLN B 36 ? 0.3851 0.4306 0.3374 -0.0124 0.0053  0.0296  773 GLN B CD  
667 O OE1 . GLN B 36 ? 0.3450 0.3773 0.2822 -0.0105 0.0057  0.0309  773 GLN B OE1 
668 N NE2 . GLN B 36 ? 0.3024 0.3589 0.2646 -0.0161 0.0037  0.0308  773 GLN B NE2 
669 N N   . LYS B 37 ? 0.1966 0.2060 0.1072 -0.0055 0.0089  0.0195  774 LYS B N   
670 C CA  . LYS B 37 ? 0.2548 0.2598 0.1447 -0.0055 0.0087  0.0154  774 LYS B CA  
671 C C   . LYS B 37 ? 0.2123 0.2217 0.1088 -0.0127 0.0193  0.0176  774 LYS B C   
672 O O   . LYS B 37 ? 0.2190 0.2131 0.1089 -0.0083 0.0272  0.0145  774 LYS B O   
673 C CB  . LYS B 37 ? 0.2234 0.2263 0.0989 -0.0129 -0.0107 0.0048  774 LYS B CB  
674 C CG  . LYS B 37 ? 0.3188 0.3195 0.1859 -0.0027 -0.0193 0.0045  774 LYS B CG  
675 C CD  . LYS B 37 ? 0.4028 0.4003 0.2681 -0.0088 -0.0431 -0.0061 774 LYS B CD  
676 C CE  . LYS B 37 ? 0.5349 0.5368 0.3923 -0.0035 -0.0492 -0.0023 774 LYS B CE  
677 N NZ  . LYS B 37 ? 0.5094 0.5015 0.3370 -0.0020 -0.0446 -0.0044 774 LYS B NZ  
678 N N   . LYS B 38 ? 0.1581 0.1788 0.0805 -0.0185 0.0212  0.0211  775 LYS B N   
679 C CA  . LYS B 38 ? 0.1698 0.1848 0.1111 -0.0210 0.0330  0.0247  775 LYS B CA  
680 C C   . LYS B 38 ? 0.2162 0.2270 0.1511 -0.0144 0.0419  0.0346  775 LYS B C   
681 O O   . LYS B 38 ? 0.2074 0.2091 0.1459 -0.0108 0.0518  0.0408  775 LYS B O   
682 C CB  . LYS B 38 ? 0.1965 0.2232 0.1633 -0.0288 0.0363  0.0260  775 LYS B CB  
683 C CG  . LYS B 38 ? 0.1874 0.2064 0.1715 -0.0331 0.0519  0.0332  775 LYS B CG  
684 C CD  . LYS B 38 ? 0.2124 0.2102 0.2127 -0.0365 0.0513  0.0236  775 LYS B CD  
685 C CE  . LYS B 38 ? 0.2485 0.2364 0.2724 -0.0434 0.0689  0.0327  775 LYS B CE  
686 N NZ  . LYS B 38 ? 0.3071 0.2714 0.3515 -0.0484 0.0681  0.0220  775 LYS B NZ  
687 N N   . ILE B 39 ? 0.1652 0.1746 0.1007 -0.0114 0.0344  0.0313  776 ILE B N   
688 C CA  . ILE B 39 ? 0.1406 0.1540 0.0799 -0.0076 0.0339  0.0361  776 ILE B CA  
689 C C   . ILE B 39 ? 0.1860 0.1994 0.1210 -0.0022 0.0391  0.0384  776 ILE B C   
690 O O   . ILE B 39 ? 0.1998 0.2119 0.1405 0.0059  0.0470  0.0474  776 ILE B O   
691 C CB  . ILE B 39 ? 0.1585 0.1879 0.1067 -0.0030 0.0268  0.0378  776 ILE B CB  
692 C CG1 . ILE B 39 ? 0.1854 0.2202 0.1375 -0.0058 0.0245  0.0376  776 ILE B CG1 
693 C CG2 . ILE B 39 ? 0.1392 0.1794 0.0944 0.0033  0.0274  0.0458  776 ILE B CG2 
694 C CD1 . ILE B 39 ? 0.1791 0.2291 0.1382 -0.0062 0.0173  0.0364  776 ILE B CD1 
695 N N   . GLU B 40 ? 0.1837 0.1948 0.1071 -0.0031 0.0376  0.0320  777 GLU B N   
696 C CA  . GLU B 40 ? 0.1871 0.1956 0.1019 0.0060  0.0469  0.0320  777 GLU B CA  
697 C C   . GLU B 40 ? 0.1968 0.1831 0.0992 0.0143  0.0611  0.0315  777 GLU B C   
698 O O   . GLU B 40 ? 0.2475 0.2202 0.1493 0.0254  0.0764  0.0340  777 GLU B O   
699 C CB  . GLU B 40 ? 0.1852 0.1921 0.0827 0.0024  0.0429  0.0240  777 GLU B CB  
700 C CG  . GLU B 40 ? 0.2266 0.2252 0.1105 0.0129  0.0559  0.0210  777 GLU B CG  
701 C CD  . GLU B 40 ? 0.2545 0.2535 0.1209 0.0092  0.0534  0.0155  777 GLU B CD  
702 O OE1 . GLU B 40 ? 0.2686 0.2743 0.1342 -0.0007 0.0408  0.0156  777 GLU B OE1 
703 O OE2 . GLU B 40 ? 0.2638 0.2551 0.1172 0.0169  0.0660  0.0120  777 GLU B OE2 
704 N N   . SER B 41 ? 0.2084 0.1825 0.1051 0.0070  0.0569  0.0242  778 SER B N   
705 C CA  A SER B 41 ? 0.2451 0.1930 0.1510 0.0049  0.0582  0.0121  778 SER B CA  
706 C CA  B SER B 41 ? 0.2416 0.1889 0.1467 0.0054  0.0586  0.0119  778 SER B CA  
707 C C   . SER B 41 ? 0.2390 0.1809 0.1684 0.0085  0.0707  0.0264  778 SER B C   
708 O O   . SER B 41 ? 0.2653 0.1826 0.2011 0.0140  0.0792  0.0215  778 SER B O   
709 C CB  A SER B 41 ? 0.2263 0.1725 0.1437 -0.0079 0.0432  -0.0001 778 SER B CB  
710 C CB  B SER B 41 ? 0.2426 0.1855 0.1568 -0.0071 0.0431  -0.0022 778 SER B CB  
711 O OG  A SER B 41 ? 0.2847 0.2047 0.2136 -0.0120 0.0422  -0.0151 778 SER B OG  
712 O OG  B SER B 41 ? 0.2479 0.2064 0.1884 -0.0146 0.0443  0.0087  778 SER B OG  
713 N N   . LEU B 42 ? 0.2257 0.1869 0.1649 0.0061  0.0717  0.0440  779 LEU B N   
714 C CA  . LEU B 42 ? 0.2178 0.1729 0.1708 0.0101  0.0816  0.0624  779 LEU B CA  
715 C C   . LEU B 42 ? 0.2157 0.1727 0.1694 0.0258  0.0869  0.0728  779 LEU B C   
716 O O   . LEU B 42 ? 0.2505 0.1888 0.2167 0.0336  0.0960  0.0834  779 LEU B O   
717 C CB  . LEU B 42 ? 0.2243 0.2022 0.1828 0.0026  0.0691  0.0667  779 LEU B CB  
718 C CG  . LEU B 42 ? 0.2279 0.2035 0.1958 -0.0103 0.0716  0.0632  779 LEU B CG  
719 C CD1 . LEU B 42 ? 0.2101 0.2048 0.1724 -0.0164 0.0611  0.0612  779 LEU B CD1 
720 C CD2 . LEU B 42 ? 0.2271 0.1769 0.2119 -0.0133 0.0856  0.0700  779 LEU B CD2 
721 N N   . GLN B 43 ? 0.2029 0.1826 0.1516 0.0297  0.0787  0.0677  780 GLN B N   
722 C CA  . GLN B 43 ? 0.2068 0.1919 0.1646 0.0450  0.0869  0.0770  780 GLN B CA  
723 C C   . GLN B 43 ? 0.2430 0.2000 0.1989 0.0550  0.1042  0.0675  780 GLN B C   
724 O O   . GLN B 43 ? 0.2613 0.2091 0.2366 0.0688  0.1135  0.0755  780 GLN B O   
725 C CB  . GLN B 43 ? 0.2051 0.2178 0.1652 0.0430  0.0752  0.0719  780 GLN B CB  
726 C CG  . GLN B 43 ? 0.2248 0.2575 0.1938 0.0358  0.0582  0.0762  780 GLN B CG  
727 C CD  . GLN B 43 ? 0.3377 0.3867 0.3080 0.0293  0.0482  0.0686  780 GLN B CD  
728 O OE1 . GLN B 43 ? 0.2720 0.3152 0.2325 0.0235  0.0486  0.0576  780 GLN B OE1 
729 N NE2 . GLN B 43 ? 0.2962 0.3640 0.2774 0.0296  0.0400  0.0756  780 GLN B NE2 
730 N N   . LEU B 44 ? 0.2666 0.2079 0.2020 0.0477  0.1028  0.0457  781 LEU B N   
731 C CA  . LEU B 44 ? 0.3124 0.2228 0.2414 0.0548  0.1132  0.0270  781 LEU B CA  
732 C C   . LEU B 44 ? 0.3297 0.2099 0.2793 0.0547  0.1164  0.0268  781 LEU B C   
733 O O   . LEU B 44 ? 0.3977 0.2546 0.3585 0.0668  0.1291  0.0227  781 LEU B O   
734 C CB  . LEU B 44 ? 0.3163 0.2150 0.2106 0.0462  0.1059  0.0032  781 LEU B CB  
735 C CG  . LEU B 44 ? 0.3157 0.2343 0.1843 0.0486  0.1082  0.0037  781 LEU B CG  
736 C CD1 . LEU B 44 ? 0.3169 0.2253 0.1470 0.0390  0.0947  -0.0134 781 LEU B CD1 
737 C CD2 . LEU B 44 ? 0.3371 0.2529 0.2078 0.0630  0.1278  0.0019  781 LEU B CD2 
738 N N   . GLU B 45 ? 0.3195 0.1988 0.2776 0.0411  0.1072  0.0322  782 GLU B N   
739 C CA  . GLU B 45 ? 0.3744 0.2234 0.3549 0.0386  0.1127  0.0350  782 GLU B CA  
740 C C   . GLU B 45 ? 0.3380 0.1855 0.3372 0.0538  0.1223  0.0608  782 GLU B C   
741 O O   . GLU B 45 ? 0.4288 0.2442 0.4454 0.0618  0.1322  0.0612  782 GLU B O   
742 C CB  . GLU B 45 ? 0.3372 0.1913 0.3268 0.0204  0.1050  0.0388  782 GLU B CB  
743 C CG  . GLU B 45 ? 0.4025 0.2260 0.4188 0.0146  0.1138  0.0463  782 GLU B CG  
744 C CD  . GLU B 45 ? 0.4648 0.2971 0.4942 -0.0039 0.1112  0.0501  782 GLU B CD  
745 O OE1 . GLU B 45 ? 0.4412 0.3056 0.4590 -0.0071 0.1060  0.0582  782 GLU B OE1 
746 O OE2 . GLU B 45 ? 0.6413 0.4486 0.6962 -0.0155 0.1159  0.0437  782 GLU B OE2 
747 N N   . LYS B 46 ? 0.3945 0.2753 0.3909 0.0579  0.1173  0.0820  783 LYS B N   
748 C CA  . LYS B 46 ? 0.4860 0.3707 0.4982 0.0721  0.1195  0.1094  783 LYS B CA  
749 C C   . LYS B 46 ? 0.4827 0.3589 0.5128 0.0920  0.1295  0.1060  783 LYS B C   
750 O O   . LYS B 46 ? 0.5321 0.3857 0.5842 0.1048  0.1359  0.1189  783 LYS B O   
751 C CB  . LYS B 46 ? 0.4872 0.4150 0.4908 0.0705  0.1062  0.1238  783 LYS B CB  
752 C CG  . LYS B 46 ? 0.5909 0.5352 0.6117 0.0839  0.0994  0.1417  783 LYS B CG  
753 C CD  . LYS B 46 ? 0.6243 0.6029 0.6345 0.0755  0.0800  0.1461  783 LYS B CD  
754 C CE  . LYS B 46 ? 0.6393 0.6510 0.6492 0.0741  0.0733  0.1388  783 LYS B CE  
755 N NZ  . LYS B 46 ? 0.6733 0.7113 0.6791 0.0686  0.0552  0.1428  783 LYS B NZ  
756 N N   . SER B 47 ? 0.4033 0.2960 0.4251 0.0951  0.1329  0.0891  784 SER B N   
757 C CA  A SER B 47 ? 0.4562 0.3450 0.4963 0.1143  0.1473  0.0833  784 SER B CA  
758 C CA  B SER B 47 ? 0.4309 0.3192 0.4711 0.1144  0.1473  0.0835  784 SER B CA  
759 C C   . SER B 47 ? 0.5322 0.3726 0.5775 0.1196  0.1605  0.0654  784 SER B C   
760 O O   . SER B 47 ? 0.5998 0.4311 0.6696 0.1345  0.1700  0.0674  784 SER B O   
761 C CB  A SER B 47 ? 0.4927 0.4065 0.5172 0.1142  0.1529  0.0687  784 SER B CB  
762 C CB  B SER B 47 ? 0.4940 0.4058 0.5186 0.1142  0.1531  0.0683  784 SER B CB  
763 O OG  A SER B 47 ? 0.5328 0.4198 0.5279 0.1089  0.1611  0.0397  784 SER B OG  
764 O OG  B SER B 47 ? 0.4632 0.3625 0.5017 0.1309  0.1727  0.0569  784 SER B OG  
765 N N   . ASN B 48 ? 0.5631 0.3780 0.5877 0.1029  0.1565  0.0459  785 ASN B N   
766 C CA  . ASN B 48 ? 0.6486 0.4144 0.6804 0.1048  0.1662  0.0270  785 ASN B CA  
767 C C   . ASN B 48 ? 0.7896 0.5385 0.8505 0.1046  0.1642  0.0486  785 ASN B C   
768 O O   . ASN B 48 ? 0.8670 0.5953 0.9463 0.1125  0.1704  0.0444  785 ASN B O   
769 C CB  . ASN B 48 ? 0.6431 0.3897 0.6489 0.0847  0.1573  -0.0017 785 ASN B CB  
770 C CG  . ASN B 48 ? 0.7853 0.5309 0.7553 0.0869  0.1608  -0.0303 785 ASN B CG  
771 O OD1 . ASN B 48 ? 0.7982 0.5504 0.7669 0.1025  0.1748  -0.0327 785 ASN B OD1 
772 N ND2 . ASN B 48 ? 0.8173 0.5597 0.7585 0.0698  0.1457  -0.0505 785 ASN B ND2 
773 N N   . HIS B 49 ? 0.8228 0.5834 0.8842 0.0938  0.1550  0.0710  786 HIS B N   
774 C CA  . HIS B 49 ? 0.8640 0.6134 0.9432 0.0896  0.1525  0.0907  786 HIS B CA  
775 C C   . HIS B 49 ? 0.8685 0.6260 0.9673 0.1087  0.1531  0.1098  786 HIS B C   
776 O O   . HIS B 49 ? 0.9009 0.6310 1.0178 0.1163  0.1599  0.1035  786 HIS B O   
777 C CB  . HIS B 49 ? 0.8188 0.5883 0.8874 0.0745  0.1434  0.1095  786 HIS B CB  
778 C CG  . HIS B 49 ? 1.0269 0.7818 1.1068 0.0693  0.1435  0.1259  786 HIS B CG  
779 N ND1 . HIS B 49 ? 1.1214 0.8861 1.2035 0.0807  0.1384  0.1507  786 HIS B ND1 
780 C CD2 . HIS B 49 ? 1.1081 0.8372 1.1981 0.0540  0.1478  0.1203  786 HIS B CD2 
781 C CE1 . HIS B 49 ? 1.1640 0.9064 1.2513 0.0736  0.1412  0.1613  786 HIS B CE1 
782 N NE2 . HIS B 49 ? 1.1610 0.8831 1.2555 0.0572  0.1481  0.1436  786 HIS B NE2 
# 
